data_1BAK
#
_entry.id   1BAK
#
_cell.length_a   1.000
_cell.length_b   1.000
_cell.length_c   1.000
_cell.angle_alpha   90.00
_cell.angle_beta   90.00
_cell.angle_gamma   90.00
#
_symmetry.space_group_name_H-M   'P 1'
#
_entity_poly.entity_id   1
_entity_poly.type   'polypeptide(L)'
_entity_poly.pdbx_seq_one_letter_code
;GSHMGKDCIMHGYMSKMGNPFLTQWQRRYFYLFPNRLEWRGEGEAPQSLLTMEEIQSVEETQIKERKCLLLKIRGGKQFI
LQCDSDPELVQWKKELRDAYREAQQLVQRVPKMKNKPRS
;
_entity_poly.pdbx_strand_id   A
#
# COMPACT_ATOMS: atom_id res chain seq x y z
N GLY A 1 8.34 24.08 -0.40
CA GLY A 1 8.39 25.28 0.42
C GLY A 1 7.10 26.10 0.27
N SER A 2 6.02 25.53 0.77
CA SER A 2 4.72 26.19 0.70
C SER A 2 4.47 26.70 -0.72
N HIS A 3 4.08 25.78 -1.59
CA HIS A 3 3.81 26.12 -2.97
C HIS A 3 2.68 25.23 -3.51
N MET A 4 2.94 23.93 -3.50
CA MET A 4 1.95 22.98 -3.98
C MET A 4 2.24 21.58 -3.43
N GLY A 5 1.22 20.96 -2.88
CA GLY A 5 1.35 19.62 -2.32
C GLY A 5 0.27 18.69 -2.87
N LYS A 6 0.07 17.60 -2.16
CA LYS A 6 -0.92 16.61 -2.57
C LYS A 6 -1.35 15.79 -1.35
N ASP A 7 -2.53 16.11 -0.84
CA ASP A 7 -3.05 15.41 0.32
C ASP A 7 -3.63 14.06 -0.13
N CYS A 8 -4.94 13.97 -0.13
CA CYS A 8 -5.61 12.74 -0.52
C CYS A 8 -5.44 12.57 -2.03
N ILE A 9 -4.58 11.63 -2.38
CA ILE A 9 -4.31 11.36 -3.80
C ILE A 9 -5.44 10.49 -4.35
N MET A 10 -5.58 9.31 -3.77
CA MET A 10 -6.61 8.37 -4.20
C MET A 10 -7.34 7.77 -3.01
N HIS A 11 -8.66 7.78 -3.09
CA HIS A 11 -9.49 7.23 -2.03
C HIS A 11 -10.70 6.52 -2.62
N GLY A 12 -11.25 5.60 -1.85
CA GLY A 12 -12.40 4.84 -2.29
C GLY A 12 -12.40 3.43 -1.70
N TYR A 13 -13.11 2.54 -2.36
CA TYR A 13 -13.20 1.16 -1.91
C TYR A 13 -12.06 0.32 -2.50
N MET A 14 -11.35 -0.36 -1.62
CA MET A 14 -10.24 -1.21 -2.03
C MET A 14 -10.17 -2.48 -1.20
N SER A 15 -10.22 -3.61 -1.89
CA SER A 15 -10.16 -4.90 -1.22
C SER A 15 -8.71 -5.39 -1.14
N LYS A 16 -8.29 -5.73 0.07
CA LYS A 16 -6.95 -6.22 0.28
C LYS A 16 -6.92 -7.07 1.56
N MET A 17 -6.20 -8.19 1.47
CA MET A 17 -6.09 -9.09 2.60
C MET A 17 -5.73 -10.50 2.13
N GLY A 18 -5.60 -11.39 3.11
CA GLY A 18 -5.26 -12.78 2.82
C GLY A 18 -3.99 -12.86 1.96
N ASN A 19 -3.41 -14.05 1.94
CA ASN A 19 -2.20 -14.28 1.18
C ASN A 19 -1.92 -15.78 1.11
N PRO A 20 -1.75 -16.38 2.32
CA PRO A 20 -1.47 -17.81 2.42
C PRO A 20 -2.72 -18.64 2.14
N PHE A 21 -3.86 -18.00 2.37
CA PHE A 21 -5.15 -18.66 2.16
C PHE A 21 -6.07 -17.80 1.29
N LEU A 22 -5.84 -17.88 -0.02
CA LEU A 22 -6.63 -17.12 -0.96
C LEU A 22 -7.89 -17.91 -1.32
N THR A 23 -8.89 -17.79 -0.45
CA THR A 23 -10.15 -18.50 -0.65
C THR A 23 -11.32 -17.50 -0.68
N GLN A 24 -11.21 -16.50 0.17
CA GLN A 24 -12.24 -15.47 0.26
C GLN A 24 -11.62 -14.11 0.56
N TRP A 25 -11.81 -13.18 -0.37
CA TRP A 25 -11.28 -11.85 -0.22
C TRP A 25 -12.29 -11.02 0.56
N GLN A 26 -11.87 -9.82 0.94
CA GLN A 26 -12.73 -8.92 1.69
C GLN A 26 -12.60 -7.49 1.16
N ARG A 27 -13.75 -6.87 0.92
CA ARG A 27 -13.77 -5.52 0.42
C ARG A 27 -13.77 -4.51 1.58
N ARG A 28 -12.80 -3.63 1.55
CA ARG A 28 -12.67 -2.61 2.58
C ARG A 28 -12.33 -1.26 1.97
N TYR A 29 -12.66 -0.20 2.71
CA TYR A 29 -12.40 1.14 2.25
C TYR A 29 -11.04 1.64 2.74
N PHE A 30 -10.23 2.05 1.78
CA PHE A 30 -8.90 2.54 2.09
C PHE A 30 -8.70 3.97 1.56
N TYR A 31 -7.55 4.54 1.91
CA TYR A 31 -7.23 5.88 1.47
C TYR A 31 -5.72 6.06 1.29
N LEU A 32 -5.33 6.27 0.04
CA LEU A 32 -3.92 6.45 -0.29
C LEU A 32 -3.55 7.93 -0.14
N PHE A 33 -2.74 8.21 0.87
CA PHE A 33 -2.31 9.58 1.11
C PHE A 33 -0.92 9.84 0.54
N PRO A 34 -0.41 11.07 0.79
CA PRO A 34 0.91 11.44 0.30
C PRO A 34 2.01 10.79 1.13
N ASN A 35 1.59 10.12 2.19
CA ASN A 35 2.52 9.44 3.07
C ASN A 35 1.76 8.47 3.98
N ARG A 36 0.59 8.91 4.40
CA ARG A 36 -0.25 8.10 5.27
C ARG A 36 -1.19 7.23 4.44
N LEU A 37 -2.15 6.62 5.12
CA LEU A 37 -3.11 5.76 4.46
C LEU A 37 -4.05 5.16 5.51
N GLU A 38 -5.34 5.46 5.34
CA GLU A 38 -6.34 4.96 6.26
C GLU A 38 -6.97 3.67 5.71
N TRP A 39 -7.26 2.75 6.61
CA TRP A 39 -7.86 1.49 6.24
C TRP A 39 -9.00 1.19 7.20
N ARG A 40 -10.22 1.35 6.70
CA ARG A 40 -11.40 1.11 7.51
C ARG A 40 -12.43 0.31 6.72
N GLY A 41 -13.56 0.06 7.35
CA GLY A 41 -14.64 -0.69 6.72
C GLY A 41 -15.50 -1.40 7.77
N GLU A 42 -15.71 -2.69 7.53
CA GLU A 42 -16.51 -3.49 8.44
C GLU A 42 -15.66 -3.99 9.60
N GLY A 43 -16.33 -4.58 10.57
CA GLY A 43 -15.64 -5.10 11.75
C GLY A 43 -15.40 -4.00 12.78
N GLU A 44 -14.16 -3.94 13.25
CA GLU A 44 -13.79 -2.93 14.23
C GLU A 44 -12.30 -3.06 14.57
N ALA A 45 -11.78 -2.01 15.20
CA ALA A 45 -10.38 -1.98 15.59
C ALA A 45 -10.10 -0.71 16.38
N PRO A 46 -9.02 -0.78 17.22
CA PRO A 46 -8.64 0.35 18.03
C PRO A 46 -7.96 1.43 17.19
N GLN A 47 -7.26 0.98 16.15
CA GLN A 47 -6.57 1.89 15.26
C GLN A 47 -6.39 1.25 13.88
N SER A 48 -6.30 2.11 12.87
CA SER A 48 -6.13 1.65 11.51
C SER A 48 -5.44 2.73 10.67
N LEU A 49 -4.32 3.20 11.18
CA LEU A 49 -3.56 4.24 10.50
C LEU A 49 -2.19 3.69 10.10
N LEU A 50 -1.84 3.88 8.84
CA LEU A 50 -0.57 3.41 8.33
C LEU A 50 0.02 4.46 7.39
N THR A 51 1.22 4.18 6.91
CA THR A 51 1.90 5.09 6.01
C THR A 51 2.27 4.37 4.71
N MET A 52 3.24 4.95 4.00
CA MET A 52 3.69 4.38 2.75
C MET A 52 5.22 4.29 2.70
N GLU A 53 5.79 3.95 3.84
CA GLU A 53 7.23 3.83 3.95
C GLU A 53 7.61 2.45 4.49
N GLU A 54 7.19 1.43 3.76
CA GLU A 54 7.48 0.06 4.15
C GLU A 54 7.39 -0.88 2.94
N ILE A 55 6.25 -0.81 2.27
CA ILE A 55 6.03 -1.64 1.09
C ILE A 55 7.36 -1.92 0.41
N GLN A 56 7.53 -3.16 0.00
CA GLN A 56 8.76 -3.58 -0.67
C GLN A 56 8.63 -3.37 -2.18
N SER A 57 7.45 -3.69 -2.69
CA SER A 57 7.18 -3.54 -4.12
C SER A 57 5.71 -3.83 -4.40
N VAL A 58 5.12 -2.96 -5.21
CA VAL A 58 3.72 -3.10 -5.57
C VAL A 58 3.62 -3.56 -7.03
N GLU A 59 2.75 -4.53 -7.25
CA GLU A 59 2.55 -5.06 -8.58
C GLU A 59 1.22 -5.82 -8.66
N GLU A 60 0.83 -6.15 -9.88
CA GLU A 60 -0.41 -6.86 -10.11
C GLU A 60 -0.13 -8.20 -10.81
N THR A 61 -0.96 -9.18 -10.48
CA THR A 61 -0.83 -10.50 -11.07
C THR A 61 -1.95 -10.76 -12.08
N GLN A 62 -1.72 -11.74 -12.94
CA GLN A 62 -2.70 -12.10 -13.94
C GLN A 62 -2.95 -13.61 -13.93
N ILE A 63 -3.99 -14.01 -14.63
CA ILE A 63 -4.36 -15.42 -14.71
C ILE A 63 -5.01 -15.69 -16.06
N LYS A 64 -4.17 -15.99 -17.04
CA LYS A 64 -4.65 -16.28 -18.38
C LYS A 64 -4.92 -14.96 -19.11
N GLU A 65 -5.35 -13.96 -18.35
CA GLU A 65 -5.65 -12.66 -18.91
C GLU A 65 -5.55 -11.58 -17.83
N ARG A 66 -6.21 -11.83 -16.72
CA ARG A 66 -6.20 -10.89 -15.61
C ARG A 66 -6.50 -11.63 -14.30
N LYS A 67 -5.82 -11.19 -13.25
CA LYS A 67 -6.00 -11.80 -11.93
C LYS A 67 -6.37 -10.71 -10.93
N CYS A 68 -5.36 -10.26 -10.18
CA CYS A 68 -5.57 -9.22 -9.20
C CYS A 68 -4.24 -8.51 -8.96
N LEU A 69 -4.30 -7.47 -8.13
CA LEU A 69 -3.11 -6.70 -7.81
C LEU A 69 -2.41 -7.31 -6.59
N LEU A 70 -1.18 -6.87 -6.37
CA LEU A 70 -0.41 -7.36 -5.24
C LEU A 70 0.20 -6.19 -4.49
N LEU A 71 0.56 -6.44 -3.24
CA LEU A 71 1.16 -5.41 -2.41
C LEU A 71 2.00 -6.07 -1.32
N LYS A 72 3.26 -6.29 -1.65
CA LYS A 72 4.19 -6.90 -0.71
C LYS A 72 4.88 -5.82 0.12
N ILE A 73 5.00 -6.09 1.41
CA ILE A 73 5.63 -5.15 2.31
C ILE A 73 7.06 -5.62 2.62
N ARG A 74 7.95 -4.66 2.76
CA ARG A 74 9.33 -4.97 3.06
C ARG A 74 9.50 -5.28 4.55
N GLY A 75 8.37 -5.28 5.25
CA GLY A 75 8.38 -5.56 6.68
C GLY A 75 8.36 -7.06 6.94
N GLY A 76 7.81 -7.79 5.97
CA GLY A 76 7.73 -9.24 6.08
C GLY A 76 6.28 -9.71 5.90
N LYS A 77 5.39 -8.75 5.71
CA LYS A 77 3.99 -9.05 5.52
C LYS A 77 3.64 -8.92 4.04
N GLN A 78 2.49 -9.49 3.68
CA GLN A 78 2.04 -9.45 2.31
C GLN A 78 0.52 -9.25 2.26
N PHE A 79 0.06 -8.66 1.17
CA PHE A 79 -1.36 -8.41 0.98
C PHE A 79 -1.77 -8.64 -0.47
N ILE A 80 -3.00 -9.12 -0.64
CA ILE A 80 -3.53 -9.39 -1.97
C ILE A 80 -4.54 -8.31 -2.33
N LEU A 81 -4.17 -7.49 -3.32
CA LEU A 81 -5.04 -6.43 -3.77
C LEU A 81 -6.06 -6.98 -4.76
N GLN A 82 -7.30 -6.53 -4.60
CA GLN A 82 -8.38 -6.98 -5.47
C GLN A 82 -9.51 -5.95 -5.48
N CYS A 83 -10.02 -5.70 -6.67
CA CYS A 83 -11.11 -4.75 -6.83
C CYS A 83 -11.84 -5.06 -8.12
N ASP A 84 -13.07 -4.55 -8.22
CA ASP A 84 -13.88 -4.77 -9.41
C ASP A 84 -13.47 -3.78 -10.49
N SER A 85 -12.83 -2.70 -10.06
CA SER A 85 -12.38 -1.68 -10.98
C SER A 85 -10.99 -2.01 -11.50
N ASP A 86 -10.81 -1.80 -12.81
CA ASP A 86 -9.53 -2.07 -13.44
C ASP A 86 -8.59 -0.88 -13.22
N PRO A 87 -9.17 0.34 -13.36
CA PRO A 87 -8.40 1.56 -13.18
C PRO A 87 -8.12 1.82 -11.69
N GLU A 88 -9.19 1.85 -10.92
CA GLU A 88 -9.09 2.09 -9.49
C GLU A 88 -7.72 1.63 -8.99
N LEU A 89 -7.61 0.32 -8.78
CA LEU A 89 -6.36 -0.25 -8.29
C LEU A 89 -5.20 0.27 -9.12
N VAL A 90 -5.40 0.26 -10.44
CA VAL A 90 -4.38 0.73 -11.36
C VAL A 90 -3.84 2.08 -10.86
N GLN A 91 -4.75 3.03 -10.73
CA GLN A 91 -4.38 4.35 -10.26
C GLN A 91 -3.79 4.28 -8.85
N TRP A 92 -4.43 3.46 -8.02
CA TRP A 92 -3.99 3.30 -6.65
C TRP A 92 -2.51 2.92 -6.67
N LYS A 93 -2.18 1.97 -7.51
CA LYS A 93 -0.80 1.51 -7.64
C LYS A 93 0.09 2.70 -8.01
N LYS A 94 -0.19 3.26 -9.18
CA LYS A 94 0.57 4.40 -9.66
C LYS A 94 0.92 5.31 -8.48
N GLU A 95 -0.13 5.76 -7.79
CA GLU A 95 0.06 6.64 -6.65
C GLU A 95 0.71 5.87 -5.49
N LEU A 96 0.38 4.59 -5.42
CA LEU A 96 0.92 3.74 -4.37
C LEU A 96 2.43 3.57 -4.59
N ARG A 97 2.77 2.97 -5.73
CA ARG A 97 4.16 2.75 -6.06
C ARG A 97 5.02 3.93 -5.62
N ASP A 98 4.63 5.11 -6.10
CA ASP A 98 5.36 6.32 -5.77
C ASP A 98 5.34 6.52 -4.25
N ALA A 99 4.17 6.33 -3.67
CA ALA A 99 4.01 6.48 -2.23
C ALA A 99 5.12 5.70 -1.51
N TYR A 100 5.25 4.44 -1.90
CA TYR A 100 6.26 3.58 -1.31
C TYR A 100 7.65 3.97 -1.79
N ARG A 101 7.74 4.31 -3.07
CA ARG A 101 9.00 4.71 -3.66
C ARG A 101 9.55 5.96 -2.97
N GLU A 102 8.80 7.05 -3.12
CA GLU A 102 9.19 8.32 -2.52
C GLU A 102 9.67 8.09 -1.08
N ALA A 103 8.82 7.46 -0.30
CA ALA A 103 9.13 7.18 1.09
C ALA A 103 10.54 6.59 1.18
N GLN A 104 10.87 5.76 0.21
CA GLN A 104 12.18 5.13 0.16
C GLN A 104 13.25 6.18 -0.16
N GLN A 105 13.20 6.67 -1.38
CA GLN A 105 14.16 7.66 -1.83
C GLN A 105 14.23 8.82 -0.83
N LEU A 106 13.17 8.94 -0.05
CA LEU A 106 13.09 10.00 0.95
C LEU A 106 13.76 9.52 2.24
N VAL A 107 13.73 8.21 2.43
CA VAL A 107 14.33 7.61 3.61
C VAL A 107 15.62 6.88 3.22
N GLN A 108 16.07 7.17 2.01
CA GLN A 108 17.29 6.55 1.51
C GLN A 108 18.49 6.98 2.36
N ARG A 109 18.71 8.28 2.39
CA ARG A 109 19.82 8.83 3.15
C ARG A 109 19.59 8.64 4.66
N VAL A 110 19.58 7.38 5.05
CA VAL A 110 19.35 7.04 6.46
C VAL A 110 20.65 6.47 7.05
N PRO A 111 21.28 7.28 7.94
CA PRO A 111 22.52 6.87 8.59
C PRO A 111 22.25 5.83 9.67
N LYS A 112 22.97 4.71 9.56
CA LYS A 112 22.82 3.63 10.52
C LYS A 112 23.76 3.87 11.70
N MET A 113 23.42 4.87 12.50
CA MET A 113 24.22 5.22 13.66
C MET A 113 25.63 5.63 13.24
N LYS A 114 25.77 6.90 12.90
CA LYS A 114 27.06 7.44 12.50
C LYS A 114 27.13 8.92 12.86
N ASN A 115 26.24 9.68 12.24
CA ASN A 115 26.20 11.12 12.49
C ASN A 115 27.36 11.80 11.74
N LYS A 116 28.57 11.35 12.07
CA LYS A 116 29.76 11.91 11.45
C LYS A 116 29.68 13.43 11.48
N PRO A 117 30.24 14.02 12.57
CA PRO A 117 30.25 15.47 12.74
C PRO A 117 31.27 16.11 11.80
N ARG A 118 31.10 15.87 10.51
CA ARG A 118 31.99 16.44 9.51
C ARG A 118 33.41 15.89 9.71
N SER A 119 34.16 15.86 8.62
CA SER A 119 35.53 15.36 8.66
C SER A 119 36.18 15.53 7.29
N GLY A 1 13.12 22.19 -9.77
CA GLY A 1 13.50 21.55 -8.51
C GLY A 1 12.59 20.35 -8.23
N SER A 2 11.55 20.60 -7.44
CA SER A 2 10.61 19.55 -7.08
C SER A 2 9.21 20.14 -6.87
N HIS A 3 8.22 19.28 -6.98
CA HIS A 3 6.84 19.71 -6.82
C HIS A 3 6.35 19.30 -5.42
N MET A 4 5.14 19.77 -5.09
CA MET A 4 4.56 19.47 -3.81
C MET A 4 3.12 18.97 -3.97
N GLY A 5 2.61 18.37 -2.90
CA GLY A 5 1.25 17.85 -2.91
C GLY A 5 0.41 18.49 -1.81
N LYS A 6 -0.47 17.68 -1.23
CA LYS A 6 -1.33 18.15 -0.16
C LYS A 6 -1.27 17.18 1.02
N ASP A 7 -2.34 16.42 1.17
CA ASP A 7 -2.42 15.45 2.25
C ASP A 7 -3.35 14.30 1.83
N CYS A 8 -3.49 14.15 0.52
CA CYS A 8 -4.34 13.11 -0.03
C CYS A 8 -4.11 13.04 -1.53
N ILE A 9 -3.84 11.82 -2.00
CA ILE A 9 -3.59 11.61 -3.42
C ILE A 9 -4.85 11.02 -4.07
N MET A 10 -5.28 9.88 -3.53
CA MET A 10 -6.46 9.21 -4.04
C MET A 10 -7.20 8.48 -2.92
N HIS A 11 -8.51 8.36 -3.09
CA HIS A 11 -9.34 7.69 -2.10
C HIS A 11 -10.55 7.06 -2.78
N GLY A 12 -11.04 5.99 -2.18
CA GLY A 12 -12.18 5.28 -2.73
C GLY A 12 -12.34 3.91 -2.07
N TYR A 13 -13.12 3.06 -2.72
CA TYR A 13 -13.37 1.72 -2.22
C TYR A 13 -12.41 0.71 -2.83
N MET A 14 -11.73 -0.03 -1.97
CA MET A 14 -10.78 -1.02 -2.41
C MET A 14 -10.79 -2.24 -1.50
N SER A 15 -10.51 -3.40 -2.08
CA SER A 15 -10.48 -4.64 -1.34
C SER A 15 -9.05 -5.18 -1.27
N LYS A 16 -8.66 -5.57 -0.07
CA LYS A 16 -7.33 -6.11 0.15
C LYS A 16 -7.31 -6.91 1.46
N MET A 17 -6.49 -7.95 1.46
CA MET A 17 -6.38 -8.80 2.64
C MET A 17 -5.10 -9.64 2.58
N GLY A 18 -4.82 -10.32 3.68
CA GLY A 18 -3.64 -11.16 3.77
C GLY A 18 -3.68 -12.03 5.01
N ASN A 19 -3.55 -13.34 4.80
CA ASN A 19 -3.57 -14.29 5.89
C ASN A 19 -3.07 -15.64 5.39
N PRO A 20 -3.07 -16.63 6.32
CA PRO A 20 -2.62 -17.98 5.99
C PRO A 20 -3.66 -18.71 5.15
N PHE A 21 -4.60 -17.94 4.63
CA PHE A 21 -5.66 -18.51 3.81
C PHE A 21 -6.01 -17.59 2.64
N LEU A 22 -5.28 -17.74 1.55
CA LEU A 22 -5.51 -16.94 0.37
C LEU A 22 -6.62 -17.55 -0.47
N THR A 23 -7.85 -17.24 -0.10
CA THR A 23 -9.00 -17.76 -0.80
C THR A 23 -10.22 -16.87 -0.57
N GLN A 24 -10.12 -16.04 0.47
CA GLN A 24 -11.20 -15.14 0.81
C GLN A 24 -10.83 -13.70 0.44
N TRP A 25 -11.86 -12.90 0.19
CA TRP A 25 -11.66 -11.52 -0.17
C TRP A 25 -12.72 -10.68 0.55
N GLN A 26 -12.28 -9.53 1.04
CA GLN A 26 -13.19 -8.64 1.75
C GLN A 26 -13.12 -7.22 1.15
N ARG A 27 -14.29 -6.63 0.97
CA ARG A 27 -14.37 -5.29 0.41
C ARG A 27 -14.48 -4.26 1.54
N ARG A 28 -13.49 -3.38 1.57
CA ARG A 28 -13.46 -2.33 2.58
C ARG A 28 -13.03 -1.00 1.96
N TYR A 29 -13.18 0.06 2.74
CA TYR A 29 -12.82 1.39 2.28
C TYR A 29 -11.36 1.70 2.61
N PHE A 30 -10.63 2.12 1.58
CA PHE A 30 -9.22 2.44 1.75
C PHE A 30 -8.97 3.92 1.43
N TYR A 31 -7.76 4.36 1.76
CA TYR A 31 -7.38 5.74 1.50
C TYR A 31 -5.86 5.86 1.32
N LEU A 32 -5.46 6.14 0.08
CA LEU A 32 -4.05 6.28 -0.23
C LEU A 32 -3.64 7.74 -0.02
N PHE A 33 -2.75 7.94 0.93
CA PHE A 33 -2.25 9.27 1.23
C PHE A 33 -0.85 9.47 0.70
N PRO A 34 -0.31 10.71 0.92
CA PRO A 34 1.03 11.05 0.46
C PRO A 34 2.09 10.39 1.35
N ASN A 35 1.62 9.69 2.36
CA ASN A 35 2.50 9.01 3.29
C ASN A 35 1.71 8.00 4.11
N ARG A 36 0.53 8.43 4.53
CA ARG A 36 -0.34 7.56 5.32
C ARG A 36 -1.28 6.78 4.41
N LEU A 37 -2.21 6.07 5.04
CA LEU A 37 -3.17 5.27 4.30
C LEU A 37 -4.09 4.55 5.29
N GLU A 38 -5.37 4.89 5.21
CA GLU A 38 -6.36 4.29 6.09
C GLU A 38 -7.03 3.10 5.40
N TRP A 39 -7.29 2.07 6.19
CA TRP A 39 -7.92 0.87 5.67
C TRP A 39 -8.91 0.36 6.72
N ARG A 40 -10.16 0.75 6.55
CA ARG A 40 -11.21 0.34 7.47
C ARG A 40 -12.48 -0.02 6.71
N GLY A 41 -13.54 -0.28 7.47
CA GLY A 41 -14.81 -0.64 6.89
C GLY A 41 -15.90 -0.77 7.96
N GLU A 42 -17.08 -1.20 7.51
CA GLU A 42 -18.19 -1.38 8.42
C GLU A 42 -17.91 -2.52 9.40
N GLY A 43 -18.84 -2.72 10.31
CA GLY A 43 -18.71 -3.77 11.31
C GLY A 43 -18.06 -3.25 12.58
N GLU A 44 -16.78 -3.56 12.74
CA GLU A 44 -16.03 -3.13 13.91
C GLU A 44 -14.56 -3.52 13.78
N ALA A 45 -13.70 -2.67 14.31
CA ALA A 45 -12.27 -2.92 14.27
C ALA A 45 -11.52 -1.75 14.89
N PRO A 46 -10.25 -2.01 15.28
CA PRO A 46 -9.43 -0.99 15.91
C PRO A 46 -8.93 0.01 14.86
N GLN A 47 -7.92 0.77 15.25
CA GLN A 47 -7.33 1.77 14.37
C GLN A 47 -6.30 1.12 13.45
N SER A 48 -6.55 1.23 12.15
CA SER A 48 -5.65 0.66 11.17
C SER A 48 -5.24 1.74 10.15
N LEU A 49 -4.16 2.44 10.47
CA LEU A 49 -3.67 3.49 9.60
C LEU A 49 -2.14 3.41 9.53
N LEU A 50 -1.64 2.96 8.40
CA LEU A 50 -0.21 2.83 8.20
C LEU A 50 0.26 3.91 7.22
N THR A 51 1.54 3.84 6.88
CA THR A 51 2.12 4.79 5.95
C THR A 51 2.55 4.09 4.66
N MET A 52 3.41 4.77 3.91
CA MET A 52 3.89 4.22 2.65
C MET A 52 5.42 4.16 2.64
N GLU A 53 5.98 3.81 3.79
CA GLU A 53 7.43 3.71 3.91
C GLU A 53 7.82 2.34 4.44
N GLU A 54 7.42 1.32 3.69
CA GLU A 54 7.73 -0.05 4.08
C GLU A 54 7.64 -0.97 2.85
N ILE A 55 6.50 -0.91 2.19
CA ILE A 55 6.28 -1.73 1.00
C ILE A 55 7.61 -1.92 0.27
N GLN A 56 7.81 -3.15 -0.21
CA GLN A 56 9.02 -3.48 -0.92
C GLN A 56 8.83 -3.29 -2.43
N SER A 57 7.63 -3.63 -2.89
CA SER A 57 7.31 -3.49 -4.29
C SER A 57 5.83 -3.82 -4.53
N VAL A 58 5.19 -2.98 -5.32
CA VAL A 58 3.78 -3.16 -5.62
C VAL A 58 3.62 -3.60 -7.09
N GLU A 59 2.72 -4.55 -7.30
CA GLU A 59 2.48 -5.06 -8.63
C GLU A 59 1.10 -5.72 -8.70
N GLU A 60 0.91 -6.51 -9.75
CA GLU A 60 -0.36 -7.20 -9.94
C GLU A 60 -0.12 -8.61 -10.48
N THR A 61 -1.00 -9.51 -10.08
CA THR A 61 -0.89 -10.90 -10.49
C THR A 61 -2.05 -11.26 -11.44
N GLN A 62 -1.86 -12.37 -12.14
CA GLN A 62 -2.88 -12.83 -13.08
C GLN A 62 -3.20 -14.31 -12.82
N ILE A 63 -4.31 -14.75 -13.40
CA ILE A 63 -4.73 -16.12 -13.25
C ILE A 63 -5.48 -16.58 -14.51
N LYS A 64 -4.70 -16.99 -15.50
CA LYS A 64 -5.28 -17.44 -16.75
C LYS A 64 -5.60 -16.23 -17.63
N GLU A 65 -5.97 -15.15 -16.96
CA GLU A 65 -6.31 -13.92 -17.66
C GLU A 65 -6.14 -12.71 -16.73
N ARG A 66 -6.70 -12.85 -15.53
CA ARG A 66 -6.62 -11.79 -14.55
C ARG A 66 -6.77 -12.36 -13.14
N LYS A 67 -5.97 -11.84 -12.23
CA LYS A 67 -6.01 -12.29 -10.85
C LYS A 67 -6.36 -11.10 -9.94
N CYS A 68 -5.33 -10.51 -9.36
CA CYS A 68 -5.52 -9.37 -8.47
C CYS A 68 -4.23 -8.57 -8.43
N LEU A 69 -4.19 -7.61 -7.52
CA LEU A 69 -3.02 -6.76 -7.37
C LEU A 69 -2.15 -7.30 -6.23
N LEU A 70 -0.84 -7.12 -6.38
CA LEU A 70 0.09 -7.59 -5.39
C LEU A 70 0.57 -6.40 -4.55
N LEU A 71 1.03 -6.71 -3.34
CA LEU A 71 1.52 -5.68 -2.44
C LEU A 71 2.41 -6.32 -1.38
N LYS A 72 3.67 -6.49 -1.74
CA LYS A 72 4.64 -7.09 -0.83
C LYS A 72 5.30 -5.99 0.01
N ILE A 73 5.42 -6.26 1.29
CA ILE A 73 6.03 -5.30 2.20
C ILE A 73 7.50 -5.69 2.44
N ARG A 74 8.33 -4.67 2.57
CA ARG A 74 9.75 -4.89 2.79
C ARG A 74 10.01 -5.24 4.26
N GLY A 75 8.92 -5.35 5.01
CA GLY A 75 9.01 -5.68 6.42
C GLY A 75 9.04 -7.20 6.63
N GLY A 76 8.39 -7.90 5.70
CA GLY A 76 8.33 -9.35 5.77
C GLY A 76 6.91 -9.86 5.55
N LYS A 77 5.99 -8.92 5.46
CA LYS A 77 4.59 -9.25 5.25
C LYS A 77 4.25 -9.07 3.76
N GLN A 78 3.09 -9.60 3.39
CA GLN A 78 2.64 -9.50 2.01
C GLN A 78 1.13 -9.23 1.97
N PHE A 79 0.75 -8.41 1.01
CA PHE A 79 -0.65 -8.05 0.84
C PHE A 79 -1.08 -8.17 -0.62
N ILE A 80 -2.38 -8.29 -0.82
CA ILE A 80 -2.93 -8.42 -2.16
C ILE A 80 -4.19 -7.55 -2.28
N LEU A 81 -4.18 -6.68 -3.27
CA LEU A 81 -5.31 -5.79 -3.49
C LEU A 81 -6.25 -6.43 -4.52
N GLN A 82 -7.53 -6.08 -4.40
CA GLN A 82 -8.53 -6.60 -5.30
C GLN A 82 -9.72 -5.64 -5.38
N CYS A 83 -9.91 -5.09 -6.58
CA CYS A 83 -11.01 -4.17 -6.80
C CYS A 83 -11.82 -4.66 -8.00
N ASP A 84 -13.06 -4.18 -8.07
CA ASP A 84 -13.94 -4.56 -9.17
C ASP A 84 -13.57 -3.76 -10.42
N SER A 85 -12.92 -2.63 -10.19
CA SER A 85 -12.51 -1.77 -11.28
C SER A 85 -11.11 -2.16 -11.76
N ASP A 86 -10.83 -1.81 -13.00
CA ASP A 86 -9.53 -2.12 -13.59
C ASP A 86 -8.58 -0.94 -13.35
N PRO A 87 -9.13 0.29 -13.51
CA PRO A 87 -8.35 1.50 -13.31
C PRO A 87 -8.11 1.77 -11.82
N GLU A 88 -9.20 1.84 -11.09
CA GLU A 88 -9.13 2.08 -9.65
C GLU A 88 -7.75 1.67 -9.12
N LEU A 89 -7.62 0.38 -8.84
CA LEU A 89 -6.38 -0.15 -8.32
C LEU A 89 -5.21 0.36 -9.18
N VAL A 90 -5.40 0.27 -10.48
CA VAL A 90 -4.38 0.72 -11.42
C VAL A 90 -3.86 2.10 -10.98
N GLN A 91 -4.80 3.04 -10.87
CA GLN A 91 -4.45 4.39 -10.46
C GLN A 91 -3.90 4.39 -9.03
N TRP A 92 -4.54 3.60 -8.19
CA TRP A 92 -4.13 3.51 -6.80
C TRP A 92 -2.65 3.15 -6.77
N LYS A 93 -2.28 2.18 -7.59
CA LYS A 93 -0.90 1.73 -7.67
C LYS A 93 -0.01 2.93 -8.01
N LYS A 94 -0.29 3.54 -9.14
CA LYS A 94 0.48 4.70 -9.58
C LYS A 94 0.81 5.58 -8.38
N GLU A 95 -0.24 5.95 -7.66
CA GLU A 95 -0.07 6.79 -6.48
C GLU A 95 0.61 6.01 -5.36
N LEU A 96 0.29 4.72 -5.30
CA LEU A 96 0.86 3.85 -4.29
C LEU A 96 2.36 3.71 -4.52
N ARG A 97 2.69 3.20 -5.69
CA ARG A 97 4.09 3.01 -6.06
C ARG A 97 4.93 4.19 -5.58
N ASP A 98 4.47 5.38 -5.95
CA ASP A 98 5.17 6.60 -5.56
C ASP A 98 5.20 6.71 -4.04
N ALA A 99 4.07 6.38 -3.43
CA ALA A 99 3.94 6.44 -1.98
C ALA A 99 5.08 5.63 -1.35
N TYR A 100 5.18 4.38 -1.78
CA TYR A 100 6.21 3.49 -1.27
C TYR A 100 7.59 3.96 -1.72
N ARG A 101 7.63 4.59 -2.87
CA ARG A 101 8.88 5.08 -3.43
C ARG A 101 9.32 6.35 -2.71
N GLU A 102 8.58 7.43 -2.96
CA GLU A 102 8.87 8.71 -2.34
C GLU A 102 9.37 8.50 -0.90
N ALA A 103 8.83 7.47 -0.27
CA ALA A 103 9.21 7.16 1.09
C ALA A 103 10.55 6.42 1.10
N GLN A 104 10.62 5.38 0.28
CA GLN A 104 11.84 4.60 0.17
C GLN A 104 13.05 5.52 -0.01
N GLN A 105 12.85 6.55 -0.83
CA GLN A 105 13.91 7.49 -1.10
C GLN A 105 14.33 8.22 0.17
N LEU A 106 13.47 8.12 1.18
CA LEU A 106 13.74 8.74 2.46
C LEU A 106 14.54 7.78 3.34
N VAL A 107 14.25 6.50 3.19
CA VAL A 107 14.94 5.48 3.96
C VAL A 107 15.93 4.76 3.06
N GLN A 108 16.25 5.40 1.94
CA GLN A 108 17.20 4.83 1.00
C GLN A 108 18.63 5.17 1.41
N ARG A 109 18.91 5.00 2.70
CA ARG A 109 20.23 5.27 3.23
C ARG A 109 21.13 4.05 3.08
N VAL A 110 20.67 3.11 2.27
CA VAL A 110 21.42 1.89 2.04
C VAL A 110 22.51 2.16 1.01
N PRO A 111 23.79 2.05 1.48
CA PRO A 111 24.93 2.28 0.61
C PRO A 111 25.14 1.09 -0.33
N LYS A 112 26.19 1.21 -1.15
CA LYS A 112 26.50 0.17 -2.10
C LYS A 112 27.67 -0.67 -1.56
N MET A 113 28.59 0.02 -0.89
CA MET A 113 29.75 -0.65 -0.31
C MET A 113 30.41 0.23 0.75
N LYS A 114 29.61 0.60 1.74
CA LYS A 114 30.12 1.43 2.82
C LYS A 114 29.07 1.50 3.93
N ASN A 115 28.78 0.34 4.51
CA ASN A 115 27.80 0.25 5.58
C ASN A 115 28.53 0.30 6.93
N LYS A 116 29.11 1.46 7.22
CA LYS A 116 29.83 1.64 8.47
C LYS A 116 28.84 1.62 9.63
N PRO A 117 29.34 1.10 10.79
CA PRO A 117 28.50 1.01 11.98
C PRO A 117 28.32 2.38 12.62
N ARG A 118 27.83 3.32 11.82
CA ARG A 118 27.60 4.67 12.31
C ARG A 118 28.90 5.25 12.88
N SER A 119 28.88 6.56 13.10
CA SER A 119 30.03 7.25 13.64
C SER A 119 30.18 6.94 15.12
N GLY A 1 13.81 12.90 8.52
CA GLY A 1 14.25 13.43 7.24
C GLY A 1 13.05 13.76 6.34
N SER A 2 12.32 14.79 6.75
CA SER A 2 11.15 15.22 5.99
C SER A 2 10.08 14.13 6.04
N HIS A 3 8.94 14.49 6.62
CA HIS A 3 7.83 13.56 6.73
C HIS A 3 6.61 14.28 7.35
N MET A 4 6.02 15.14 6.53
CA MET A 4 4.86 15.90 6.98
C MET A 4 3.98 16.30 5.79
N GLY A 5 2.69 16.40 6.06
CA GLY A 5 1.74 16.79 5.03
C GLY A 5 0.31 16.39 5.42
N LYS A 6 -0.64 16.93 4.69
CA LYS A 6 -2.04 16.65 4.94
C LYS A 6 -2.85 16.80 3.66
N ASP A 7 -2.62 15.86 2.75
CA ASP A 7 -3.31 15.88 1.46
C ASP A 7 -3.36 14.45 0.91
N CYS A 8 -4.57 13.89 0.93
CA CYS A 8 -4.77 12.54 0.43
C CYS A 8 -4.59 12.57 -1.09
N ILE A 9 -3.97 11.51 -1.59
CA ILE A 9 -3.73 11.39 -3.02
C ILE A 9 -4.98 10.80 -3.69
N MET A 10 -5.40 9.65 -3.18
CA MET A 10 -6.57 8.98 -3.73
C MET A 10 -7.43 8.38 -2.61
N HIS A 11 -8.67 8.08 -2.96
CA HIS A 11 -9.59 7.50 -1.99
C HIS A 11 -10.68 6.72 -2.73
N GLY A 12 -11.52 6.05 -1.95
CA GLY A 12 -12.60 5.26 -2.52
C GLY A 12 -12.65 3.87 -1.89
N TYR A 13 -13.34 2.97 -2.58
CA TYR A 13 -13.46 1.60 -2.10
C TYR A 13 -12.35 0.72 -2.64
N MET A 14 -11.68 0.03 -1.72
CA MET A 14 -10.59 -0.85 -2.08
C MET A 14 -10.57 -2.11 -1.20
N SER A 15 -10.46 -3.24 -1.85
CA SER A 15 -10.43 -4.52 -1.13
C SER A 15 -9.01 -5.08 -1.14
N LYS A 16 -8.62 -5.64 0.00
CA LYS A 16 -7.30 -6.21 0.15
C LYS A 16 -7.30 -7.18 1.33
N MET A 17 -6.34 -8.11 1.30
CA MET A 17 -6.22 -9.09 2.36
C MET A 17 -5.04 -10.02 2.11
N GLY A 18 -4.79 -10.91 3.07
CA GLY A 18 -3.70 -11.84 2.96
C GLY A 18 -3.71 -12.84 4.13
N ASN A 19 -3.83 -14.11 3.79
CA ASN A 19 -3.85 -15.15 4.81
C ASN A 19 -3.62 -16.51 4.14
N PRO A 20 -3.54 -17.56 4.99
CA PRO A 20 -3.33 -18.92 4.49
C PRO A 20 -4.61 -19.48 3.86
N PHE A 21 -5.49 -18.57 3.47
CA PHE A 21 -6.74 -18.96 2.86
C PHE A 21 -7.13 -17.98 1.74
N LEU A 22 -6.63 -18.26 0.55
CA LEU A 22 -6.92 -17.41 -0.60
C LEU A 22 -8.23 -17.88 -1.25
N THR A 23 -9.32 -17.36 -0.72
CA THR A 23 -10.64 -17.71 -1.23
C THR A 23 -11.67 -16.66 -0.84
N GLN A 24 -11.40 -16.01 0.29
CA GLN A 24 -12.29 -14.97 0.79
C GLN A 24 -11.93 -13.62 0.19
N TRP A 25 -12.85 -12.68 0.34
CA TRP A 25 -12.64 -11.33 -0.19
C TRP A 25 -13.32 -10.34 0.76
N GLN A 26 -12.56 -9.34 1.15
CA GLN A 26 -13.06 -8.32 2.05
C GLN A 26 -13.02 -6.94 1.38
N ARG A 27 -14.19 -6.39 1.13
CA ARG A 27 -14.30 -5.09 0.51
C ARG A 27 -14.42 -4.00 1.57
N ARG A 28 -13.38 -3.16 1.63
CA ARG A 28 -13.37 -2.07 2.59
C ARG A 28 -12.89 -0.78 1.92
N TYR A 29 -13.12 0.33 2.61
CA TYR A 29 -12.72 1.62 2.10
C TYR A 29 -11.30 1.97 2.53
N PHE A 30 -10.50 2.35 1.55
CA PHE A 30 -9.11 2.72 1.81
C PHE A 30 -8.84 4.18 1.43
N TYR A 31 -7.63 4.62 1.73
CA TYR A 31 -7.24 5.98 1.43
C TYR A 31 -5.72 6.08 1.22
N LEU A 32 -5.36 6.58 0.04
CA LEU A 32 -3.95 6.73 -0.30
C LEU A 32 -3.50 8.14 0.09
N PHE A 33 -2.58 8.19 1.04
CA PHE A 33 -2.05 9.47 1.50
C PHE A 33 -0.62 9.68 1.02
N PRO A 34 -0.10 10.91 1.26
CA PRO A 34 1.24 11.25 0.85
C PRO A 34 2.28 10.59 1.77
N ASN A 35 1.79 9.71 2.62
CA ASN A 35 2.65 9.01 3.56
C ASN A 35 1.83 8.00 4.36
N ARG A 36 0.62 8.43 4.71
CA ARG A 36 -0.27 7.58 5.47
C ARG A 36 -1.11 6.70 4.54
N LEU A 37 -2.12 6.06 5.11
CA LEU A 37 -2.99 5.19 4.34
C LEU A 37 -4.05 4.59 5.27
N GLU A 38 -5.28 5.05 5.09
CA GLU A 38 -6.39 4.57 5.90
C GLU A 38 -7.05 3.36 5.22
N TRP A 39 -7.55 2.46 6.04
CA TRP A 39 -8.21 1.27 5.54
C TRP A 39 -9.28 0.86 6.56
N ARG A 40 -10.50 1.31 6.32
CA ARG A 40 -11.60 1.00 7.21
C ARG A 40 -12.86 0.67 6.40
N GLY A 41 -13.96 0.50 7.11
CA GLY A 41 -15.22 0.18 6.47
C GLY A 41 -16.38 0.20 7.48
N GLU A 42 -17.51 -0.34 7.05
CA GLU A 42 -18.67 -0.39 7.91
C GLU A 42 -18.63 -1.63 8.81
N GLY A 43 -19.64 -1.75 9.64
CA GLY A 43 -19.73 -2.88 10.55
C GLY A 43 -19.14 -2.53 11.92
N GLU A 44 -17.92 -2.99 12.14
CA GLU A 44 -17.24 -2.74 13.40
C GLU A 44 -15.80 -3.25 13.34
N ALA A 45 -14.90 -2.47 13.92
CA ALA A 45 -13.50 -2.82 13.94
C ALA A 45 -12.70 -1.68 14.58
N PRO A 46 -11.45 -2.03 15.01
CA PRO A 46 -10.58 -1.06 15.64
C PRO A 46 -9.99 -0.10 14.60
N GLN A 47 -8.93 0.58 15.00
CA GLN A 47 -8.26 1.52 14.12
C GLN A 47 -7.26 0.80 13.23
N SER A 48 -7.33 1.09 11.94
CA SER A 48 -6.44 0.48 10.98
C SER A 48 -5.88 1.54 10.03
N LEU A 49 -4.72 2.07 10.41
CA LEU A 49 -4.07 3.10 9.62
C LEU A 49 -2.56 2.86 9.62
N LEU A 50 -1.96 3.07 8.45
CA LEU A 50 -0.52 2.88 8.31
C LEU A 50 0.04 3.97 7.39
N THR A 51 1.31 3.80 7.04
CA THR A 51 1.98 4.75 6.17
C THR A 51 2.33 4.10 4.84
N MET A 52 3.17 4.79 4.08
CA MET A 52 3.60 4.29 2.78
C MET A 52 5.13 4.28 2.68
N GLU A 53 5.76 4.01 3.80
CA GLU A 53 7.21 3.97 3.85
C GLU A 53 7.69 2.61 4.39
N GLU A 54 7.33 1.56 3.68
CA GLU A 54 7.71 0.22 4.08
C GLU A 54 7.64 -0.73 2.89
N ILE A 55 6.50 -0.71 2.21
CA ILE A 55 6.29 -1.55 1.06
C ILE A 55 7.62 -1.73 0.32
N GLN A 56 7.82 -2.95 -0.19
CA GLN A 56 9.03 -3.25 -0.92
C GLN A 56 8.82 -3.05 -2.41
N SER A 57 7.64 -3.43 -2.87
CA SER A 57 7.30 -3.30 -4.28
C SER A 57 5.82 -3.67 -4.49
N VAL A 58 5.16 -2.85 -5.30
CA VAL A 58 3.75 -3.08 -5.59
C VAL A 58 3.61 -3.53 -7.05
N GLU A 59 2.69 -4.47 -7.26
CA GLU A 59 2.45 -4.99 -8.60
C GLU A 59 1.09 -5.68 -8.65
N GLU A 60 0.86 -6.38 -9.76
CA GLU A 60 -0.40 -7.08 -9.95
C GLU A 60 -0.15 -8.46 -10.55
N THR A 61 -1.02 -9.39 -10.20
CA THR A 61 -0.91 -10.76 -10.70
C THR A 61 -2.10 -11.10 -11.59
N GLN A 62 -1.94 -12.20 -12.33
CA GLN A 62 -2.99 -12.64 -13.23
C GLN A 62 -3.23 -14.14 -13.06
N ILE A 63 -4.40 -14.58 -13.52
CA ILE A 63 -4.76 -15.98 -13.43
C ILE A 63 -5.58 -16.38 -14.66
N LYS A 64 -4.86 -16.74 -15.71
CA LYS A 64 -5.50 -17.14 -16.95
C LYS A 64 -5.87 -15.89 -17.75
N GLU A 65 -6.26 -14.85 -17.02
CA GLU A 65 -6.65 -13.61 -17.65
C GLU A 65 -6.46 -12.44 -16.67
N ARG A 66 -6.98 -12.64 -15.46
CA ARG A 66 -6.87 -11.62 -14.44
C ARG A 66 -6.92 -12.26 -13.05
N LYS A 67 -6.07 -11.76 -12.17
CA LYS A 67 -5.99 -12.27 -10.82
C LYS A 67 -6.32 -11.15 -9.83
N CYS A 68 -5.28 -10.54 -9.30
CA CYS A 68 -5.44 -9.46 -8.34
C CYS A 68 -4.16 -8.63 -8.33
N LEU A 69 -4.08 -7.73 -7.36
CA LEU A 69 -2.92 -6.87 -7.22
C LEU A 69 -2.04 -7.38 -6.08
N LEU A 70 -0.74 -7.18 -6.24
CA LEU A 70 0.21 -7.62 -5.23
C LEU A 70 0.68 -6.41 -4.42
N LEU A 71 1.14 -6.70 -3.21
CA LEU A 71 1.61 -5.64 -2.33
C LEU A 71 2.58 -6.25 -1.30
N LYS A 72 3.83 -6.37 -1.70
CA LYS A 72 4.85 -6.92 -0.83
C LYS A 72 5.46 -5.80 0.00
N ILE A 73 5.69 -6.11 1.27
CA ILE A 73 6.27 -5.13 2.19
C ILE A 73 7.73 -5.49 2.44
N ARG A 74 8.54 -4.46 2.59
CA ARG A 74 9.96 -4.65 2.84
C ARG A 74 10.21 -4.99 4.30
N GLY A 75 9.11 -5.08 5.05
CA GLY A 75 9.20 -5.40 6.46
C GLY A 75 9.15 -6.91 6.69
N GLY A 76 8.63 -7.61 5.70
CA GLY A 76 8.53 -9.06 5.78
C GLY A 76 7.06 -9.51 5.76
N LYS A 77 6.30 -8.89 4.87
CA LYS A 77 4.89 -9.21 4.74
C LYS A 77 4.52 -9.23 3.26
N GLN A 78 3.30 -9.69 3.00
CA GLN A 78 2.80 -9.77 1.63
C GLN A 78 1.28 -9.59 1.60
N PHE A 79 0.85 -8.64 0.78
CA PHE A 79 -0.57 -8.36 0.65
C PHE A 79 -1.03 -8.50 -0.80
N ILE A 80 -2.34 -8.50 -0.98
CA ILE A 80 -2.92 -8.62 -2.31
C ILE A 80 -4.19 -7.79 -2.38
N LEU A 81 -4.16 -6.77 -3.23
CA LEU A 81 -5.29 -5.90 -3.40
C LEU A 81 -6.27 -6.52 -4.40
N GLN A 82 -7.53 -6.14 -4.27
CA GLN A 82 -8.57 -6.65 -5.16
C GLN A 82 -9.73 -5.67 -5.25
N CYS A 83 -10.17 -5.42 -6.47
CA CYS A 83 -11.26 -4.50 -6.71
C CYS A 83 -11.92 -4.87 -8.04
N ASP A 84 -13.14 -4.38 -8.21
CA ASP A 84 -13.88 -4.64 -9.43
C ASP A 84 -13.46 -3.65 -10.52
N SER A 85 -12.82 -2.57 -10.07
CA SER A 85 -12.36 -1.54 -10.99
C SER A 85 -10.98 -1.90 -11.53
N ASP A 86 -10.83 -1.76 -12.83
CA ASP A 86 -9.57 -2.06 -13.49
C ASP A 86 -8.60 -0.90 -13.27
N PRO A 87 -9.13 0.33 -13.42
CA PRO A 87 -8.33 1.53 -13.24
C PRO A 87 -8.05 1.78 -11.76
N GLU A 88 -9.12 1.79 -10.98
CA GLU A 88 -9.02 2.02 -9.55
C GLU A 88 -7.64 1.60 -9.05
N LEU A 89 -7.49 0.30 -8.83
CA LEU A 89 -6.23 -0.25 -8.35
C LEU A 89 -5.09 0.29 -9.22
N VAL A 90 -5.31 0.25 -10.53
CA VAL A 90 -4.31 0.72 -11.47
C VAL A 90 -3.78 2.09 -11.01
N GLN A 91 -4.71 3.03 -10.87
CA GLN A 91 -4.35 4.37 -10.43
C GLN A 91 -3.81 4.34 -9.01
N TRP A 92 -4.43 3.50 -8.19
CA TRP A 92 -4.02 3.36 -6.80
C TRP A 92 -2.55 2.97 -6.78
N LYS A 93 -2.19 2.07 -7.68
CA LYS A 93 -0.82 1.61 -7.78
C LYS A 93 0.10 2.80 -8.08
N LYS A 94 -0.20 3.47 -9.18
CA LYS A 94 0.58 4.62 -9.59
C LYS A 94 0.93 5.46 -8.36
N GLU A 95 -0.10 5.77 -7.58
CA GLU A 95 0.09 6.56 -6.38
C GLU A 95 0.72 5.71 -5.27
N LEU A 96 0.35 4.44 -5.27
CA LEU A 96 0.85 3.51 -4.28
C LEU A 96 2.36 3.33 -4.48
N ARG A 97 2.72 2.77 -5.63
CA ARG A 97 4.11 2.54 -5.96
C ARG A 97 4.95 3.76 -5.58
N ASP A 98 4.46 4.93 -5.99
CA ASP A 98 5.16 6.17 -5.71
C ASP A 98 5.16 6.40 -4.20
N ALA A 99 4.00 6.27 -3.59
CA ALA A 99 3.86 6.46 -2.17
C ALA A 99 4.98 5.71 -1.44
N TYR A 100 5.25 4.51 -1.94
CA TYR A 100 6.29 3.68 -1.34
C TYR A 100 7.68 4.11 -1.83
N ARG A 101 7.76 4.40 -3.12
CA ARG A 101 9.01 4.83 -3.72
C ARG A 101 9.41 6.21 -3.19
N GLU A 102 8.40 7.04 -3.01
CA GLU A 102 8.62 8.39 -2.51
C GLU A 102 9.10 8.35 -1.06
N ALA A 103 8.50 7.42 -0.30
CA ALA A 103 8.84 7.27 1.10
C ALA A 103 10.19 6.54 1.21
N GLN A 104 10.25 5.37 0.58
CA GLN A 104 11.45 4.57 0.60
C GLN A 104 12.67 5.43 0.25
N GLN A 105 12.52 6.23 -0.79
CA GLN A 105 13.58 7.11 -1.23
C GLN A 105 14.08 7.98 -0.07
N LEU A 106 13.23 8.08 0.95
CA LEU A 106 13.57 8.87 2.11
C LEU A 106 14.38 8.01 3.09
N VAL A 107 14.06 6.73 3.09
CA VAL A 107 14.73 5.79 3.97
C VAL A 107 15.71 4.95 3.16
N GLN A 108 15.98 5.42 1.94
CA GLN A 108 16.90 4.72 1.05
C GLN A 108 18.34 4.93 1.50
N ARG A 109 18.62 6.16 1.92
CA ARG A 109 19.95 6.50 2.37
C ARG A 109 20.17 6.03 3.81
N VAL A 110 19.17 5.33 4.32
CA VAL A 110 19.23 4.81 5.67
C VAL A 110 19.34 5.98 6.66
N PRO A 111 18.46 5.94 7.69
CA PRO A 111 18.45 6.99 8.71
C PRO A 111 19.63 6.83 9.66
N LYS A 112 19.67 7.72 10.64
CA LYS A 112 20.74 7.70 11.63
C LYS A 112 20.65 6.41 12.44
N MET A 113 19.55 6.26 13.14
CA MET A 113 19.33 5.07 13.96
C MET A 113 17.98 4.43 13.64
N LYS A 114 18.05 3.23 13.08
CA LYS A 114 16.84 2.49 12.72
C LYS A 114 17.24 1.13 12.16
N ASN A 115 16.24 0.26 12.02
CA ASN A 115 16.46 -1.06 11.50
C ASN A 115 15.16 -1.86 11.56
N LYS A 116 14.60 -1.92 12.77
CA LYS A 116 13.36 -2.64 12.99
C LYS A 116 13.57 -4.12 12.64
N PRO A 117 14.01 -4.89 13.67
CA PRO A 117 14.25 -6.32 13.48
C PRO A 117 12.94 -7.09 13.41
N ARG A 118 12.11 -6.71 12.44
CA ARG A 118 10.82 -7.36 12.27
C ARG A 118 10.16 -7.60 13.62
N SER A 119 9.37 -6.62 14.04
CA SER A 119 8.67 -6.72 15.31
C SER A 119 7.42 -7.58 15.16
N GLY A 1 6.18 30.68 -1.36
CA GLY A 1 6.45 29.76 -2.45
C GLY A 1 5.46 28.60 -2.44
N SER A 2 5.72 27.65 -1.54
CA SER A 2 4.86 26.49 -1.41
C SER A 2 4.91 25.66 -2.69
N HIS A 3 5.31 24.40 -2.53
CA HIS A 3 5.40 23.49 -3.66
C HIS A 3 5.37 22.05 -3.16
N MET A 4 4.26 21.70 -2.53
CA MET A 4 4.09 20.35 -2.01
C MET A 4 2.65 19.88 -2.17
N GLY A 5 2.44 18.60 -1.91
CA GLY A 5 1.12 18.02 -2.01
C GLY A 5 0.18 18.58 -0.94
N LYS A 6 -0.78 17.76 -0.55
CA LYS A 6 -1.75 18.15 0.47
C LYS A 6 -1.65 17.21 1.67
N ASP A 7 -2.64 16.36 1.78
CA ASP A 7 -2.68 15.39 2.88
C ASP A 7 -3.48 14.16 2.45
N CYS A 8 -3.57 13.98 1.14
CA CYS A 8 -4.29 12.86 0.59
C CYS A 8 -4.02 12.80 -0.93
N ILE A 9 -3.70 11.60 -1.39
CA ILE A 9 -3.41 11.40 -2.80
C ILE A 9 -4.67 10.91 -3.51
N MET A 10 -5.06 9.68 -3.16
CA MET A 10 -6.24 9.09 -3.75
C MET A 10 -7.11 8.40 -2.69
N HIS A 11 -8.41 8.39 -2.94
CA HIS A 11 -9.34 7.77 -2.02
C HIS A 11 -10.42 7.03 -2.80
N GLY A 12 -11.15 6.19 -2.09
CA GLY A 12 -12.22 5.43 -2.70
C GLY A 12 -12.38 4.06 -2.01
N TYR A 13 -13.09 3.17 -2.70
CA TYR A 13 -13.33 1.84 -2.17
C TYR A 13 -12.31 0.84 -2.73
N MET A 14 -11.66 0.14 -1.82
CA MET A 14 -10.67 -0.85 -2.22
C MET A 14 -10.75 -2.10 -1.34
N SER A 15 -10.74 -3.25 -1.99
CA SER A 15 -10.81 -4.51 -1.28
C SER A 15 -9.49 -5.26 -1.39
N LYS A 16 -8.96 -5.66 -0.23
CA LYS A 16 -7.70 -6.37 -0.20
C LYS A 16 -7.83 -7.56 0.76
N MET A 17 -7.15 -8.64 0.41
CA MET A 17 -7.17 -9.84 1.21
C MET A 17 -5.76 -10.35 1.49
N GLY A 18 -5.69 -11.52 2.11
CA GLY A 18 -4.42 -12.13 2.44
C GLY A 18 -3.69 -12.60 1.18
N ASN A 19 -3.39 -13.89 1.16
CA ASN A 19 -2.70 -14.47 0.03
C ASN A 19 -2.73 -16.00 0.16
N PRO A 20 -2.19 -16.49 1.31
CA PRO A 20 -2.16 -17.92 1.57
C PRO A 20 -3.54 -18.45 1.94
N PHE A 21 -4.53 -17.58 1.79
CA PHE A 21 -5.91 -17.95 2.11
C PHE A 21 -6.88 -17.39 1.07
N LEU A 22 -6.97 -18.09 -0.05
CA LEU A 22 -7.85 -17.68 -1.12
C LEU A 22 -9.23 -18.31 -0.92
N THR A 23 -10.05 -17.62 -0.14
CA THR A 23 -11.39 -18.12 0.15
C THR A 23 -12.28 -16.97 0.64
N GLN A 24 -11.71 -16.16 1.52
CA GLN A 24 -12.43 -15.03 2.08
C GLN A 24 -11.72 -13.72 1.73
N TRP A 25 -12.33 -12.98 0.81
CA TRP A 25 -11.77 -11.71 0.39
C TRP A 25 -12.35 -10.62 1.29
N GLN A 26 -11.54 -9.59 1.52
CA GLN A 26 -11.95 -8.48 2.35
C GLN A 26 -12.15 -7.22 1.49
N ARG A 27 -13.29 -6.57 1.72
CA ARG A 27 -13.61 -5.36 0.97
C ARG A 27 -13.99 -4.24 1.94
N ARG A 28 -13.26 -3.14 1.85
CA ARG A 28 -13.52 -1.99 2.70
C ARG A 28 -13.03 -0.71 2.03
N TYR A 29 -13.19 0.40 2.75
CA TYR A 29 -12.76 1.68 2.23
C TYR A 29 -11.29 1.96 2.58
N PHE A 30 -10.54 2.37 1.58
CA PHE A 30 -9.13 2.66 1.76
C PHE A 30 -8.84 4.13 1.46
N TYR A 31 -7.65 4.57 1.88
CA TYR A 31 -7.24 5.94 1.66
C TYR A 31 -5.73 6.04 1.42
N LEU A 32 -5.37 6.48 0.22
CA LEU A 32 -3.98 6.61 -0.13
C LEU A 32 -3.49 8.02 0.22
N PHE A 33 -2.56 8.08 1.15
CA PHE A 33 -2.01 9.36 1.59
C PHE A 33 -0.57 9.53 1.09
N PRO A 34 -0.02 10.75 1.35
CA PRO A 34 1.33 11.06 0.93
C PRO A 34 2.35 10.37 1.83
N ASN A 35 1.85 9.66 2.82
CA ASN A 35 2.69 8.94 3.76
C ASN A 35 1.85 7.94 4.55
N ARG A 36 0.66 8.39 4.93
CA ARG A 36 -0.24 7.55 5.69
C ARG A 36 -1.15 6.75 4.75
N LEU A 37 -2.17 6.15 5.33
CA LEU A 37 -3.11 5.35 4.55
C LEU A 37 -4.13 4.71 5.50
N GLU A 38 -5.37 5.15 5.37
CA GLU A 38 -6.44 4.63 6.21
C GLU A 38 -7.15 3.48 5.49
N TRP A 39 -7.58 2.51 6.28
CA TRP A 39 -8.27 1.35 5.74
C TRP A 39 -9.39 0.96 6.72
N ARG A 40 -10.49 1.69 6.63
CA ARG A 40 -11.63 1.43 7.49
C ARG A 40 -12.84 1.01 6.66
N GLY A 41 -13.98 0.92 7.34
CA GLY A 41 -15.22 0.54 6.69
C GLY A 41 -16.38 0.53 7.67
N GLU A 42 -17.55 0.91 7.16
CA GLU A 42 -18.74 0.96 7.98
C GLU A 42 -19.15 -0.45 8.41
N GLY A 43 -20.08 -0.50 9.34
CA GLY A 43 -20.57 -1.78 9.85
C GLY A 43 -19.40 -2.72 10.16
N GLU A 44 -18.60 -2.31 11.14
CA GLU A 44 -17.46 -3.11 11.55
C GLU A 44 -16.71 -2.41 12.69
N ALA A 45 -15.60 -3.03 13.08
CA ALA A 45 -14.78 -2.48 14.15
C ALA A 45 -13.93 -1.33 13.60
N PRO A 46 -13.38 -0.51 14.55
CA PRO A 46 -12.54 0.61 14.17
C PRO A 46 -11.16 0.14 13.72
N GLN A 47 -10.83 0.46 12.49
CA GLN A 47 -9.54 0.08 11.93
C GLN A 47 -8.51 1.17 12.19
N SER A 48 -7.34 1.00 11.59
CA SER A 48 -6.25 1.95 11.75
C SER A 48 -5.82 2.49 10.39
N LEU A 49 -4.71 3.21 10.40
CA LEU A 49 -4.17 3.77 9.18
C LEU A 49 -2.65 3.67 9.19
N LEU A 50 -2.13 2.80 8.34
CA LEU A 50 -0.69 2.61 8.25
C LEU A 50 -0.07 3.72 7.41
N THR A 51 1.17 3.51 7.03
CA THR A 51 1.89 4.49 6.23
C THR A 51 2.27 3.88 4.87
N MET A 52 3.25 4.52 4.24
CA MET A 52 3.72 4.06 2.94
C MET A 52 5.24 4.11 2.86
N GLU A 53 5.88 3.78 3.98
CA GLU A 53 7.32 3.78 4.06
C GLU A 53 7.83 2.42 4.54
N GLU A 54 7.46 1.39 3.80
CA GLU A 54 7.87 0.04 4.14
C GLU A 54 7.77 -0.87 2.91
N ILE A 55 6.59 -0.89 2.32
CA ILE A 55 6.36 -1.72 1.14
C ILE A 55 7.66 -1.82 0.33
N GLN A 56 7.93 -3.02 -0.15
CA GLN A 56 9.13 -3.27 -0.92
C GLN A 56 8.85 -3.00 -2.41
N SER A 57 7.67 -3.39 -2.85
CA SER A 57 7.28 -3.20 -4.23
C SER A 57 5.83 -3.63 -4.43
N VAL A 58 5.09 -2.80 -5.14
CA VAL A 58 3.68 -3.08 -5.41
C VAL A 58 3.52 -3.48 -6.88
N GLU A 59 2.66 -4.47 -7.10
CA GLU A 59 2.40 -4.95 -8.45
C GLU A 59 1.06 -5.65 -8.51
N GLU A 60 0.83 -6.34 -9.63
CA GLU A 60 -0.41 -7.07 -9.82
C GLU A 60 -0.14 -8.41 -10.50
N THR A 61 -0.97 -9.39 -10.17
CA THR A 61 -0.84 -10.72 -10.73
C THR A 61 -2.05 -11.06 -11.60
N GLN A 62 -1.88 -12.10 -12.41
CA GLN A 62 -2.95 -12.53 -13.30
C GLN A 62 -3.21 -14.03 -13.12
N ILE A 63 -4.36 -14.46 -13.63
CA ILE A 63 -4.73 -15.86 -13.53
C ILE A 63 -5.57 -16.24 -14.76
N LYS A 64 -4.88 -16.55 -15.84
CA LYS A 64 -5.54 -16.94 -17.07
C LYS A 64 -5.99 -15.68 -17.81
N GLU A 65 -6.35 -14.66 -17.03
CA GLU A 65 -6.80 -13.40 -17.59
C GLU A 65 -6.59 -12.27 -16.59
N ARG A 66 -7.02 -12.52 -15.37
CA ARG A 66 -6.90 -11.53 -14.31
C ARG A 66 -6.90 -12.22 -12.94
N LYS A 67 -6.01 -11.74 -12.08
CA LYS A 67 -5.90 -12.30 -10.74
C LYS A 67 -6.22 -11.21 -9.71
N CYS A 68 -5.17 -10.62 -9.17
CA CYS A 68 -5.33 -9.56 -8.19
C CYS A 68 -4.06 -8.70 -8.19
N LEU A 69 -4.01 -7.79 -7.23
CA LEU A 69 -2.86 -6.90 -7.11
C LEU A 69 -1.98 -7.39 -5.95
N LEU A 70 -0.67 -7.36 -6.19
CA LEU A 70 0.28 -7.78 -5.19
C LEU A 70 0.71 -6.57 -4.35
N LEU A 71 1.26 -6.87 -3.18
CA LEU A 71 1.70 -5.82 -2.28
C LEU A 71 2.67 -6.42 -1.26
N LYS A 72 3.93 -6.52 -1.67
CA LYS A 72 4.95 -7.07 -0.80
C LYS A 72 5.55 -5.94 0.04
N ILE A 73 5.78 -6.25 1.32
CA ILE A 73 6.35 -5.27 2.22
C ILE A 73 7.84 -5.59 2.44
N ARG A 74 8.61 -4.53 2.61
CA ARG A 74 10.04 -4.68 2.83
C ARG A 74 10.32 -5.07 4.28
N GLY A 75 9.25 -5.25 5.03
CA GLY A 75 9.37 -5.62 6.43
C GLY A 75 9.34 -7.14 6.60
N GLY A 76 8.77 -7.81 5.61
CA GLY A 76 8.68 -9.26 5.63
C GLY A 76 7.22 -9.71 5.64
N LYS A 77 6.44 -9.12 4.75
CA LYS A 77 5.03 -9.46 4.65
C LYS A 77 4.60 -9.39 3.19
N GLN A 78 3.39 -9.90 2.93
CA GLN A 78 2.85 -9.91 1.58
C GLN A 78 1.35 -9.63 1.61
N PHE A 79 0.94 -8.69 0.77
CA PHE A 79 -0.46 -8.32 0.69
C PHE A 79 -0.97 -8.42 -0.76
N ILE A 80 -2.26 -8.71 -0.88
CA ILE A 80 -2.87 -8.83 -2.19
C ILE A 80 -4.15 -7.99 -2.23
N LEU A 81 -4.14 -7.00 -3.11
CA LEU A 81 -5.28 -6.11 -3.26
C LEU A 81 -6.21 -6.67 -4.34
N GLN A 82 -7.46 -6.21 -4.30
CA GLN A 82 -8.45 -6.64 -5.27
C GLN A 82 -9.59 -5.62 -5.36
N CYS A 83 -9.83 -5.16 -6.58
CA CYS A 83 -10.87 -4.19 -6.81
C CYS A 83 -11.73 -4.68 -7.98
N ASP A 84 -12.99 -4.25 -7.97
CA ASP A 84 -13.92 -4.64 -9.02
C ASP A 84 -13.69 -3.76 -10.25
N SER A 85 -12.93 -2.69 -10.05
CA SER A 85 -12.63 -1.78 -11.13
C SER A 85 -11.33 -2.19 -11.83
N ASP A 86 -11.11 -1.60 -12.99
CA ASP A 86 -9.92 -1.90 -13.77
C ASP A 86 -8.85 -0.86 -13.46
N PRO A 87 -9.25 0.44 -13.58
CA PRO A 87 -8.34 1.53 -13.32
C PRO A 87 -8.10 1.71 -11.81
N GLU A 88 -9.19 1.66 -11.07
CA GLU A 88 -9.12 1.81 -9.62
C GLU A 88 -7.72 1.42 -9.12
N LEU A 89 -7.46 0.12 -9.14
CA LEU A 89 -6.18 -0.40 -8.69
C LEU A 89 -5.06 0.26 -9.50
N VAL A 90 -5.21 0.18 -10.82
CA VAL A 90 -4.23 0.76 -11.71
C VAL A 90 -3.77 2.11 -11.16
N GLN A 91 -4.74 2.96 -10.89
CA GLN A 91 -4.45 4.29 -10.36
C GLN A 91 -3.95 4.18 -8.92
N TRP A 92 -4.60 3.31 -8.16
CA TRP A 92 -4.23 3.11 -6.77
C TRP A 92 -2.74 2.74 -6.73
N LYS A 93 -2.34 1.90 -7.67
CA LYS A 93 -0.96 1.47 -7.76
C LYS A 93 -0.07 2.67 -8.07
N LYS A 94 -0.38 3.32 -9.19
CA LYS A 94 0.38 4.47 -9.62
C LYS A 94 0.68 5.37 -8.40
N GLU A 95 -0.39 5.73 -7.71
CA GLU A 95 -0.27 6.57 -6.53
C GLU A 95 0.39 5.79 -5.39
N LEU A 96 0.22 4.48 -5.44
CA LEU A 96 0.79 3.61 -4.41
C LEU A 96 2.31 3.53 -4.62
N ARG A 97 2.70 3.00 -5.77
CA ARG A 97 4.11 2.85 -6.08
C ARG A 97 4.88 4.09 -5.62
N ASP A 98 4.40 5.25 -6.04
CA ASP A 98 5.03 6.50 -5.68
C ASP A 98 5.07 6.63 -4.16
N ALA A 99 3.93 6.36 -3.55
CA ALA A 99 3.83 6.43 -2.10
C ALA A 99 4.99 5.67 -1.47
N TYR A 100 5.08 4.40 -1.82
CA TYR A 100 6.15 3.55 -1.29
C TYR A 100 7.51 4.00 -1.81
N ARG A 101 7.50 4.61 -2.98
CA ARG A 101 8.72 5.10 -3.60
C ARG A 101 9.22 6.35 -2.88
N GLU A 102 8.45 7.42 -3.03
CA GLU A 102 8.81 8.69 -2.41
C GLU A 102 9.25 8.46 -0.96
N ALA A 103 8.68 7.43 -0.36
CA ALA A 103 9.01 7.09 1.02
C ALA A 103 10.39 6.44 1.06
N GLN A 104 10.69 5.68 0.02
CA GLN A 104 11.97 5.00 -0.08
C GLN A 104 13.11 5.97 0.24
N GLN A 105 13.03 7.14 -0.37
CA GLN A 105 14.04 8.16 -0.16
C GLN A 105 13.89 8.79 1.22
N LEU A 106 12.76 8.50 1.84
CA LEU A 106 12.48 9.04 3.17
C LEU A 106 13.09 8.11 4.22
N VAL A 107 13.19 6.85 3.86
CA VAL A 107 13.76 5.85 4.77
C VAL A 107 15.06 5.32 4.18
N GLN A 108 15.53 5.99 3.14
CA GLN A 108 16.76 5.60 2.48
C GLN A 108 17.93 5.67 3.45
N ARG A 109 18.15 6.85 3.99
CA ARG A 109 19.23 7.06 4.94
C ARG A 109 18.94 6.32 6.24
N VAL A 110 18.94 5.00 6.15
CA VAL A 110 18.68 4.16 7.31
C VAL A 110 19.65 2.98 7.32
N PRO A 111 20.96 3.32 7.44
CA PRO A 111 22.00 2.30 7.46
C PRO A 111 22.03 1.57 8.80
N LYS A 112 22.79 0.49 8.84
CA LYS A 112 22.91 -0.30 10.05
C LYS A 112 24.19 0.09 10.79
N MET A 113 25.31 -0.13 10.13
CA MET A 113 26.61 0.19 10.70
C MET A 113 27.72 0.10 9.66
N LYS A 114 27.54 0.85 8.57
CA LYS A 114 28.51 0.85 7.50
C LYS A 114 28.71 2.29 7.00
N ASN A 115 27.64 2.85 6.48
CA ASN A 115 27.66 4.21 5.97
C ASN A 115 28.37 4.22 4.62
N LYS A 116 29.61 3.74 4.63
CA LYS A 116 30.40 3.70 3.40
C LYS A 116 30.70 2.23 3.06
N PRO A 117 30.23 1.82 1.86
CA PRO A 117 30.45 0.45 1.40
C PRO A 117 31.89 0.25 0.95
N ARG A 118 32.44 1.29 0.33
CA ARG A 118 33.81 1.23 -0.16
C ARG A 118 34.17 2.53 -0.87
N SER A 119 35.42 2.93 -0.72
CA SER A 119 35.90 4.15 -1.35
C SER A 119 35.22 5.37 -0.72
N GLY A 1 8.31 21.29 -8.53
CA GLY A 1 8.58 22.71 -8.43
C GLY A 1 9.39 23.03 -7.17
N SER A 2 8.74 22.87 -6.03
CA SER A 2 9.39 23.13 -4.76
C SER A 2 8.42 22.84 -3.61
N HIS A 3 8.27 21.56 -3.31
CA HIS A 3 7.39 21.14 -2.23
C HIS A 3 5.94 21.47 -2.61
N MET A 4 5.14 20.42 -2.73
CA MET A 4 3.74 20.59 -3.07
C MET A 4 2.93 19.36 -2.65
N GLY A 5 1.61 19.51 -2.75
CA GLY A 5 0.71 18.43 -2.39
C GLY A 5 -0.32 18.89 -1.37
N LYS A 6 -1.07 17.93 -0.84
CA LYS A 6 -2.09 18.24 0.15
C LYS A 6 -1.93 17.30 1.34
N ASP A 7 -2.84 16.34 1.44
CA ASP A 7 -2.81 15.39 2.53
C ASP A 7 -3.52 14.10 2.10
N CYS A 8 -3.54 13.89 0.78
CA CYS A 8 -4.17 12.71 0.23
C CYS A 8 -3.83 12.64 -1.26
N ILE A 9 -3.53 11.43 -1.71
CA ILE A 9 -3.19 11.21 -3.11
C ILE A 9 -4.41 10.68 -3.85
N MET A 10 -4.81 9.47 -3.48
CA MET A 10 -5.96 8.83 -4.10
C MET A 10 -6.83 8.13 -3.06
N HIS A 11 -8.12 8.39 -3.13
CA HIS A 11 -9.07 7.80 -2.21
C HIS A 11 -10.19 7.12 -2.98
N GLY A 12 -10.90 6.23 -2.30
CA GLY A 12 -11.99 5.51 -2.91
C GLY A 12 -12.21 4.16 -2.22
N TYR A 13 -12.94 3.30 -2.92
CA TYR A 13 -13.24 1.97 -2.39
C TYR A 13 -12.22 0.94 -2.89
N MET A 14 -11.61 0.25 -1.95
CA MET A 14 -10.62 -0.76 -2.29
C MET A 14 -10.77 -2.00 -1.40
N SER A 15 -10.49 -3.15 -1.99
CA SER A 15 -10.59 -4.41 -1.26
C SER A 15 -9.20 -5.03 -1.11
N LYS A 16 -9.01 -5.69 0.03
CA LYS A 16 -7.74 -6.33 0.31
C LYS A 16 -8.00 -7.67 1.00
N MET A 17 -6.96 -8.49 1.05
CA MET A 17 -7.06 -9.80 1.67
C MET A 17 -5.73 -10.56 1.56
N GLY A 18 -5.72 -11.75 2.15
CA GLY A 18 -4.53 -12.58 2.14
C GLY A 18 -4.54 -13.59 3.28
N ASN A 19 -4.50 -14.86 2.91
CA ASN A 19 -4.51 -15.93 3.89
C ASN A 19 -4.19 -17.25 3.19
N PRO A 20 -4.17 -18.34 4.01
CA PRO A 20 -3.88 -19.67 3.49
C PRO A 20 -5.07 -20.22 2.72
N PHE A 21 -6.12 -19.40 2.62
CA PHE A 21 -7.32 -19.81 1.92
C PHE A 21 -8.03 -18.60 1.31
N LEU A 22 -7.51 -18.16 0.16
CA LEU A 22 -8.09 -17.03 -0.53
C LEU A 22 -9.32 -17.47 -1.33
N THR A 23 -10.45 -17.45 -0.66
CA THR A 23 -11.70 -17.86 -1.29
C THR A 23 -12.81 -16.87 -0.95
N GLN A 24 -12.42 -15.77 -0.31
CA GLN A 24 -13.38 -14.75 0.08
C GLN A 24 -13.02 -13.41 -0.57
N TRP A 25 -13.80 -12.39 -0.25
CA TRP A 25 -13.59 -11.07 -0.79
C TRP A 25 -14.20 -10.05 0.18
N GLN A 26 -13.35 -9.16 0.68
CA GLN A 26 -13.80 -8.15 1.60
C GLN A 26 -13.56 -6.75 1.02
N ARG A 27 -14.65 -6.07 0.70
CA ARG A 27 -14.58 -4.74 0.14
C ARG A 27 -14.71 -3.69 1.24
N ARG A 28 -13.65 -2.92 1.42
CA ARG A 28 -13.63 -1.88 2.43
C ARG A 28 -13.15 -0.56 1.82
N TYR A 29 -13.38 0.51 2.57
CA TYR A 29 -12.98 1.83 2.12
C TYR A 29 -11.54 2.15 2.55
N PHE A 30 -10.74 2.54 1.58
CA PHE A 30 -9.35 2.87 1.84
C PHE A 30 -9.01 4.29 1.36
N TYR A 31 -7.84 4.75 1.75
CA TYR A 31 -7.39 6.07 1.37
C TYR A 31 -5.87 6.11 1.17
N LEU A 32 -5.47 6.49 -0.03
CA LEU A 32 -4.05 6.57 -0.35
C LEU A 32 -3.54 7.97 -0.03
N PHE A 33 -2.67 8.04 0.98
CA PHE A 33 -2.10 9.30 1.39
C PHE A 33 -0.65 9.44 0.92
N PRO A 34 -0.10 10.66 1.09
CA PRO A 34 1.27 10.93 0.68
C PRO A 34 2.27 10.32 1.66
N ASN A 35 1.73 9.54 2.59
CA ASN A 35 2.55 8.89 3.59
C ASN A 35 1.71 7.89 4.37
N ARG A 36 0.51 8.33 4.74
CA ARG A 36 -0.40 7.48 5.49
C ARG A 36 -1.27 6.66 4.53
N LEU A 37 -2.26 6.00 5.11
CA LEU A 37 -3.17 5.17 4.33
C LEU A 37 -4.23 4.57 5.25
N GLU A 38 -5.46 5.01 5.04
CA GLU A 38 -6.57 4.52 5.84
C GLU A 38 -7.17 3.26 5.21
N TRP A 39 -7.51 2.31 6.08
CA TRP A 39 -8.09 1.07 5.62
C TRP A 39 -9.15 0.64 6.63
N ARG A 40 -10.31 1.28 6.54
CA ARG A 40 -11.41 0.98 7.43
C ARG A 40 -12.59 0.39 6.66
N GLY A 41 -13.62 0.00 7.40
CA GLY A 41 -14.80 -0.57 6.79
C GLY A 41 -15.70 -1.21 7.85
N GLU A 42 -16.44 -2.24 7.41
CA GLU A 42 -17.34 -2.94 8.30
C GLU A 42 -16.63 -4.16 8.91
N GLY A 43 -17.24 -4.70 9.95
CA GLY A 43 -16.69 -5.86 10.64
C GLY A 43 -15.18 -5.74 10.77
N GLU A 44 -14.76 -4.83 11.63
CA GLU A 44 -13.34 -4.60 11.86
C GLU A 44 -13.14 -3.53 12.94
N ALA A 45 -11.93 -3.50 13.46
CA ALA A 45 -11.59 -2.52 14.49
C ALA A 45 -11.31 -1.17 13.85
N PRO A 46 -11.46 -0.09 14.67
CA PRO A 46 -11.23 1.26 14.18
C PRO A 46 -9.73 1.54 14.04
N GLN A 47 -8.93 0.66 14.63
CA GLN A 47 -7.49 0.79 14.58
C GLN A 47 -6.94 0.15 13.30
N SER A 48 -6.88 0.93 12.25
CA SER A 48 -6.39 0.45 10.97
C SER A 48 -5.84 1.61 10.13
N LEU A 49 -4.66 2.07 10.52
CA LEU A 49 -4.03 3.17 9.82
C LEU A 49 -2.53 2.90 9.69
N LEU A 50 -2.07 2.86 8.44
CA LEU A 50 -0.66 2.61 8.17
C LEU A 50 -0.11 3.74 7.30
N THR A 51 1.14 3.57 6.90
CA THR A 51 1.81 4.55 6.06
C THR A 51 2.24 3.93 4.74
N MET A 52 3.12 4.64 4.04
CA MET A 52 3.62 4.17 2.76
C MET A 52 5.15 4.19 2.74
N GLU A 53 5.74 3.83 3.88
CA GLU A 53 7.18 3.80 4.00
C GLU A 53 7.65 2.43 4.49
N GLU A 54 7.30 1.42 3.72
CA GLU A 54 7.68 0.05 4.05
C GLU A 54 7.63 -0.84 2.81
N ILE A 55 6.46 -0.88 2.19
CA ILE A 55 6.26 -1.68 0.99
C ILE A 55 7.55 -1.67 0.18
N GLN A 56 7.87 -2.82 -0.39
CA GLN A 56 9.07 -2.96 -1.21
C GLN A 56 8.75 -2.70 -2.68
N SER A 57 7.56 -3.14 -3.07
CA SER A 57 7.11 -2.95 -4.44
C SER A 57 5.66 -3.41 -4.59
N VAL A 58 4.87 -2.56 -5.23
CA VAL A 58 3.47 -2.87 -5.44
C VAL A 58 3.24 -3.25 -6.91
N GLU A 59 2.59 -4.39 -7.09
CA GLU A 59 2.30 -4.88 -8.44
C GLU A 59 0.97 -5.62 -8.46
N GLU A 60 0.73 -6.30 -9.57
CA GLU A 60 -0.50 -7.06 -9.73
C GLU A 60 -0.22 -8.38 -10.44
N THR A 61 -1.00 -9.39 -10.06
CA THR A 61 -0.84 -10.71 -10.65
C THR A 61 -2.06 -11.07 -11.50
N GLN A 62 -1.88 -12.08 -12.33
CA GLN A 62 -2.96 -12.53 -13.21
C GLN A 62 -3.15 -14.04 -13.08
N ILE A 63 -4.32 -14.49 -13.53
CA ILE A 63 -4.64 -15.91 -13.48
C ILE A 63 -5.48 -16.29 -14.69
N LYS A 64 -4.80 -16.56 -15.78
CA LYS A 64 -5.47 -16.93 -17.02
C LYS A 64 -5.94 -15.66 -17.74
N GLU A 65 -6.32 -14.68 -16.95
CA GLU A 65 -6.79 -13.42 -17.50
C GLU A 65 -6.61 -12.30 -16.47
N ARG A 66 -7.04 -12.58 -15.25
CA ARG A 66 -6.93 -11.61 -14.18
C ARG A 66 -6.91 -12.32 -12.82
N LYS A 67 -6.02 -11.84 -11.96
CA LYS A 67 -5.89 -12.42 -10.64
C LYS A 67 -6.23 -11.36 -9.58
N CYS A 68 -5.19 -10.76 -9.04
CA CYS A 68 -5.36 -9.72 -8.03
C CYS A 68 -4.12 -8.84 -8.04
N LEU A 69 -4.09 -7.93 -7.07
CA LEU A 69 -2.97 -7.00 -6.95
C LEU A 69 -2.05 -7.47 -5.82
N LEU A 70 -0.76 -7.24 -6.01
CA LEU A 70 0.22 -7.63 -5.02
C LEU A 70 0.73 -6.38 -4.29
N LEU A 71 1.34 -6.62 -3.14
CA LEU A 71 1.87 -5.53 -2.34
C LEU A 71 2.87 -6.08 -1.32
N LYS A 72 4.07 -6.37 -1.81
CA LYS A 72 5.11 -6.90 -0.95
C LYS A 72 5.72 -5.77 -0.12
N ILE A 73 6.00 -6.08 1.14
CA ILE A 73 6.58 -5.10 2.04
C ILE A 73 8.07 -5.38 2.20
N ARG A 74 8.83 -4.30 2.34
CA ARG A 74 10.28 -4.41 2.50
C ARG A 74 10.62 -4.85 3.92
N GLY A 75 9.58 -5.08 4.71
CA GLY A 75 9.75 -5.51 6.08
C GLY A 75 9.82 -7.04 6.19
N GLY A 76 9.33 -7.68 5.14
CA GLY A 76 9.33 -9.14 5.11
C GLY A 76 7.90 -9.69 5.15
N LYS A 77 7.00 -8.93 4.55
CA LYS A 77 5.60 -9.33 4.50
C LYS A 77 5.08 -9.23 3.07
N GLN A 78 3.84 -9.64 2.89
CA GLN A 78 3.22 -9.60 1.57
C GLN A 78 1.72 -9.30 1.70
N PHE A 79 1.19 -8.68 0.67
CA PHE A 79 -0.22 -8.33 0.65
C PHE A 79 -0.83 -8.55 -0.73
N ILE A 80 -2.10 -8.92 -0.74
CA ILE A 80 -2.79 -9.16 -1.99
C ILE A 80 -4.19 -8.52 -1.92
N LEU A 81 -4.33 -7.41 -2.65
CA LEU A 81 -5.59 -6.70 -2.67
C LEU A 81 -6.15 -6.71 -4.10
N GLN A 82 -7.44 -6.44 -4.20
CA GLN A 82 -8.11 -6.42 -5.49
C GLN A 82 -9.17 -5.33 -5.52
N CYS A 83 -9.78 -5.17 -6.69
CA CYS A 83 -10.82 -4.17 -6.87
C CYS A 83 -11.71 -4.60 -8.03
N ASP A 84 -12.92 -4.08 -8.04
CA ASP A 84 -13.88 -4.39 -9.08
C ASP A 84 -13.60 -3.52 -10.31
N SER A 85 -12.94 -2.40 -10.05
CA SER A 85 -12.61 -1.46 -11.11
C SER A 85 -11.25 -1.82 -11.71
N ASP A 86 -11.06 -1.43 -12.97
CA ASP A 86 -9.82 -1.69 -13.66
C ASP A 86 -8.81 -0.59 -13.33
N PRO A 87 -9.28 0.67 -13.43
CA PRO A 87 -8.44 1.82 -13.15
C PRO A 87 -8.22 1.98 -11.63
N GLU A 88 -9.33 2.00 -10.91
CA GLU A 88 -9.28 2.13 -9.47
C GLU A 88 -7.93 1.67 -8.94
N LEU A 89 -7.82 0.36 -8.78
CA LEU A 89 -6.58 -0.23 -8.28
C LEU A 89 -5.40 0.30 -9.10
N VAL A 90 -5.57 0.29 -10.41
CA VAL A 90 -4.53 0.76 -11.31
C VAL A 90 -3.98 2.09 -10.77
N GLN A 91 -4.88 3.05 -10.60
CA GLN A 91 -4.50 4.35 -10.10
C GLN A 91 -3.97 4.25 -8.68
N TRP A 92 -4.62 3.38 -7.91
CA TRP A 92 -4.23 3.17 -6.52
C TRP A 92 -2.76 2.73 -6.50
N LYS A 93 -2.41 1.89 -7.46
CA LYS A 93 -1.06 1.39 -7.57
C LYS A 93 -0.12 2.55 -7.90
N LYS A 94 -0.39 3.19 -9.03
CA LYS A 94 0.41 4.31 -9.48
C LYS A 94 0.76 5.19 -8.27
N GLU A 95 -0.27 5.54 -7.52
CA GLU A 95 -0.10 6.38 -6.35
C GLU A 95 0.60 5.59 -5.23
N LEU A 96 0.31 4.30 -5.19
CA LEU A 96 0.90 3.42 -4.19
C LEU A 96 2.40 3.30 -4.46
N ARG A 97 2.73 2.77 -5.62
CA ARG A 97 4.12 2.59 -6.00
C ARG A 97 4.94 3.80 -5.60
N ASP A 98 4.49 4.97 -6.05
CA ASP A 98 5.18 6.21 -5.75
C ASP A 98 5.19 6.41 -4.23
N ALA A 99 4.02 6.24 -3.63
CA ALA A 99 3.88 6.40 -2.20
C ALA A 99 5.02 5.65 -1.48
N TYR A 100 5.12 4.36 -1.80
CA TYR A 100 6.14 3.53 -1.21
C TYR A 100 7.54 3.94 -1.69
N ARG A 101 7.57 4.48 -2.91
CA ARG A 101 8.82 4.92 -3.49
C ARG A 101 9.31 6.21 -2.82
N GLU A 102 8.57 7.28 -3.06
CA GLU A 102 8.90 8.57 -2.49
C GLU A 102 9.29 8.41 -1.02
N ALA A 103 8.70 7.41 -0.39
CA ALA A 103 8.96 7.14 1.01
C ALA A 103 10.37 6.56 1.16
N GLN A 104 10.73 5.72 0.20
CA GLN A 104 12.04 5.10 0.20
C GLN A 104 13.11 6.11 0.62
N GLN A 105 12.93 7.33 0.15
CA GLN A 105 13.87 8.40 0.46
C GLN A 105 13.82 8.74 1.95
N LEU A 106 12.86 8.12 2.63
CA LEU A 106 12.70 8.34 4.06
C LEU A 106 13.60 7.37 4.83
N VAL A 107 13.83 6.22 4.21
CA VAL A 107 14.67 5.20 4.82
C VAL A 107 15.89 4.95 3.93
N GLN A 108 16.08 5.85 2.98
CA GLN A 108 17.21 5.74 2.07
C GLN A 108 18.53 5.75 2.83
N ARG A 109 18.65 6.73 3.72
CA ARG A 109 19.85 6.86 4.53
C ARG A 109 19.87 5.80 5.64
N VAL A 110 20.11 4.56 5.23
CA VAL A 110 20.15 3.46 6.18
C VAL A 110 21.61 3.16 6.52
N PRO A 111 21.78 2.49 7.70
CA PRO A 111 23.12 2.14 8.15
C PRO A 111 23.66 0.94 7.37
N LYS A 112 24.89 0.55 7.71
CA LYS A 112 25.53 -0.57 7.04
C LYS A 112 26.16 -1.49 8.09
N MET A 113 25.96 -2.78 7.90
CA MET A 113 26.49 -3.77 8.82
C MET A 113 26.36 -3.30 10.27
N LYS A 114 25.24 -3.66 10.88
CA LYS A 114 24.98 -3.28 12.25
C LYS A 114 23.67 -3.94 12.71
N ASN A 115 22.59 -3.54 12.06
CA ASN A 115 21.28 -4.07 12.39
C ASN A 115 20.81 -3.48 13.72
N LYS A 116 21.61 -3.74 14.76
CA LYS A 116 21.29 -3.23 16.08
C LYS A 116 22.44 -3.57 17.04
N PRO A 117 22.52 -2.78 18.14
CA PRO A 117 23.56 -2.98 19.12
C PRO A 117 23.26 -4.21 20.00
N ARG A 118 22.00 -4.33 20.37
CA ARG A 118 21.57 -5.45 21.19
C ARG A 118 20.08 -5.32 21.52
N SER A 119 19.47 -6.46 21.81
CA SER A 119 18.05 -6.50 22.14
C SER A 119 17.87 -6.35 23.65
N GLY A 1 5.23 19.13 18.08
CA GLY A 1 6.33 19.10 17.12
C GLY A 1 6.17 17.92 16.15
N SER A 2 5.46 18.18 15.07
CA SER A 2 5.22 17.15 14.06
C SER A 2 4.43 17.73 12.89
N HIS A 3 4.55 17.08 11.75
CA HIS A 3 3.85 17.51 10.56
C HIS A 3 4.11 16.52 9.41
N MET A 4 3.06 16.23 8.68
CA MET A 4 3.15 15.30 7.57
C MET A 4 2.04 15.55 6.55
N GLY A 5 1.85 16.82 6.21
CA GLY A 5 0.83 17.19 5.26
C GLY A 5 -0.54 16.63 5.66
N LYS A 6 -1.56 17.08 4.95
CA LYS A 6 -2.91 16.62 5.22
C LYS A 6 -3.73 16.68 3.93
N ASP A 7 -3.39 15.78 3.01
CA ASP A 7 -4.09 15.71 1.74
C ASP A 7 -3.95 14.30 1.16
N CYS A 8 -5.08 13.60 1.14
CA CYS A 8 -5.10 12.24 0.62
C CYS A 8 -4.87 12.30 -0.90
N ILE A 9 -4.18 11.28 -1.39
CA ILE A 9 -3.88 11.21 -2.81
C ILE A 9 -5.06 10.56 -3.55
N MET A 10 -5.33 9.31 -3.18
CA MET A 10 -6.41 8.58 -3.79
C MET A 10 -7.29 7.91 -2.73
N HIS A 11 -8.60 8.03 -2.93
CA HIS A 11 -9.55 7.46 -2.00
C HIS A 11 -10.67 6.75 -2.78
N GLY A 12 -11.53 6.08 -2.03
CA GLY A 12 -12.64 5.36 -2.64
C GLY A 12 -12.80 3.97 -2.02
N TYR A 13 -13.70 3.20 -2.60
CA TYR A 13 -13.96 1.85 -2.13
C TYR A 13 -13.04 0.83 -2.81
N MET A 14 -12.32 0.08 -1.99
CA MET A 14 -11.41 -0.93 -2.52
C MET A 14 -11.62 -2.27 -1.81
N SER A 15 -10.63 -3.14 -1.96
CA SER A 15 -10.69 -4.46 -1.34
C SER A 15 -9.28 -5.05 -1.24
N LYS A 16 -9.03 -5.71 -0.12
CA LYS A 16 -7.73 -6.32 0.10
C LYS A 16 -7.86 -7.36 1.23
N MET A 17 -7.06 -8.40 1.12
CA MET A 17 -7.07 -9.47 2.11
C MET A 17 -5.76 -10.26 2.08
N GLY A 18 -5.67 -11.23 2.99
CA GLY A 18 -4.48 -12.06 3.08
C GLY A 18 -4.63 -13.10 4.18
N ASN A 19 -4.41 -14.35 3.81
CA ASN A 19 -4.51 -15.45 4.74
C ASN A 19 -3.98 -16.72 4.11
N PRO A 20 -4.00 -17.82 4.90
CA PRO A 20 -3.52 -19.11 4.42
C PRO A 20 -4.52 -19.74 3.45
N PHE A 21 -5.59 -19.01 3.19
CA PHE A 21 -6.63 -19.48 2.29
C PHE A 21 -7.29 -18.32 1.55
N LEU A 22 -6.64 -17.90 0.46
CA LEU A 22 -7.16 -16.80 -0.33
C LEU A 22 -8.23 -17.32 -1.29
N THR A 23 -9.43 -17.45 -0.75
CA THR A 23 -10.55 -17.95 -1.55
C THR A 23 -11.77 -17.04 -1.36
N GLN A 24 -11.58 -16.00 -0.56
CA GLN A 24 -12.66 -15.06 -0.29
C GLN A 24 -12.30 -13.67 -0.84
N TRP A 25 -13.20 -12.73 -0.60
CA TRP A 25 -12.99 -11.37 -1.06
C TRP A 25 -13.83 -10.44 -0.19
N GLN A 26 -13.15 -9.47 0.41
CA GLN A 26 -13.81 -8.50 1.26
C GLN A 26 -13.64 -7.08 0.73
N ARG A 27 -14.76 -6.44 0.47
CA ARG A 27 -14.74 -5.08 -0.05
C ARG A 27 -14.71 -4.07 1.09
N ARG A 28 -13.63 -3.29 1.13
CA ARG A 28 -13.47 -2.29 2.17
C ARG A 28 -12.96 -0.98 1.56
N TYR A 29 -13.20 0.10 2.30
CA TYR A 29 -12.78 1.42 1.85
C TYR A 29 -11.35 1.71 2.26
N PHE A 30 -10.55 2.13 1.29
CA PHE A 30 -9.16 2.45 1.54
C PHE A 30 -8.89 3.95 1.33
N TYR A 31 -7.70 4.37 1.74
CA TYR A 31 -7.31 5.76 1.61
C TYR A 31 -5.79 5.89 1.42
N LEU A 32 -5.41 6.29 0.23
CA LEU A 32 -4.00 6.46 -0.09
C LEU A 32 -3.57 7.88 0.27
N PHE A 33 -2.74 7.97 1.30
CA PHE A 33 -2.24 9.26 1.74
C PHE A 33 -0.86 9.55 1.16
N PRO A 34 -0.40 10.82 1.37
CA PRO A 34 0.90 11.24 0.87
C PRO A 34 2.03 10.65 1.71
N ASN A 35 1.65 9.72 2.59
CA ASN A 35 2.62 9.08 3.45
C ASN A 35 1.96 7.89 4.15
N ARG A 36 0.77 8.14 4.68
CA ARG A 36 0.03 7.11 5.39
C ARG A 36 -0.91 6.39 4.41
N LEU A 37 -1.77 5.56 4.99
CA LEU A 37 -2.72 4.80 4.19
C LEU A 37 -3.51 3.86 5.10
N GLU A 38 -4.80 4.14 5.21
CA GLU A 38 -5.67 3.34 6.04
C GLU A 38 -6.89 2.87 5.25
N TRP A 39 -7.68 2.00 5.87
CA TRP A 39 -8.86 1.47 5.23
C TRP A 39 -9.91 1.22 6.31
N ARG A 40 -11.01 1.96 6.22
CA ARG A 40 -12.09 1.83 7.18
C ARG A 40 -13.26 1.07 6.56
N GLY A 41 -14.22 0.72 7.41
CA GLY A 41 -15.40 0.00 6.96
C GLY A 41 -15.71 -1.17 7.88
N GLU A 42 -15.91 -2.33 7.27
CA GLU A 42 -16.21 -3.54 8.02
C GLU A 42 -15.22 -3.70 9.17
N GLY A 43 -15.50 -4.69 10.02
CA GLY A 43 -14.66 -4.97 11.16
C GLY A 43 -15.38 -4.63 12.47
N GLU A 44 -14.58 -4.28 13.47
CA GLU A 44 -15.13 -3.94 14.77
C GLU A 44 -14.05 -3.33 15.66
N ALA A 45 -13.07 -2.71 15.00
CA ALA A 45 -11.98 -2.08 15.72
C ALA A 45 -10.97 -1.53 14.71
N PRO A 46 -10.21 -0.49 15.16
CA PRO A 46 -9.21 0.13 14.31
C PRO A 46 -7.98 -0.75 14.16
N GLN A 47 -7.90 -1.44 13.03
CA GLN A 47 -6.78 -2.32 12.76
C GLN A 47 -6.47 -2.33 11.26
N SER A 48 -6.34 -1.13 10.71
CA SER A 48 -6.04 -0.99 9.29
C SER A 48 -5.37 0.36 9.03
N LEU A 49 -4.12 0.46 9.48
CA LEU A 49 -3.37 1.69 9.31
C LEU A 49 -1.92 1.34 8.94
N LEU A 50 -1.37 2.11 8.02
CA LEU A 50 -0.01 1.89 7.58
C LEU A 50 0.51 3.17 6.91
N THR A 51 1.75 3.08 6.42
CA THR A 51 2.37 4.21 5.75
C THR A 51 2.88 3.80 4.37
N MET A 52 3.93 4.49 3.94
CA MET A 52 4.52 4.21 2.64
C MET A 52 6.04 4.11 2.74
N GLU A 53 6.51 3.71 3.92
CA GLU A 53 7.93 3.58 4.16
C GLU A 53 8.27 2.16 4.63
N GLU A 54 7.82 1.20 3.83
CA GLU A 54 8.07 -0.20 4.16
C GLU A 54 7.93 -1.06 2.89
N ILE A 55 6.79 -0.92 2.23
CA ILE A 55 6.54 -1.68 1.02
C ILE A 55 7.84 -1.82 0.23
N GLN A 56 8.14 -3.06 -0.14
CA GLN A 56 9.35 -3.35 -0.89
C GLN A 56 9.09 -3.13 -2.39
N SER A 57 7.90 -3.51 -2.82
CA SER A 57 7.53 -3.36 -4.21
C SER A 57 6.07 -3.75 -4.42
N VAL A 58 5.38 -2.95 -5.22
CA VAL A 58 3.98 -3.20 -5.50
C VAL A 58 3.83 -3.81 -6.90
N GLU A 59 2.99 -4.83 -6.99
CA GLU A 59 2.76 -5.49 -8.25
C GLU A 59 1.42 -6.23 -8.22
N GLU A 60 0.89 -6.47 -9.42
CA GLU A 60 -0.38 -7.18 -9.54
C GLU A 60 -0.17 -8.56 -10.16
N THR A 61 -0.97 -9.50 -9.69
CA THR A 61 -0.89 -10.87 -10.18
C THR A 61 -2.04 -11.18 -11.12
N GLN A 62 -1.89 -12.25 -11.88
CA GLN A 62 -2.91 -12.66 -12.83
C GLN A 62 -3.25 -14.13 -12.65
N ILE A 63 -4.38 -14.53 -13.21
CA ILE A 63 -4.83 -15.91 -13.11
C ILE A 63 -5.60 -16.28 -14.38
N LYS A 64 -4.85 -16.66 -15.40
CA LYS A 64 -5.45 -17.04 -16.67
C LYS A 64 -5.76 -15.78 -17.48
N GLU A 65 -6.08 -14.72 -16.76
CA GLU A 65 -6.40 -13.45 -17.41
C GLU A 65 -6.16 -12.29 -16.43
N ARG A 66 -6.72 -12.44 -15.24
CA ARG A 66 -6.58 -11.42 -14.22
C ARG A 66 -6.79 -12.03 -12.83
N LYS A 67 -5.96 -11.58 -11.89
CA LYS A 67 -6.05 -12.07 -10.53
C LYS A 67 -6.38 -10.91 -9.60
N CYS A 68 -5.34 -10.38 -8.97
CA CYS A 68 -5.50 -9.27 -8.05
C CYS A 68 -4.16 -8.52 -7.95
N LEU A 69 -4.14 -7.51 -7.10
CA LEU A 69 -2.95 -6.72 -6.91
C LEU A 69 -2.18 -7.23 -5.68
N LEU A 70 -0.87 -7.10 -5.75
CA LEU A 70 -0.01 -7.56 -4.65
C LEU A 70 0.64 -6.35 -4.00
N LEU A 71 1.11 -6.56 -2.78
CA LEU A 71 1.77 -5.51 -2.02
C LEU A 71 2.73 -6.13 -1.02
N LYS A 72 3.95 -6.35 -1.48
CA LYS A 72 4.99 -6.93 -0.63
C LYS A 72 5.66 -5.82 0.17
N ILE A 73 5.87 -6.11 1.45
CA ILE A 73 6.51 -5.15 2.33
C ILE A 73 7.95 -5.58 2.59
N ARG A 74 8.82 -4.58 2.69
CA ARG A 74 10.23 -4.86 2.95
C ARG A 74 10.46 -5.20 4.42
N GLY A 75 9.36 -5.24 5.16
CA GLY A 75 9.43 -5.55 6.57
C GLY A 75 9.28 -7.05 6.81
N GLY A 76 8.66 -7.72 5.85
CA GLY A 76 8.45 -9.15 5.95
C GLY A 76 6.96 -9.49 5.97
N LYS A 77 6.23 -8.87 5.07
CA LYS A 77 4.80 -9.09 4.98
C LYS A 77 4.35 -8.95 3.51
N GLN A 78 3.13 -9.37 3.26
CA GLN A 78 2.57 -9.29 1.91
C GLN A 78 1.11 -8.83 1.97
N PHE A 79 0.66 -8.29 0.85
CA PHE A 79 -0.71 -7.81 0.75
C PHE A 79 -1.29 -8.10 -0.64
N ILE A 80 -2.60 -8.33 -0.66
CA ILE A 80 -3.30 -8.62 -1.89
C ILE A 80 -4.50 -7.69 -2.04
N LEU A 81 -4.35 -6.69 -2.91
CA LEU A 81 -5.42 -5.73 -3.13
C LEU A 81 -6.30 -6.23 -4.28
N GLN A 82 -7.55 -5.77 -4.26
CA GLN A 82 -8.50 -6.15 -5.28
C GLN A 82 -9.60 -5.10 -5.40
N CYS A 83 -10.08 -4.93 -6.63
CA CYS A 83 -11.13 -3.96 -6.89
C CYS A 83 -11.89 -4.40 -8.14
N ASP A 84 -13.15 -4.01 -8.20
CA ASP A 84 -14.00 -4.36 -9.32
C ASP A 84 -13.64 -3.49 -10.52
N SER A 85 -12.93 -2.41 -10.23
CA SER A 85 -12.50 -1.47 -11.26
C SER A 85 -11.11 -1.83 -11.75
N ASP A 86 -10.88 -1.60 -13.04
CA ASP A 86 -9.60 -1.89 -13.64
C ASP A 86 -8.62 -0.75 -13.34
N PRO A 87 -9.16 0.49 -13.43
CA PRO A 87 -8.35 1.68 -13.19
C PRO A 87 -8.10 1.85 -11.68
N GLU A 88 -9.19 1.90 -10.93
CA GLU A 88 -9.11 2.06 -9.49
C GLU A 88 -7.73 1.63 -8.99
N LEU A 89 -7.54 0.31 -8.93
CA LEU A 89 -6.29 -0.25 -8.46
C LEU A 89 -5.13 0.36 -9.27
N VAL A 90 -5.28 0.29 -10.59
CA VAL A 90 -4.26 0.82 -11.48
C VAL A 90 -3.80 2.18 -10.96
N GLN A 91 -4.76 3.07 -10.78
CA GLN A 91 -4.46 4.40 -10.28
C GLN A 91 -3.93 4.33 -8.85
N TRP A 92 -4.53 3.44 -8.08
CA TRP A 92 -4.12 3.25 -6.69
C TRP A 92 -2.63 2.93 -6.67
N LYS A 93 -2.23 2.01 -7.55
CA LYS A 93 -0.85 1.61 -7.63
C LYS A 93 0.02 2.85 -7.95
N LYS A 94 -0.32 3.49 -9.05
CA LYS A 94 0.41 4.68 -9.46
C LYS A 94 0.73 5.54 -8.24
N GLU A 95 -0.31 5.81 -7.46
CA GLU A 95 -0.16 6.62 -6.27
C GLU A 95 0.56 5.82 -5.17
N LEU A 96 0.33 4.52 -5.19
CA LEU A 96 0.94 3.64 -4.21
C LEU A 96 2.44 3.55 -4.49
N ARG A 97 2.77 3.02 -5.66
CA ARG A 97 4.16 2.89 -6.06
C ARG A 97 4.95 4.12 -5.66
N ASP A 98 4.42 5.28 -6.04
CA ASP A 98 5.08 6.53 -5.73
C ASP A 98 5.15 6.71 -4.21
N ALA A 99 4.00 6.58 -3.57
CA ALA A 99 3.93 6.71 -2.13
C ALA A 99 5.12 6.00 -1.49
N TYR A 100 5.28 4.73 -1.86
CA TYR A 100 6.39 3.95 -1.33
C TYR A 100 7.72 4.42 -1.88
N ARG A 101 7.74 4.71 -3.18
CA ARG A 101 8.94 5.18 -3.84
C ARG A 101 9.44 6.46 -3.17
N GLU A 102 8.63 7.50 -3.28
CA GLU A 102 8.97 8.79 -2.70
C GLU A 102 9.60 8.59 -1.32
N ALA A 103 8.89 7.86 -0.48
CA ALA A 103 9.35 7.60 0.88
C ALA A 103 10.81 7.15 0.82
N GLN A 104 11.12 6.35 -0.20
CA GLN A 104 12.46 5.84 -0.38
C GLN A 104 13.43 6.98 -0.72
N GLN A 105 13.19 7.58 -1.89
CA GLN A 105 14.02 8.69 -2.33
C GLN A 105 14.02 9.82 -1.31
N LEU A 106 13.01 9.78 -0.44
CA LEU A 106 12.88 10.78 0.60
C LEU A 106 13.67 10.35 1.83
N VAL A 107 13.75 9.04 2.01
CA VAL A 107 14.47 8.48 3.14
C VAL A 107 15.79 7.88 2.65
N GLN A 108 16.16 8.26 1.44
CA GLN A 108 17.39 7.77 0.85
C GLN A 108 18.57 8.63 1.32
N ARG A 109 18.63 8.85 2.63
CA ARG A 109 19.69 9.65 3.21
C ARG A 109 20.91 8.77 3.52
N VAL A 110 20.89 7.58 2.95
CA VAL A 110 21.98 6.64 3.15
C VAL A 110 22.39 6.03 1.82
N PRO A 111 23.64 6.34 1.40
CA PRO A 111 24.17 5.83 0.14
C PRO A 111 24.54 4.35 0.26
N LYS A 112 25.19 3.85 -0.78
CA LYS A 112 25.60 2.46 -0.80
C LYS A 112 26.65 2.24 0.29
N MET A 113 27.71 3.02 0.22
CA MET A 113 28.79 2.92 1.19
C MET A 113 28.30 3.29 2.59
N LYS A 114 29.21 3.18 3.56
CA LYS A 114 28.88 3.50 4.93
C LYS A 114 28.56 5.00 5.04
N ASN A 115 29.53 5.81 4.65
CA ASN A 115 29.35 7.25 4.70
C ASN A 115 29.45 7.73 6.16
N LYS A 116 28.58 7.18 6.99
CA LYS A 116 28.56 7.54 8.39
C LYS A 116 28.51 9.07 8.53
N PRO A 117 27.33 9.63 8.18
CA PRO A 117 27.15 11.08 8.25
C PRO A 117 26.98 11.52 9.71
N ARG A 118 27.96 11.18 10.53
CA ARG A 118 27.93 11.54 11.93
C ARG A 118 29.29 11.33 12.57
N SER A 119 29.87 12.42 13.04
CA SER A 119 31.18 12.37 13.67
C SER A 119 31.08 11.63 15.02
N GLY A 1 9.76 25.65 -4.02
CA GLY A 1 11.14 25.21 -4.15
C GLY A 1 11.21 23.70 -4.43
N SER A 2 10.79 22.93 -3.43
CA SER A 2 10.79 21.49 -3.56
C SER A 2 10.22 20.85 -2.30
N HIS A 3 8.95 20.47 -2.38
CA HIS A 3 8.28 19.85 -1.26
C HIS A 3 6.88 19.41 -1.68
N MET A 4 6.28 18.56 -0.85
CA MET A 4 4.94 18.06 -1.12
C MET A 4 3.99 18.40 0.02
N GLY A 5 2.70 18.28 -0.28
CA GLY A 5 1.67 18.57 0.72
C GLY A 5 1.50 17.40 1.68
N LYS A 6 0.46 17.50 2.50
CA LYS A 6 0.18 16.46 3.48
C LYS A 6 -1.34 16.31 3.63
N ASP A 7 -1.98 15.96 2.52
CA ASP A 7 -3.42 15.79 2.51
C ASP A 7 -3.74 14.33 2.14
N CYS A 8 -4.00 14.13 0.86
CA CYS A 8 -4.33 12.80 0.36
C CYS A 8 -3.99 12.75 -1.13
N ILE A 9 -3.65 11.55 -1.59
CA ILE A 9 -3.31 11.35 -2.99
C ILE A 9 -4.54 10.82 -3.74
N MET A 10 -5.04 9.70 -3.26
CA MET A 10 -6.21 9.08 -3.87
C MET A 10 -7.09 8.41 -2.82
N HIS A 11 -8.38 8.37 -3.11
CA HIS A 11 -9.34 7.76 -2.20
C HIS A 11 -10.45 7.08 -3.00
N GLY A 12 -10.97 6.01 -2.43
CA GLY A 12 -12.04 5.25 -3.08
C GLY A 12 -12.30 3.94 -2.35
N TYR A 13 -13.08 3.08 -3.00
CA TYR A 13 -13.41 1.80 -2.44
C TYR A 13 -12.50 0.69 -2.97
N MET A 14 -11.87 -0.02 -2.06
CA MET A 14 -10.97 -1.10 -2.42
C MET A 14 -11.29 -2.37 -1.65
N SER A 15 -10.46 -3.39 -1.87
CA SER A 15 -10.65 -4.66 -1.21
C SER A 15 -9.32 -5.41 -1.13
N LYS A 16 -8.72 -5.36 0.05
CA LYS A 16 -7.45 -6.03 0.27
C LYS A 16 -7.59 -7.04 1.40
N MET A 17 -6.66 -7.99 1.43
CA MET A 17 -6.69 -9.03 2.45
C MET A 17 -5.42 -9.88 2.39
N GLY A 18 -5.30 -10.78 3.35
CA GLY A 18 -4.14 -11.66 3.41
C GLY A 18 -4.32 -12.72 4.50
N ASN A 19 -4.27 -13.98 4.08
CA ASN A 19 -4.43 -15.09 5.00
C ASN A 19 -3.98 -16.38 4.32
N PRO A 20 -4.12 -17.51 5.06
CA PRO A 20 -3.74 -18.80 4.54
C PRO A 20 -4.77 -19.31 3.52
N PHE A 21 -5.63 -18.40 3.09
CA PHE A 21 -6.66 -18.73 2.13
C PHE A 21 -6.86 -17.60 1.12
N LEU A 22 -6.08 -17.65 0.06
CA LEU A 22 -6.15 -16.64 -0.97
C LEU A 22 -7.27 -17.00 -1.96
N THR A 23 -8.48 -16.56 -1.60
CA THR A 23 -9.65 -16.83 -2.43
C THR A 23 -10.75 -15.81 -2.14
N GLN A 24 -10.77 -15.34 -0.91
CA GLN A 24 -11.77 -14.37 -0.49
C GLN A 24 -11.20 -12.95 -0.59
N TRP A 25 -12.10 -11.98 -0.56
CA TRP A 25 -11.69 -10.58 -0.65
C TRP A 25 -12.66 -9.76 0.20
N GLN A 26 -12.10 -8.84 0.96
CA GLN A 26 -12.89 -7.99 1.82
C GLN A 26 -13.06 -6.60 1.19
N ARG A 27 -14.31 -6.26 0.92
CA ARG A 27 -14.62 -4.98 0.31
C ARG A 27 -14.71 -3.90 1.38
N ARG A 28 -13.67 -3.08 1.45
CA ARG A 28 -13.62 -2.00 2.42
C ARG A 28 -13.10 -0.72 1.77
N TYR A 29 -13.31 0.39 2.47
CA TYR A 29 -12.87 1.68 1.97
C TYR A 29 -11.43 1.97 2.39
N PHE A 30 -10.61 2.30 1.40
CA PHE A 30 -9.22 2.61 1.66
C PHE A 30 -8.91 4.08 1.37
N TYR A 31 -7.76 4.52 1.85
CA TYR A 31 -7.34 5.90 1.66
C TYR A 31 -5.83 5.99 1.46
N LEU A 32 -5.44 6.44 0.27
CA LEU A 32 -4.04 6.58 -0.05
C LEU A 32 -3.57 7.99 0.31
N PHE A 33 -2.68 8.05 1.29
CA PHE A 33 -2.15 9.33 1.75
C PHE A 33 -0.69 9.52 1.27
N PRO A 34 -0.20 10.77 1.42
CA PRO A 34 1.15 11.10 1.03
C PRO A 34 2.17 10.54 2.01
N ASN A 35 1.74 9.51 2.75
CA ASN A 35 2.61 8.87 3.73
C ASN A 35 1.79 7.82 4.49
N ARG A 36 0.61 8.22 4.91
CA ARG A 36 -0.26 7.34 5.65
C ARG A 36 -1.17 6.57 4.70
N LEU A 37 -2.10 5.81 5.29
CA LEU A 37 -3.04 5.03 4.50
C LEU A 37 -3.96 4.25 5.45
N GLU A 38 -5.24 4.52 5.32
CA GLU A 38 -6.23 3.85 6.16
C GLU A 38 -7.07 2.88 5.31
N TRP A 39 -7.65 1.91 5.99
CA TRP A 39 -8.47 0.92 5.32
C TRP A 39 -9.53 0.42 6.32
N ARG A 40 -10.75 0.89 6.12
CA ARG A 40 -11.85 0.51 6.99
C ARG A 40 -13.16 0.48 6.20
N GLY A 41 -14.26 0.32 6.94
CA GLY A 41 -15.58 0.29 6.33
C GLY A 41 -16.30 1.61 6.51
N GLU A 42 -17.47 1.53 7.12
CA GLU A 42 -18.28 2.72 7.35
C GLU A 42 -17.83 3.41 8.64
N GLY A 43 -17.58 4.71 8.52
CA GLY A 43 -17.15 5.49 9.66
C GLY A 43 -15.93 6.35 9.31
N GLU A 44 -14.97 6.35 10.23
CA GLU A 44 -13.75 7.11 10.03
C GLU A 44 -12.94 7.18 11.33
N ALA A 45 -13.08 6.12 12.12
CA ALA A 45 -12.37 6.04 13.39
C ALA A 45 -11.01 5.36 13.17
N PRO A 46 -10.06 5.68 14.09
CA PRO A 46 -8.73 5.11 14.01
C PRO A 46 -8.72 3.65 14.45
N GLN A 47 -8.18 2.80 13.59
CA GLN A 47 -8.12 1.39 13.87
C GLN A 47 -6.98 0.73 13.06
N SER A 48 -7.23 0.56 11.78
CA SER A 48 -6.25 -0.05 10.90
C SER A 48 -5.67 1.01 9.96
N LEU A 49 -4.51 1.50 10.33
CA LEU A 49 -3.83 2.52 9.54
C LEU A 49 -2.39 2.08 9.27
N LEU A 50 -1.88 2.51 8.12
CA LEU A 50 -0.52 2.17 7.75
C LEU A 50 0.05 3.28 6.87
N THR A 51 1.37 3.36 6.85
CA THR A 51 2.06 4.38 6.06
C THR A 51 2.47 3.81 4.71
N MET A 52 3.34 4.55 4.03
CA MET A 52 3.81 4.13 2.72
C MET A 52 5.34 4.13 2.67
N GLU A 53 5.94 3.81 3.80
CA GLU A 53 7.39 3.77 3.89
C GLU A 53 7.86 2.41 4.39
N GLU A 54 7.48 1.38 3.63
CA GLU A 54 7.86 0.03 3.98
C GLU A 54 7.78 -0.89 2.75
N ILE A 55 6.62 -0.83 2.10
CA ILE A 55 6.41 -1.64 0.91
C ILE A 55 7.73 -1.80 0.15
N GLN A 56 7.96 -3.02 -0.31
CA GLN A 56 9.17 -3.32 -1.04
C GLN A 56 8.95 -3.15 -2.54
N SER A 57 7.76 -3.53 -2.97
CA SER A 57 7.40 -3.42 -4.38
C SER A 57 5.93 -3.79 -4.57
N VAL A 58 5.23 -2.95 -5.33
CA VAL A 58 3.83 -3.17 -5.60
C VAL A 58 3.66 -3.68 -7.03
N GLU A 59 2.74 -4.62 -7.19
CA GLU A 59 2.48 -5.21 -8.49
C GLU A 59 1.10 -5.86 -8.51
N GLU A 60 0.83 -6.58 -9.59
CA GLU A 60 -0.44 -7.27 -9.75
C GLU A 60 -0.23 -8.64 -10.39
N THR A 61 -1.05 -9.59 -9.96
CA THR A 61 -0.97 -10.93 -10.49
C THR A 61 -2.18 -11.24 -11.37
N GLN A 62 -2.07 -12.34 -12.11
CA GLN A 62 -3.14 -12.75 -13.01
C GLN A 62 -3.46 -14.23 -12.81
N ILE A 63 -4.66 -14.60 -13.22
CA ILE A 63 -5.10 -15.98 -13.10
C ILE A 63 -5.94 -16.36 -14.32
N LYS A 64 -5.25 -16.76 -15.38
CA LYS A 64 -5.92 -17.13 -16.61
C LYS A 64 -6.25 -15.88 -17.43
N GLU A 65 -6.58 -14.82 -16.69
CA GLU A 65 -6.91 -13.55 -17.33
C GLU A 65 -6.67 -12.39 -16.36
N ARG A 66 -7.16 -12.57 -15.14
CA ARG A 66 -7.00 -11.54 -14.12
C ARG A 66 -7.05 -12.18 -12.73
N LYS A 67 -6.16 -11.70 -11.86
CA LYS A 67 -6.09 -12.22 -10.50
C LYS A 67 -6.38 -11.08 -9.52
N CYS A 68 -5.31 -10.51 -9.00
CA CYS A 68 -5.43 -9.41 -8.05
C CYS A 68 -4.13 -8.62 -8.06
N LEU A 69 -4.06 -7.63 -7.17
CA LEU A 69 -2.87 -6.79 -7.07
C LEU A 69 -2.03 -7.28 -5.88
N LEU A 70 -0.73 -7.33 -6.12
CA LEU A 70 0.20 -7.76 -5.08
C LEU A 70 0.71 -6.54 -4.31
N LEU A 71 1.20 -6.80 -3.11
CA LEU A 71 1.71 -5.74 -2.27
C LEU A 71 2.70 -6.32 -1.25
N LYS A 72 3.95 -6.41 -1.66
CA LYS A 72 4.99 -6.96 -0.80
C LYS A 72 5.64 -5.81 -0.02
N ILE A 73 5.87 -6.08 1.26
CA ILE A 73 6.49 -5.09 2.13
C ILE A 73 7.94 -5.49 2.41
N ARG A 74 8.79 -4.48 2.49
CA ARG A 74 10.20 -4.72 2.76
C ARG A 74 10.43 -4.98 4.25
N GLY A 75 9.33 -5.00 4.99
CA GLY A 75 9.39 -5.24 6.42
C GLY A 75 9.30 -6.74 6.73
N GLY A 76 8.74 -7.48 5.78
CA GLY A 76 8.59 -8.92 5.94
C GLY A 76 7.12 -9.31 5.96
N LYS A 77 6.37 -8.73 5.04
CA LYS A 77 4.95 -9.01 4.94
C LYS A 77 4.53 -8.97 3.47
N GLN A 78 3.31 -9.44 3.22
CA GLN A 78 2.78 -9.46 1.87
C GLN A 78 1.27 -9.23 1.89
N PHE A 79 0.81 -8.46 0.91
CA PHE A 79 -0.61 -8.16 0.81
C PHE A 79 -1.10 -8.32 -0.63
N ILE A 80 -2.42 -8.43 -0.77
CA ILE A 80 -3.03 -8.59 -2.08
C ILE A 80 -4.28 -7.72 -2.16
N LEU A 81 -4.20 -6.70 -3.01
CA LEU A 81 -5.33 -5.80 -3.20
C LEU A 81 -6.29 -6.37 -4.24
N GLN A 82 -7.53 -5.93 -4.18
CA GLN A 82 -8.54 -6.38 -5.10
C GLN A 82 -9.66 -5.34 -5.23
N CYS A 83 -10.14 -5.19 -6.45
CA CYS A 83 -11.19 -4.23 -6.73
C CYS A 83 -11.96 -4.70 -7.96
N ASP A 84 -13.18 -4.19 -8.09
CA ASP A 84 -14.02 -4.55 -9.22
C ASP A 84 -13.65 -3.68 -10.43
N SER A 85 -12.98 -2.58 -10.13
CA SER A 85 -12.57 -1.65 -11.18
C SER A 85 -11.17 -2.03 -11.69
N ASP A 86 -10.93 -1.71 -12.95
CA ASP A 86 -9.65 -2.00 -13.56
C ASP A 86 -8.68 -0.84 -13.30
N PRO A 87 -9.22 0.40 -13.42
CA PRO A 87 -8.42 1.59 -13.20
C PRO A 87 -8.18 1.81 -11.71
N GLU A 88 -9.27 1.95 -10.97
CA GLU A 88 -9.19 2.16 -9.54
C GLU A 88 -7.83 1.69 -9.01
N LEU A 89 -7.71 0.39 -8.86
CA LEU A 89 -6.48 -0.20 -8.36
C LEU A 89 -5.30 0.34 -9.18
N VAL A 90 -5.41 0.19 -10.49
CA VAL A 90 -4.37 0.65 -11.38
C VAL A 90 -3.87 2.02 -10.91
N GLN A 91 -4.79 2.96 -10.83
CA GLN A 91 -4.45 4.30 -10.39
C GLN A 91 -3.90 4.28 -8.98
N TRP A 92 -4.50 3.45 -8.14
CA TRP A 92 -4.08 3.32 -6.76
C TRP A 92 -2.58 3.02 -6.75
N LYS A 93 -2.19 2.04 -7.56
CA LYS A 93 -0.80 1.65 -7.66
C LYS A 93 0.05 2.89 -7.98
N LYS A 94 -0.30 3.53 -9.08
CA LYS A 94 0.42 4.73 -9.51
C LYS A 94 0.74 5.58 -8.29
N GLU A 95 -0.30 5.90 -7.54
CA GLU A 95 -0.15 6.73 -6.35
C GLU A 95 0.57 5.93 -5.26
N LEU A 96 0.37 4.62 -5.29
CA LEU A 96 1.00 3.75 -4.30
C LEU A 96 2.49 3.67 -4.59
N ARG A 97 2.82 3.13 -5.76
CA ARG A 97 4.21 2.99 -6.16
C ARG A 97 5.02 4.20 -5.69
N ASP A 98 4.56 5.38 -6.07
CA ASP A 98 5.23 6.61 -5.70
C ASP A 98 5.24 6.74 -4.17
N ALA A 99 4.09 6.42 -3.58
CA ALA A 99 3.95 6.50 -2.13
C ALA A 99 5.10 5.73 -1.48
N TYR A 100 5.32 4.52 -1.97
CA TYR A 100 6.38 3.68 -1.44
C TYR A 100 7.76 4.16 -1.93
N ARG A 101 7.79 4.57 -3.18
CA ARG A 101 9.03 5.05 -3.78
C ARG A 101 9.51 6.31 -3.05
N GLU A 102 8.69 7.35 -3.14
CA GLU A 102 9.01 8.62 -2.51
C GLU A 102 9.52 8.38 -1.08
N ALA A 103 8.71 7.66 -0.32
CA ALA A 103 9.06 7.36 1.06
C ALA A 103 10.51 6.84 1.12
N GLN A 104 10.86 6.08 0.09
CA GLN A 104 12.20 5.53 0.01
C GLN A 104 13.22 6.62 -0.32
N GLN A 105 13.10 7.16 -1.52
CA GLN A 105 14.00 8.21 -1.96
C GLN A 105 14.05 9.33 -0.93
N LEU A 106 13.01 9.38 -0.11
CA LEU A 106 12.93 10.40 0.93
C LEU A 106 13.65 9.91 2.18
N VAL A 107 13.71 8.58 2.32
CA VAL A 107 14.35 7.97 3.46
C VAL A 107 15.66 7.32 3.01
N GLN A 108 16.09 7.68 1.80
CA GLN A 108 17.30 7.14 1.24
C GLN A 108 18.52 7.90 1.77
N ARG A 109 18.34 9.21 1.90
CA ARG A 109 19.41 10.07 2.39
C ARG A 109 19.49 9.99 3.92
N VAL A 110 18.69 9.11 4.47
CA VAL A 110 18.65 8.93 5.92
C VAL A 110 18.79 10.29 6.60
N PRO A 111 17.74 11.14 6.41
CA PRO A 111 17.74 12.47 6.99
C PRO A 111 17.45 12.40 8.49
N LYS A 112 18.26 11.60 9.18
CA LYS A 112 18.10 11.45 10.61
C LYS A 112 19.47 11.15 11.24
N MET A 113 20.13 10.14 10.69
CA MET A 113 21.44 9.75 11.18
C MET A 113 22.48 9.78 10.07
N LYS A 114 23.44 10.68 10.22
CA LYS A 114 24.50 10.82 9.23
C LYS A 114 24.04 11.77 8.13
N ASN A 115 22.85 11.49 7.60
CA ASN A 115 22.29 12.31 6.55
C ASN A 115 23.09 12.10 5.26
N LYS A 116 24.36 12.43 5.33
CA LYS A 116 25.24 12.30 4.18
C LYS A 116 24.83 13.28 3.09
N PRO A 117 25.76 14.23 2.80
CA PRO A 117 25.50 15.24 1.78
C PRO A 117 25.59 14.64 0.37
N ARG A 118 24.81 13.60 0.15
CA ARG A 118 24.80 12.92 -1.14
C ARG A 118 26.23 12.71 -1.64
N SER A 119 26.34 12.30 -2.89
CA SER A 119 27.63 12.05 -3.49
C SER A 119 27.69 12.68 -4.89
N GLY A 1 11.90 12.89 8.22
CA GLY A 1 11.69 12.21 9.48
C GLY A 1 10.40 11.39 9.46
N SER A 2 9.29 12.10 9.28
CA SER A 2 7.99 11.45 9.24
C SER A 2 6.94 12.42 8.69
N HIS A 3 5.80 11.87 8.32
CA HIS A 3 4.72 12.67 7.79
C HIS A 3 5.14 13.26 6.43
N MET A 4 4.13 13.64 5.65
CA MET A 4 4.38 14.22 4.35
C MET A 4 3.23 15.15 3.92
N GLY A 5 3.40 16.42 4.26
CA GLY A 5 2.40 17.41 3.93
C GLY A 5 0.99 16.91 4.25
N LYS A 6 0.01 17.53 3.63
CA LYS A 6 -1.38 17.16 3.84
C LYS A 6 -2.14 17.28 2.52
N ASP A 7 -1.98 16.28 1.67
CA ASP A 7 -2.64 16.26 0.38
C ASP A 7 -2.92 14.82 -0.03
N CYS A 8 -4.18 14.45 0.03
CA CYS A 8 -4.59 13.10 -0.33
C CYS A 8 -4.42 12.94 -1.85
N ILE A 9 -3.92 11.79 -2.24
CA ILE A 9 -3.70 11.50 -3.65
C ILE A 9 -4.96 10.84 -4.23
N MET A 10 -5.35 9.73 -3.62
CA MET A 10 -6.53 9.02 -4.07
C MET A 10 -7.25 8.37 -2.88
N HIS A 11 -8.57 8.31 -3.00
CA HIS A 11 -9.39 7.73 -1.95
C HIS A 11 -10.64 7.09 -2.56
N GLY A 12 -11.15 6.08 -1.88
CA GLY A 12 -12.33 5.37 -2.34
C GLY A 12 -12.40 3.96 -1.76
N TYR A 13 -13.16 3.11 -2.44
CA TYR A 13 -13.31 1.74 -2.00
C TYR A 13 -12.22 0.84 -2.58
N MET A 14 -11.55 0.13 -1.69
CA MET A 14 -10.48 -0.76 -2.11
C MET A 14 -10.45 -2.02 -1.25
N SER A 15 -10.32 -3.16 -1.91
CA SER A 15 -10.27 -4.43 -1.21
C SER A 15 -8.83 -4.93 -1.13
N LYS A 16 -8.33 -4.99 0.10
CA LYS A 16 -6.97 -5.44 0.33
C LYS A 16 -6.86 -6.03 1.74
N MET A 17 -6.13 -7.13 1.83
CA MET A 17 -5.95 -7.80 3.11
C MET A 17 -5.28 -9.16 2.93
N GLY A 18 -5.44 -10.00 3.94
CA GLY A 18 -4.86 -11.33 3.90
C GLY A 18 -3.32 -11.27 3.87
N ASN A 19 -2.71 -12.18 4.61
CA ASN A 19 -1.26 -12.24 4.67
C ASN A 19 -0.82 -13.69 4.86
N PRO A 20 -1.21 -14.26 6.02
CA PRO A 20 -0.86 -15.64 6.33
C PRO A 20 -1.71 -16.62 5.52
N PHE A 21 -2.95 -16.20 5.25
CA PHE A 21 -3.87 -17.02 4.49
C PHE A 21 -4.45 -16.25 3.31
N LEU A 22 -3.68 -16.19 2.23
CA LEU A 22 -4.10 -15.48 1.03
C LEU A 22 -4.99 -16.41 0.19
N THR A 23 -6.27 -16.42 0.53
CA THR A 23 -7.22 -17.24 -0.18
C THR A 23 -8.45 -16.43 -0.57
N GLN A 24 -8.89 -15.61 0.37
CA GLN A 24 -10.06 -14.76 0.14
C GLN A 24 -9.74 -13.31 0.47
N TRP A 25 -10.42 -12.41 -0.23
CA TRP A 25 -10.22 -10.99 -0.01
C TRP A 25 -11.48 -10.43 0.62
N GLN A 26 -11.41 -9.14 0.95
CA GLN A 26 -12.54 -8.46 1.56
C GLN A 26 -12.64 -7.02 1.06
N ARG A 27 -13.87 -6.59 0.84
CA ARG A 27 -14.11 -5.24 0.36
C ARG A 27 -14.13 -4.25 1.53
N ARG A 28 -13.20 -3.31 1.48
CA ARG A 28 -13.10 -2.31 2.53
C ARG A 28 -12.72 -0.95 1.92
N TYR A 29 -12.94 0.09 2.71
CA TYR A 29 -12.62 1.44 2.27
C TYR A 29 -11.18 1.80 2.62
N PHE A 30 -10.41 2.10 1.59
CA PHE A 30 -9.01 2.48 1.78
C PHE A 30 -8.75 3.89 1.25
N TYR A 31 -7.71 4.50 1.80
CA TYR A 31 -7.35 5.85 1.41
C TYR A 31 -5.83 5.97 1.22
N LEU A 32 -5.45 6.28 -0.01
CA LEU A 32 -4.04 6.43 -0.34
C LEU A 32 -3.60 7.88 -0.09
N PHE A 33 -2.64 8.04 0.81
CA PHE A 33 -2.14 9.35 1.14
C PHE A 33 -0.71 9.53 0.63
N PRO A 34 -0.13 10.72 0.96
CA PRO A 34 1.22 11.03 0.54
C PRO A 34 2.26 10.26 1.37
N ASN A 35 1.74 9.35 2.18
CA ASN A 35 2.60 8.55 3.03
C ASN A 35 1.72 7.69 3.97
N ARG A 36 0.59 8.27 4.34
CA ARG A 36 -0.33 7.58 5.23
C ARG A 36 -1.33 6.75 4.41
N LEU A 37 -2.14 5.98 5.13
CA LEU A 37 -3.13 5.14 4.49
C LEU A 37 -4.08 4.58 5.55
N GLU A 38 -5.37 4.69 5.28
CA GLU A 38 -6.39 4.20 6.19
C GLU A 38 -7.19 3.09 5.55
N TRP A 39 -7.67 2.18 6.38
CA TRP A 39 -8.46 1.06 5.90
C TRP A 39 -9.56 0.78 6.94
N ARG A 40 -10.68 1.46 6.78
CA ARG A 40 -11.80 1.28 7.69
C ARG A 40 -12.89 0.44 7.03
N GLY A 41 -13.94 0.20 7.79
CA GLY A 41 -15.06 -0.58 7.30
C GLY A 41 -15.84 -1.21 8.46
N GLU A 42 -16.77 -2.09 8.10
CA GLU A 42 -17.59 -2.76 9.10
C GLU A 42 -16.83 -3.95 9.68
N GLY A 43 -17.35 -4.45 10.79
CA GLY A 43 -16.74 -5.58 11.47
C GLY A 43 -15.22 -5.47 11.43
N GLU A 44 -14.69 -4.66 12.33
CA GLU A 44 -13.26 -4.46 12.41
C GLU A 44 -12.91 -3.50 13.56
N ALA A 45 -11.65 -3.51 13.92
CA ALA A 45 -11.17 -2.66 15.01
C ALA A 45 -10.98 -1.23 14.48
N PRO A 46 -10.91 -0.27 15.43
CA PRO A 46 -10.72 1.13 15.08
C PRO A 46 -9.28 1.40 14.64
N GLN A 47 -8.43 0.43 14.91
CA GLN A 47 -7.02 0.55 14.56
C GLN A 47 -6.77 -0.05 13.18
N SER A 48 -6.79 0.81 12.17
CA SER A 48 -6.57 0.37 10.80
C SER A 48 -6.03 1.54 9.97
N LEU A 49 -4.74 1.81 10.16
CA LEU A 49 -4.09 2.89 9.43
C LEU A 49 -2.69 2.45 9.01
N LEU A 50 -2.54 2.19 7.72
CA LEU A 50 -1.26 1.77 7.18
C LEU A 50 -0.57 2.94 6.49
N THR A 51 0.69 2.74 6.15
CA THR A 51 1.47 3.78 5.50
C THR A 51 2.11 3.23 4.21
N MET A 52 2.88 4.09 3.57
CA MET A 52 3.55 3.72 2.34
C MET A 52 5.05 4.00 2.42
N GLU A 53 5.63 3.62 3.55
CA GLU A 53 7.05 3.82 3.77
C GLU A 53 7.72 2.51 4.19
N GLU A 54 7.35 1.45 3.48
CA GLU A 54 7.91 0.14 3.77
C GLU A 54 7.80 -0.77 2.53
N ILE A 55 6.59 -0.83 1.99
CA ILE A 55 6.33 -1.64 0.82
C ILE A 55 7.63 -1.81 0.03
N GLN A 56 7.89 -3.04 -0.36
CA GLN A 56 9.10 -3.35 -1.12
C GLN A 56 8.85 -3.14 -2.62
N SER A 57 7.65 -3.51 -3.04
CA SER A 57 7.28 -3.36 -4.44
C SER A 57 5.80 -3.75 -4.63
N VAL A 58 5.09 -2.91 -5.37
CA VAL A 58 3.69 -3.15 -5.62
C VAL A 58 3.51 -3.57 -7.10
N GLU A 59 2.63 -4.55 -7.29
CA GLU A 59 2.37 -5.05 -8.63
C GLU A 59 1.02 -5.77 -8.66
N GLU A 60 0.78 -6.48 -9.76
CA GLU A 60 -0.46 -7.20 -9.92
C GLU A 60 -0.19 -8.58 -10.53
N THR A 61 -1.02 -9.54 -10.13
CA THR A 61 -0.88 -10.90 -10.62
C THR A 61 -2.03 -11.26 -11.57
N GLN A 62 -1.82 -12.29 -12.35
CA GLN A 62 -2.83 -12.73 -13.31
C GLN A 62 -3.14 -14.22 -13.10
N ILE A 63 -4.26 -14.64 -13.65
CA ILE A 63 -4.67 -16.03 -13.53
C ILE A 63 -5.46 -16.42 -14.78
N LYS A 64 -4.73 -16.77 -15.83
CA LYS A 64 -5.35 -17.16 -17.08
C LYS A 64 -5.73 -15.92 -17.88
N GLU A 65 -6.06 -14.86 -17.14
CA GLU A 65 -6.45 -13.61 -17.76
C GLU A 65 -6.23 -12.45 -16.79
N ARG A 66 -6.74 -12.62 -15.58
CA ARG A 66 -6.62 -11.60 -14.56
C ARG A 66 -6.77 -12.22 -13.17
N LYS A 67 -5.98 -11.73 -12.23
CA LYS A 67 -6.02 -12.22 -10.87
C LYS A 67 -6.35 -11.07 -9.93
N CYS A 68 -5.31 -10.51 -9.34
CA CYS A 68 -5.48 -9.40 -8.41
C CYS A 68 -4.15 -8.63 -8.34
N LEU A 69 -4.14 -7.62 -7.49
CA LEU A 69 -2.95 -6.80 -7.32
C LEU A 69 -2.17 -7.29 -6.10
N LEU A 70 -0.86 -7.29 -6.25
CA LEU A 70 0.02 -7.74 -5.19
C LEU A 70 0.54 -6.52 -4.42
N LEU A 71 1.02 -6.79 -3.21
CA LEU A 71 1.55 -5.73 -2.36
C LEU A 71 2.50 -6.32 -1.33
N LYS A 72 3.77 -6.37 -1.71
CA LYS A 72 4.79 -6.91 -0.83
C LYS A 72 5.45 -5.78 -0.04
N ILE A 73 5.63 -6.03 1.26
CA ILE A 73 6.25 -5.03 2.11
C ILE A 73 7.71 -5.41 2.37
N ARG A 74 8.54 -4.39 2.44
CA ARG A 74 9.96 -4.59 2.68
C ARG A 74 10.22 -4.86 4.16
N GLY A 75 9.14 -4.92 4.91
CA GLY A 75 9.23 -5.16 6.35
C GLY A 75 9.21 -6.67 6.64
N GLY A 76 8.62 -7.41 5.72
CA GLY A 76 8.53 -8.85 5.87
C GLY A 76 7.07 -9.31 5.90
N LYS A 77 6.28 -8.73 5.02
CA LYS A 77 4.87 -9.06 4.94
C LYS A 77 4.44 -9.05 3.46
N GLN A 78 3.22 -9.52 3.24
CA GLN A 78 2.67 -9.57 1.89
C GLN A 78 1.17 -9.27 1.92
N PHE A 79 0.74 -8.46 0.97
CA PHE A 79 -0.67 -8.09 0.87
C PHE A 79 -1.18 -8.28 -0.56
N ILE A 80 -2.50 -8.47 -0.66
CA ILE A 80 -3.12 -8.66 -1.95
C ILE A 80 -4.33 -7.73 -2.07
N LEU A 81 -4.30 -6.91 -3.10
CA LEU A 81 -5.38 -5.97 -3.35
C LEU A 81 -6.34 -6.56 -4.37
N GLN A 82 -7.58 -6.07 -4.32
CA GLN A 82 -8.61 -6.54 -5.23
C GLN A 82 -9.72 -5.49 -5.36
N CYS A 83 -9.98 -5.11 -6.59
CA CYS A 83 -11.02 -4.11 -6.87
C CYS A 83 -11.78 -4.56 -8.13
N ASP A 84 -13.02 -4.10 -8.21
CA ASP A 84 -13.86 -4.43 -9.35
C ASP A 84 -13.50 -3.54 -10.52
N SER A 85 -12.88 -2.42 -10.19
CA SER A 85 -12.47 -1.46 -11.22
C SER A 85 -11.09 -1.84 -11.77
N ASP A 86 -10.90 -1.52 -13.04
CA ASP A 86 -9.63 -1.82 -13.70
C ASP A 86 -8.63 -0.69 -13.41
N PRO A 87 -9.13 0.57 -13.52
CA PRO A 87 -8.30 1.73 -13.27
C PRO A 87 -8.06 1.92 -11.77
N GLU A 88 -9.15 1.96 -11.03
CA GLU A 88 -9.07 2.13 -9.59
C GLU A 88 -7.71 1.65 -9.07
N LEU A 89 -7.62 0.35 -8.88
CA LEU A 89 -6.38 -0.25 -8.39
C LEU A 89 -5.21 0.29 -9.21
N VAL A 90 -5.39 0.28 -10.52
CA VAL A 90 -4.35 0.75 -11.42
C VAL A 90 -3.79 2.07 -10.89
N GLN A 91 -4.68 3.03 -10.71
CA GLN A 91 -4.29 4.34 -10.20
C GLN A 91 -3.74 4.22 -8.78
N TRP A 92 -4.42 3.42 -7.99
CA TRP A 92 -4.02 3.20 -6.61
C TRP A 92 -2.54 2.79 -6.60
N LYS A 93 -2.20 1.95 -7.57
CA LYS A 93 -0.83 1.47 -7.69
C LYS A 93 0.09 2.64 -8.01
N LYS A 94 -0.17 3.26 -9.15
CA LYS A 94 0.62 4.40 -9.59
C LYS A 94 0.95 5.28 -8.38
N GLU A 95 -0.10 5.68 -7.67
CA GLU A 95 0.06 6.52 -6.50
C GLU A 95 0.73 5.73 -5.37
N LEU A 96 0.45 4.44 -5.35
CA LEU A 96 1.02 3.56 -4.33
C LEU A 96 2.52 3.44 -4.55
N ARG A 97 2.87 2.93 -5.73
CA ARG A 97 4.27 2.75 -6.08
C ARG A 97 5.10 3.96 -5.61
N ASP A 98 4.63 5.14 -6.00
CA ASP A 98 5.31 6.36 -5.63
C ASP A 98 5.27 6.53 -4.10
N ALA A 99 4.09 6.26 -3.55
CA ALA A 99 3.89 6.37 -2.11
C ALA A 99 4.99 5.60 -1.39
N TYR A 100 5.26 4.40 -1.88
CA TYR A 100 6.29 3.56 -1.30
C TYR A 100 7.68 4.01 -1.73
N ARG A 101 7.78 4.38 -3.01
CA ARG A 101 9.04 4.83 -3.55
C ARG A 101 9.49 6.12 -2.87
N GLU A 102 8.67 7.16 -3.03
CA GLU A 102 8.98 8.44 -2.44
C GLU A 102 9.32 8.28 -0.96
N ALA A 103 8.39 7.67 -0.24
CA ALA A 103 8.57 7.44 1.19
C ALA A 103 9.98 6.90 1.44
N GLN A 104 10.44 6.10 0.49
CA GLN A 104 11.77 5.51 0.58
C GLN A 104 12.84 6.56 0.29
N GLN A 105 12.87 7.00 -0.96
CA GLN A 105 13.84 7.99 -1.38
C GLN A 105 13.79 9.20 -0.45
N LEU A 106 12.67 9.34 0.24
CA LEU A 106 12.49 10.44 1.16
C LEU A 106 13.06 10.07 2.53
N VAL A 107 13.09 8.76 2.77
CA VAL A 107 13.61 8.24 4.03
C VAL A 107 14.94 7.55 3.79
N GLN A 108 15.48 7.78 2.60
CA GLN A 108 16.76 7.18 2.23
C GLN A 108 17.90 7.82 3.03
N ARG A 109 18.23 9.05 2.66
CA ARG A 109 19.29 9.77 3.33
C ARG A 109 19.02 11.27 3.27
N VAL A 110 17.79 11.64 3.63
CA VAL A 110 17.40 13.04 3.62
C VAL A 110 17.31 13.54 5.06
N PRO A 111 17.98 14.69 5.32
CA PRO A 111 17.98 15.29 6.64
C PRO A 111 16.65 15.97 6.94
N LYS A 112 16.54 16.49 8.15
CA LYS A 112 15.33 17.17 8.57
C LYS A 112 15.25 18.55 7.90
N MET A 113 15.16 18.52 6.57
CA MET A 113 15.08 19.75 5.81
C MET A 113 16.26 20.67 6.13
N LYS A 114 17.40 20.36 5.53
CA LYS A 114 18.60 21.14 5.73
C LYS A 114 18.70 21.53 7.22
N ASN A 115 19.35 20.66 7.97
CA ASN A 115 19.52 20.89 9.40
C ASN A 115 20.69 21.86 9.62
N LYS A 116 20.57 23.03 9.02
CA LYS A 116 21.60 24.05 9.14
C LYS A 116 20.96 25.43 9.03
N PRO A 117 21.20 26.26 10.09
CA PRO A 117 20.66 27.60 10.12
C PRO A 117 21.43 28.53 9.18
N ARG A 118 22.74 28.32 9.15
CA ARG A 118 23.60 29.14 8.30
C ARG A 118 23.53 30.61 8.71
N SER A 119 24.66 31.28 8.57
CA SER A 119 24.74 32.69 8.92
C SER A 119 25.07 33.53 7.69
N GLY A 1 3.93 28.42 -9.51
CA GLY A 1 4.23 29.01 -8.22
C GLY A 1 5.46 28.37 -7.60
N SER A 2 5.29 27.86 -6.39
CA SER A 2 6.37 27.21 -5.67
C SER A 2 5.88 26.73 -4.31
N HIS A 3 6.63 25.79 -3.75
CA HIS A 3 6.29 25.24 -2.45
C HIS A 3 4.83 24.74 -2.47
N MET A 4 4.69 23.44 -2.64
CA MET A 4 3.37 22.83 -2.68
C MET A 4 3.44 21.34 -2.34
N GLY A 5 2.67 20.96 -1.33
CA GLY A 5 2.64 19.57 -0.90
C GLY A 5 1.44 18.84 -1.49
N LYS A 6 1.12 17.70 -0.90
CA LYS A 6 0.00 16.89 -1.36
C LYS A 6 -0.47 15.98 -0.21
N ASP A 7 -1.66 16.30 0.29
CA ASP A 7 -2.23 15.52 1.38
C ASP A 7 -2.80 14.21 0.82
N CYS A 8 -4.11 14.14 0.79
CA CYS A 8 -4.80 12.96 0.29
C CYS A 8 -4.50 12.83 -1.21
N ILE A 9 -3.74 11.80 -1.55
CA ILE A 9 -3.38 11.56 -2.94
C ILE A 9 -4.57 10.96 -3.68
N MET A 10 -5.06 9.85 -3.16
CA MET A 10 -6.19 9.17 -3.76
C MET A 10 -7.04 8.47 -2.69
N HIS A 11 -8.30 8.24 -3.05
CA HIS A 11 -9.22 7.58 -2.13
C HIS A 11 -10.37 6.97 -2.92
N GLY A 12 -10.97 5.94 -2.34
CA GLY A 12 -12.08 5.26 -2.98
C GLY A 12 -12.43 3.96 -2.24
N TYR A 13 -13.17 3.11 -2.93
CA TYR A 13 -13.57 1.83 -2.35
C TYR A 13 -12.82 0.67 -3.01
N MET A 14 -12.09 -0.06 -2.19
CA MET A 14 -11.32 -1.19 -2.67
C MET A 14 -11.12 -2.24 -1.57
N SER A 15 -10.93 -3.48 -2.01
CA SER A 15 -10.73 -4.57 -1.07
C SER A 15 -9.34 -5.17 -1.26
N LYS A 16 -8.99 -6.08 -0.35
CA LYS A 16 -7.70 -6.73 -0.41
C LYS A 16 -7.77 -8.06 0.34
N MET A 17 -7.13 -9.07 -0.23
CA MET A 17 -7.12 -10.39 0.37
C MET A 17 -5.69 -10.92 0.48
N GLY A 18 -5.60 -12.20 0.82
CA GLY A 18 -4.31 -12.84 0.97
C GLY A 18 -4.14 -14.00 -0.01
N ASN A 19 -4.71 -15.14 0.36
CA ASN A 19 -4.64 -16.32 -0.49
C ASN A 19 -5.60 -16.15 -1.67
N PRO A 20 -5.51 -17.13 -2.61
CA PRO A 20 -6.34 -17.10 -3.79
C PRO A 20 -7.79 -17.51 -3.45
N PHE A 21 -8.01 -17.76 -2.17
CA PHE A 21 -9.32 -18.15 -1.69
C PHE A 21 -9.61 -17.59 -0.30
N LEU A 22 -9.42 -16.28 -0.18
CA LEU A 22 -9.65 -15.60 1.09
C LEU A 22 -11.09 -15.12 1.15
N THR A 23 -11.96 -16.00 1.62
CA THR A 23 -13.37 -15.67 1.73
C THR A 23 -13.67 -15.07 3.11
N GLN A 24 -12.65 -14.49 3.71
CA GLN A 24 -12.78 -13.89 5.02
C GLN A 24 -12.49 -12.39 4.95
N TRP A 25 -12.70 -11.83 3.76
CA TRP A 25 -12.46 -10.41 3.56
C TRP A 25 -13.66 -9.83 2.83
N GLN A 26 -13.63 -8.52 2.64
CA GLN A 26 -14.72 -7.83 1.97
C GLN A 26 -14.23 -6.48 1.41
N ARG A 27 -15.14 -5.79 0.76
CA ARG A 27 -14.83 -4.49 0.18
C ARG A 27 -14.86 -3.41 1.26
N ARG A 28 -13.72 -2.76 1.43
CA ARG A 28 -13.60 -1.69 2.42
C ARG A 28 -13.08 -0.41 1.77
N TYR A 29 -13.26 0.70 2.48
CA TYR A 29 -12.80 1.98 1.99
C TYR A 29 -11.36 2.25 2.40
N PHE A 30 -10.54 2.59 1.41
CA PHE A 30 -9.15 2.88 1.66
C PHE A 30 -8.80 4.33 1.27
N TYR A 31 -7.70 4.81 1.83
CA TYR A 31 -7.26 6.17 1.54
C TYR A 31 -5.74 6.22 1.37
N LEU A 32 -5.34 6.68 0.19
CA LEU A 32 -3.92 6.79 -0.12
C LEU A 32 -3.42 8.19 0.25
N PHE A 33 -2.52 8.22 1.22
CA PHE A 33 -1.96 9.48 1.68
C PHE A 33 -0.52 9.65 1.19
N PRO A 34 0.04 10.86 1.48
CA PRO A 34 1.41 11.16 1.08
C PRO A 34 2.41 10.44 1.98
N ASN A 35 1.87 9.69 2.93
CA ASN A 35 2.71 8.95 3.86
C ASN A 35 1.86 7.90 4.59
N ARG A 36 0.66 8.32 4.96
CA ARG A 36 -0.25 7.44 5.65
C ARG A 36 -1.11 6.66 4.66
N LEU A 37 -2.13 6.00 5.19
CA LEU A 37 -3.03 5.22 4.36
C LEU A 37 -4.12 4.60 5.23
N GLU A 38 -5.31 5.16 5.11
CA GLU A 38 -6.45 4.67 5.88
C GLU A 38 -7.14 3.53 5.15
N TRP A 39 -7.61 2.56 5.93
CA TRP A 39 -8.30 1.41 5.36
C TRP A 39 -9.31 0.92 6.39
N ARG A 40 -10.49 1.53 6.36
CA ARG A 40 -11.54 1.17 7.28
C ARG A 40 -12.80 0.77 6.50
N GLY A 41 -13.87 0.50 7.25
CA GLY A 41 -15.12 0.11 6.65
C GLY A 41 -15.95 -0.73 7.62
N GLU A 42 -16.48 -1.83 7.09
CA GLU A 42 -17.29 -2.74 7.88
C GLU A 42 -16.40 -3.62 8.75
N GLY A 43 -17.04 -4.39 9.63
CA GLY A 43 -16.32 -5.27 10.51
C GLY A 43 -15.81 -4.54 11.74
N GLU A 44 -14.53 -4.73 12.03
CA GLU A 44 -13.92 -4.09 13.18
C GLU A 44 -12.43 -4.42 13.22
N ALA A 45 -11.70 -3.60 13.99
CA ALA A 45 -10.27 -3.80 14.14
C ALA A 45 -9.72 -2.78 15.14
N PRO A 46 -8.55 -3.14 15.74
CA PRO A 46 -7.92 -2.28 16.72
C PRO A 46 -7.23 -1.09 16.04
N GLN A 47 -6.70 -1.36 14.86
CA GLN A 47 -6.01 -0.33 14.09
C GLN A 47 -6.01 -0.69 12.61
N SER A 48 -6.08 0.36 11.79
CA SER A 48 -6.10 0.16 10.35
C SER A 48 -5.58 1.43 9.65
N LEU A 49 -4.46 1.93 10.15
CA LEU A 49 -3.86 3.12 9.59
C LEU A 49 -2.33 2.93 9.52
N LEU A 50 -1.86 2.63 8.31
CA LEU A 50 -0.44 2.42 8.10
C LEU A 50 0.11 3.55 7.23
N THR A 51 1.41 3.48 6.97
CA THR A 51 2.07 4.49 6.16
C THR A 51 2.48 3.89 4.81
N MET A 52 3.37 4.60 4.14
CA MET A 52 3.87 4.15 2.85
C MET A 52 5.40 4.17 2.80
N GLU A 53 5.99 3.82 3.94
CA GLU A 53 7.44 3.80 4.04
C GLU A 53 7.91 2.42 4.52
N GLU A 54 7.52 1.40 3.76
CA GLU A 54 7.89 0.03 4.10
C GLU A 54 7.79 -0.86 2.86
N ILE A 55 6.61 -0.83 2.25
CA ILE A 55 6.36 -1.63 1.05
C ILE A 55 7.66 -1.75 0.25
N GLN A 56 7.92 -2.96 -0.22
CA GLN A 56 9.12 -3.22 -0.99
C GLN A 56 8.85 -2.95 -2.48
N SER A 57 7.69 -3.37 -2.93
CA SER A 57 7.30 -3.18 -4.32
C SER A 57 5.83 -3.58 -4.51
N VAL A 58 5.12 -2.73 -5.24
CA VAL A 58 3.71 -2.98 -5.51
C VAL A 58 3.54 -3.39 -6.97
N GLU A 59 2.67 -4.37 -7.18
CA GLU A 59 2.41 -4.87 -8.51
C GLU A 59 1.06 -5.59 -8.56
N GLU A 60 0.84 -6.31 -9.64
CA GLU A 60 -0.40 -7.04 -9.83
C GLU A 60 -0.12 -8.41 -10.46
N THR A 61 -0.95 -9.38 -10.09
CA THR A 61 -0.81 -10.73 -10.61
C THR A 61 -2.02 -11.09 -11.49
N GLN A 62 -1.84 -12.15 -12.27
CA GLN A 62 -2.90 -12.60 -13.16
C GLN A 62 -3.14 -14.10 -12.96
N ILE A 63 -4.31 -14.54 -13.42
CA ILE A 63 -4.67 -15.94 -13.30
C ILE A 63 -5.51 -16.35 -14.52
N LYS A 64 -4.82 -16.69 -15.59
CA LYS A 64 -5.49 -17.10 -16.82
C LYS A 64 -5.91 -15.85 -17.60
N GLU A 65 -6.26 -14.82 -16.85
CA GLU A 65 -6.68 -13.57 -17.47
C GLU A 65 -6.49 -12.41 -16.49
N ARG A 66 -6.93 -12.62 -15.26
CA ARG A 66 -6.81 -11.61 -14.23
C ARG A 66 -6.83 -12.25 -12.84
N LYS A 67 -5.97 -11.76 -11.98
CA LYS A 67 -5.87 -12.28 -10.62
C LYS A 67 -6.21 -11.15 -9.64
N CYS A 68 -5.17 -10.55 -9.09
CA CYS A 68 -5.35 -9.47 -8.14
C CYS A 68 -4.08 -8.63 -8.13
N LEU A 69 -4.03 -7.68 -7.19
CA LEU A 69 -2.87 -6.81 -7.07
C LEU A 69 -1.97 -7.32 -5.94
N LEU A 70 -0.67 -7.22 -6.17
CA LEU A 70 0.30 -7.66 -5.19
C LEU A 70 0.74 -6.47 -4.34
N LEU A 71 1.25 -6.78 -3.16
CA LEU A 71 1.71 -5.75 -2.25
C LEU A 71 2.67 -6.36 -1.23
N LYS A 72 3.94 -6.42 -1.63
CA LYS A 72 4.97 -6.98 -0.76
C LYS A 72 5.61 -5.85 0.05
N ILE A 73 5.82 -6.13 1.33
CA ILE A 73 6.43 -5.15 2.21
C ILE A 73 7.90 -5.51 2.43
N ARG A 74 8.72 -4.48 2.55
CA ARG A 74 10.14 -4.67 2.76
C ARG A 74 10.43 -4.97 4.23
N GLY A 75 9.36 -5.06 5.00
CA GLY A 75 9.48 -5.35 6.43
C GLY A 75 9.50 -6.85 6.68
N GLY A 76 8.96 -7.59 5.72
CA GLY A 76 8.91 -9.04 5.83
C GLY A 76 7.46 -9.55 5.83
N LYS A 77 6.65 -8.90 5.01
CA LYS A 77 5.25 -9.27 4.91
C LYS A 77 4.80 -9.17 3.45
N GLN A 78 3.62 -9.72 3.18
CA GLN A 78 3.07 -9.68 1.84
C GLN A 78 1.57 -9.40 1.89
N PHE A 79 1.09 -8.77 0.83
CA PHE A 79 -0.32 -8.43 0.75
C PHE A 79 -0.83 -8.57 -0.69
N ILE A 80 -2.14 -8.74 -0.81
CA ILE A 80 -2.76 -8.89 -2.12
C ILE A 80 -4.09 -8.12 -2.14
N LEU A 81 -4.08 -7.02 -2.87
CA LEU A 81 -5.27 -6.19 -2.99
C LEU A 81 -6.17 -6.76 -4.07
N GLN A 82 -7.47 -6.50 -3.91
CA GLN A 82 -8.45 -6.99 -4.87
C GLN A 82 -9.68 -6.07 -4.88
N CYS A 83 -9.93 -5.47 -6.03
CA CYS A 83 -11.06 -4.57 -6.17
C CYS A 83 -11.92 -5.07 -7.34
N ASP A 84 -13.09 -4.48 -7.47
CA ASP A 84 -14.01 -4.84 -8.53
C ASP A 84 -13.69 -4.02 -9.78
N SER A 85 -12.97 -2.93 -9.56
CA SER A 85 -12.59 -2.05 -10.66
C SER A 85 -11.19 -2.41 -11.16
N ASP A 86 -10.97 -2.12 -12.43
CA ASP A 86 -9.68 -2.42 -13.05
C ASP A 86 -8.76 -1.21 -12.89
N PRO A 87 -9.36 0.00 -13.05
CA PRO A 87 -8.60 1.23 -12.93
C PRO A 87 -8.30 1.54 -11.46
N GLU A 88 -9.36 1.61 -10.67
CA GLU A 88 -9.23 1.91 -9.25
C GLU A 88 -7.83 1.51 -8.76
N LEU A 89 -7.68 0.22 -8.50
CA LEU A 89 -6.41 -0.30 -8.02
C LEU A 89 -5.28 0.21 -8.92
N VAL A 90 -5.52 0.12 -10.22
CA VAL A 90 -4.54 0.57 -11.20
C VAL A 90 -4.01 1.94 -10.79
N GLN A 91 -4.94 2.89 -10.67
CA GLN A 91 -4.58 4.25 -10.29
C GLN A 91 -3.98 4.25 -8.89
N TRP A 92 -4.58 3.44 -8.02
CA TRP A 92 -4.12 3.35 -6.65
C TRP A 92 -2.63 2.99 -6.66
N LYS A 93 -2.30 2.07 -7.55
CA LYS A 93 -0.92 1.61 -7.68
C LYS A 93 -0.02 2.82 -8.01
N LYS A 94 -0.39 3.52 -9.06
CA LYS A 94 0.36 4.69 -9.48
C LYS A 94 0.71 5.53 -8.26
N GLU A 95 -0.33 5.88 -7.51
CA GLU A 95 -0.15 6.69 -6.32
C GLU A 95 0.53 5.87 -5.22
N LEU A 96 0.30 4.57 -5.27
CA LEU A 96 0.88 3.67 -4.28
C LEU A 96 2.38 3.55 -4.53
N ARG A 97 2.72 3.04 -5.71
CA ARG A 97 4.11 2.87 -6.08
C ARG A 97 4.94 4.08 -5.62
N ASP A 98 4.44 5.25 -5.98
CA ASP A 98 5.12 6.49 -5.62
C ASP A 98 5.15 6.62 -4.09
N ALA A 99 3.98 6.44 -3.50
CA ALA A 99 3.85 6.54 -2.04
C ALA A 99 5.00 5.75 -1.39
N TYR A 100 5.16 4.52 -1.85
CA TYR A 100 6.20 3.66 -1.32
C TYR A 100 7.59 4.10 -1.81
N ARG A 101 7.64 4.43 -3.09
CA ARG A 101 8.88 4.87 -3.70
C ARG A 101 9.41 6.13 -2.99
N GLU A 102 8.62 7.18 -3.09
CA GLU A 102 8.99 8.45 -2.47
C GLU A 102 9.53 8.20 -1.06
N ALA A 103 8.76 7.46 -0.29
CA ALA A 103 9.15 7.15 1.08
C ALA A 103 10.59 6.62 1.08
N GLN A 104 10.90 5.86 0.04
CA GLN A 104 12.23 5.29 -0.08
C GLN A 104 13.25 6.37 -0.42
N GLN A 105 13.11 6.94 -1.61
CA GLN A 105 14.01 7.99 -2.06
C GLN A 105 14.11 9.09 -1.00
N LEU A 106 13.09 9.16 -0.15
CA LEU A 106 13.04 10.15 0.90
C LEU A 106 13.76 9.60 2.13
N VAL A 107 13.81 8.28 2.22
CA VAL A 107 14.47 7.63 3.34
C VAL A 107 15.76 6.97 2.86
N GLN A 108 16.18 7.36 1.67
CA GLN A 108 17.39 6.82 1.08
C GLN A 108 18.61 7.61 1.55
N ARG A 109 18.65 7.85 2.85
CA ARG A 109 19.75 8.59 3.44
C ARG A 109 20.90 7.64 3.80
N VAL A 110 20.82 6.44 3.24
CA VAL A 110 21.84 5.44 3.50
C VAL A 110 23.21 6.00 3.13
N PRO A 111 24.13 6.01 4.13
CA PRO A 111 25.47 6.52 3.92
C PRO A 111 26.31 5.52 3.12
N LYS A 112 27.54 5.93 2.85
CA LYS A 112 28.45 5.09 2.09
C LYS A 112 28.85 3.88 2.94
N MET A 113 28.03 2.84 2.83
CA MET A 113 28.27 1.62 3.58
C MET A 113 27.24 0.54 3.22
N LYS A 114 27.73 -0.50 2.56
CA LYS A 114 26.86 -1.60 2.16
C LYS A 114 25.97 -1.14 1.01
N ASN A 115 25.08 -0.20 1.33
CA ASN A 115 24.16 0.33 0.33
C ASN A 115 23.13 -0.74 -0.02
N LYS A 116 23.63 -1.86 -0.53
CA LYS A 116 22.76 -2.96 -0.92
C LYS A 116 21.92 -2.54 -2.13
N PRO A 117 22.57 -2.60 -3.33
CA PRO A 117 21.89 -2.23 -4.56
C PRO A 117 20.92 -3.32 -4.99
N ARG A 118 20.01 -3.65 -4.10
CA ARG A 118 19.01 -4.67 -4.38
C ARG A 118 17.62 -4.20 -3.97
N SER A 119 16.98 -3.48 -4.89
CA SER A 119 15.65 -2.97 -4.64
C SER A 119 14.59 -4.02 -4.98
N GLY A 1 12.16 17.19 5.03
CA GLY A 1 12.34 15.87 5.60
C GLY A 1 11.98 15.86 7.09
N SER A 2 10.73 16.18 7.36
CA SER A 2 10.25 16.21 8.74
C SER A 2 8.76 16.57 8.77
N HIS A 3 8.06 15.95 9.71
CA HIS A 3 6.64 16.20 9.85
C HIS A 3 5.89 15.60 8.66
N MET A 4 4.65 15.18 8.91
CA MET A 4 3.84 14.59 7.88
C MET A 4 3.04 15.67 7.12
N GLY A 5 2.65 15.33 5.91
CA GLY A 5 1.89 16.25 5.09
C GLY A 5 0.39 16.18 5.40
N LYS A 6 -0.38 16.91 4.61
CA LYS A 6 -1.82 16.94 4.81
C LYS A 6 -2.51 17.08 3.44
N ASP A 7 -2.32 16.07 2.61
CA ASP A 7 -2.91 16.07 1.28
C ASP A 7 -3.07 14.63 0.80
N CYS A 8 -4.32 14.18 0.79
CA CYS A 8 -4.62 12.83 0.35
C CYS A 8 -4.39 12.75 -1.16
N ILE A 9 -3.86 11.62 -1.59
CA ILE A 9 -3.57 11.40 -3.00
C ILE A 9 -4.83 10.84 -3.68
N MET A 10 -5.29 9.72 -3.13
CA MET A 10 -6.48 9.06 -3.67
C MET A 10 -7.31 8.44 -2.55
N HIS A 11 -8.60 8.31 -2.82
CA HIS A 11 -9.52 7.73 -1.86
C HIS A 11 -10.68 7.07 -2.58
N GLY A 12 -11.47 6.32 -1.83
CA GLY A 12 -12.62 5.64 -2.38
C GLY A 12 -12.76 4.22 -1.82
N TYR A 13 -13.46 3.38 -2.57
CA TYR A 13 -13.66 2.01 -2.16
C TYR A 13 -12.59 1.09 -2.75
N MET A 14 -11.95 0.34 -1.87
CA MET A 14 -10.89 -0.58 -2.29
C MET A 14 -10.89 -1.84 -1.42
N SER A 15 -10.79 -2.98 -2.10
CA SER A 15 -10.78 -4.25 -1.42
C SER A 15 -9.35 -4.80 -1.35
N LYS A 16 -9.02 -5.36 -0.19
CA LYS A 16 -7.69 -5.91 0.01
C LYS A 16 -7.73 -6.90 1.18
N MET A 17 -7.00 -7.99 1.03
CA MET A 17 -6.95 -9.01 2.06
C MET A 17 -5.64 -9.81 1.97
N GLY A 18 -5.47 -10.69 2.94
CA GLY A 18 -4.27 -11.53 2.98
C GLY A 18 -4.30 -12.47 4.18
N ASN A 19 -4.26 -13.77 3.88
CA ASN A 19 -4.28 -14.77 4.92
C ASN A 19 -3.87 -16.13 4.33
N PRO A 20 -3.90 -17.17 5.19
CA PRO A 20 -3.53 -18.51 4.77
C PRO A 20 -4.64 -19.14 3.92
N PHE A 21 -5.59 -18.30 3.53
CA PHE A 21 -6.71 -18.76 2.73
C PHE A 21 -7.06 -17.74 1.64
N LEU A 22 -6.39 -17.88 0.50
CA LEU A 22 -6.61 -16.98 -0.62
C LEU A 22 -7.81 -17.48 -1.42
N THR A 23 -8.99 -17.05 -1.01
CA THR A 23 -10.22 -17.44 -1.68
C THR A 23 -11.33 -16.44 -1.38
N GLN A 24 -11.24 -15.83 -0.21
CA GLN A 24 -12.24 -14.86 0.21
C GLN A 24 -11.77 -13.44 -0.14
N TRP A 25 -12.74 -12.56 -0.33
CA TRP A 25 -12.45 -11.18 -0.67
C TRP A 25 -13.43 -10.28 0.08
N GLN A 26 -12.88 -9.22 0.65
CA GLN A 26 -13.70 -8.28 1.41
C GLN A 26 -13.54 -6.86 0.84
N ARG A 27 -14.68 -6.24 0.55
CA ARG A 27 -14.67 -4.89 0.01
C ARG A 27 -14.74 -3.86 1.14
N ARG A 28 -13.70 -3.05 1.22
CA ARG A 28 -13.63 -2.03 2.25
C ARG A 28 -13.15 -0.70 1.65
N TYR A 29 -13.33 0.35 2.42
CA TYR A 29 -12.92 1.68 1.99
C TYR A 29 -11.45 1.95 2.33
N PHE A 30 -10.68 2.25 1.30
CA PHE A 30 -9.27 2.53 1.49
C PHE A 30 -8.94 3.97 1.10
N TYR A 31 -7.84 4.46 1.65
CA TYR A 31 -7.41 5.82 1.37
C TYR A 31 -5.88 5.91 1.28
N LEU A 32 -5.41 6.41 0.14
CA LEU A 32 -3.98 6.55 -0.09
C LEU A 32 -3.55 7.98 0.24
N PHE A 33 -2.54 8.08 1.08
CA PHE A 33 -2.03 9.38 1.48
C PHE A 33 -0.59 9.59 0.98
N PRO A 34 -0.05 10.80 1.25
CA PRO A 34 1.30 11.13 0.84
C PRO A 34 2.33 10.43 1.73
N ASN A 35 1.82 9.66 2.69
CA ASN A 35 2.68 8.95 3.61
C ASN A 35 1.86 7.90 4.36
N ARG A 36 0.66 8.32 4.75
CA ARG A 36 -0.24 7.44 5.49
C ARG A 36 -1.09 6.62 4.52
N LEU A 37 -1.93 5.78 5.08
CA LEU A 37 -2.80 4.93 4.28
C LEU A 37 -3.45 3.87 5.18
N GLU A 38 -4.78 3.84 5.14
CA GLU A 38 -5.52 2.87 5.94
C GLU A 38 -6.77 2.42 5.19
N TRP A 39 -7.47 1.47 5.79
CA TRP A 39 -8.68 0.93 5.19
C TRP A 39 -9.72 0.75 6.30
N ARG A 40 -10.96 1.01 5.95
CA ARG A 40 -12.05 0.87 6.91
C ARG A 40 -13.31 0.37 6.20
N GLY A 41 -14.30 0.00 7.01
CA GLY A 41 -15.55 -0.50 6.49
C GLY A 41 -16.32 -1.27 7.57
N GLU A 42 -17.29 -2.06 7.11
CA GLU A 42 -18.11 -2.85 8.01
C GLU A 42 -17.30 -4.03 8.56
N GLY A 43 -17.92 -4.74 9.49
CA GLY A 43 -17.28 -5.90 10.10
C GLY A 43 -16.64 -5.52 11.44
N GLU A 44 -15.34 -5.79 11.54
CA GLU A 44 -14.61 -5.48 12.76
C GLU A 44 -13.10 -5.70 12.53
N ALA A 45 -12.31 -4.97 13.31
CA ALA A 45 -10.86 -5.08 13.20
C ALA A 45 -10.22 -4.19 14.26
N PRO A 46 -8.94 -4.51 14.59
CA PRO A 46 -8.21 -3.75 15.58
C PRO A 46 -7.74 -2.41 15.00
N GLN A 47 -6.56 -2.43 14.41
CA GLN A 47 -5.99 -1.24 13.82
C GLN A 47 -5.34 -1.56 12.48
N SER A 48 -5.70 -0.78 11.46
CA SER A 48 -5.16 -0.98 10.13
C SER A 48 -4.88 0.37 9.48
N LEU A 49 -3.93 1.09 10.05
CA LEU A 49 -3.56 2.40 9.54
C LEU A 49 -2.04 2.52 9.53
N LEU A 50 -1.44 2.13 8.41
CA LEU A 50 0.00 2.20 8.26
C LEU A 50 0.36 3.34 7.32
N THR A 51 1.65 3.44 7.02
CA THR A 51 2.14 4.47 6.13
C THR A 51 2.49 3.89 4.76
N MET A 52 3.32 4.62 4.03
CA MET A 52 3.74 4.18 2.71
C MET A 52 5.26 4.20 2.58
N GLU A 53 5.92 3.91 3.69
CA GLU A 53 7.38 3.91 3.72
C GLU A 53 7.89 2.56 4.24
N GLU A 54 7.55 1.51 3.51
CA GLU A 54 7.97 0.17 3.88
C GLU A 54 7.92 -0.76 2.67
N ILE A 55 6.79 -0.72 1.98
CA ILE A 55 6.59 -1.55 0.80
C ILE A 55 7.92 -1.66 0.04
N GLN A 56 8.19 -2.86 -0.45
CA GLN A 56 9.41 -3.11 -1.20
C GLN A 56 9.15 -2.99 -2.70
N SER A 57 7.95 -3.43 -3.10
CA SER A 57 7.56 -3.38 -4.49
C SER A 57 6.09 -3.76 -4.64
N VAL A 58 5.39 -2.98 -5.45
CA VAL A 58 3.98 -3.23 -5.70
C VAL A 58 3.79 -3.78 -7.11
N GLU A 59 2.88 -4.75 -7.21
CA GLU A 59 2.61 -5.37 -8.50
C GLU A 59 1.21 -5.99 -8.48
N GLU A 60 0.95 -6.82 -9.49
CA GLU A 60 -0.34 -7.48 -9.61
C GLU A 60 -0.16 -8.89 -10.19
N THR A 61 -0.96 -9.81 -9.69
CA THR A 61 -0.91 -11.19 -10.15
C THR A 61 -2.09 -11.47 -11.09
N GLN A 62 -1.97 -12.60 -11.79
CA GLN A 62 -3.01 -13.01 -12.72
C GLN A 62 -3.37 -14.48 -12.51
N ILE A 63 -4.53 -14.85 -13.01
CA ILE A 63 -5.01 -16.21 -12.88
C ILE A 63 -5.81 -16.60 -14.13
N LYS A 64 -5.09 -17.04 -15.15
CA LYS A 64 -5.71 -17.43 -16.39
C LYS A 64 -5.99 -16.18 -17.24
N GLU A 65 -6.30 -15.10 -16.54
CA GLU A 65 -6.60 -13.85 -17.22
C GLU A 65 -6.34 -12.66 -16.28
N ARG A 66 -6.89 -12.77 -15.08
CA ARG A 66 -6.73 -11.73 -14.09
C ARG A 66 -6.89 -12.32 -12.68
N LYS A 67 -6.05 -11.85 -11.78
CA LYS A 67 -6.09 -12.31 -10.40
C LYS A 67 -6.39 -11.12 -9.48
N CYS A 68 -5.33 -10.56 -8.92
CA CYS A 68 -5.47 -9.42 -8.02
C CYS A 68 -4.13 -8.68 -7.99
N LEU A 69 -4.09 -7.65 -7.16
CA LEU A 69 -2.89 -6.84 -7.02
C LEU A 69 -2.07 -7.34 -5.82
N LEU A 70 -0.76 -7.18 -5.93
CA LEU A 70 0.13 -7.61 -4.87
C LEU A 70 0.73 -6.37 -4.18
N LEU A 71 1.22 -6.59 -2.97
CA LEU A 71 1.82 -5.52 -2.20
C LEU A 71 2.82 -6.10 -1.20
N LYS A 72 4.03 -6.30 -1.68
CA LYS A 72 5.08 -6.86 -0.85
C LYS A 72 5.77 -5.73 -0.07
N ILE A 73 6.02 -6.00 1.20
CA ILE A 73 6.66 -5.01 2.06
C ILE A 73 8.12 -5.42 2.30
N ARG A 74 8.98 -4.42 2.41
CA ARG A 74 10.38 -4.66 2.65
C ARG A 74 10.63 -5.02 4.11
N GLY A 75 9.54 -5.09 4.86
CA GLY A 75 9.62 -5.42 6.27
C GLY A 75 9.51 -6.93 6.48
N GLY A 76 8.98 -7.61 5.49
CA GLY A 76 8.82 -9.05 5.55
C GLY A 76 7.33 -9.43 5.59
N LYS A 77 6.55 -8.73 4.79
CA LYS A 77 5.12 -8.99 4.73
C LYS A 77 4.64 -8.87 3.29
N GLN A 78 3.41 -9.29 3.07
CA GLN A 78 2.82 -9.24 1.74
C GLN A 78 1.35 -8.83 1.82
N PHE A 79 0.90 -8.12 0.79
CA PHE A 79 -0.47 -7.66 0.73
C PHE A 79 -1.08 -7.95 -0.65
N ILE A 80 -2.39 -8.16 -0.64
CA ILE A 80 -3.11 -8.44 -1.86
C ILE A 80 -4.30 -7.50 -1.98
N LEU A 81 -4.33 -6.74 -3.07
CA LEU A 81 -5.41 -5.80 -3.31
C LEU A 81 -6.32 -6.35 -4.40
N GLN A 82 -7.56 -5.89 -4.37
CA GLN A 82 -8.54 -6.32 -5.35
C GLN A 82 -9.65 -5.28 -5.49
N CYS A 83 -9.99 -5.00 -6.74
CA CYS A 83 -11.03 -4.01 -7.03
C CYS A 83 -11.83 -4.51 -8.24
N ASP A 84 -13.06 -4.04 -8.32
CA ASP A 84 -13.94 -4.42 -9.42
C ASP A 84 -13.57 -3.60 -10.65
N SER A 85 -12.89 -2.49 -10.42
CA SER A 85 -12.48 -1.61 -11.50
C SER A 85 -11.04 -1.92 -11.91
N ASP A 86 -10.77 -1.77 -13.19
CA ASP A 86 -9.45 -2.03 -13.72
C ASP A 86 -8.53 -0.84 -13.42
N PRO A 87 -9.13 0.38 -13.53
CA PRO A 87 -8.40 1.60 -13.27
C PRO A 87 -8.17 1.80 -11.77
N GLU A 88 -9.28 1.92 -11.06
CA GLU A 88 -9.23 2.12 -9.62
C GLU A 88 -7.88 1.64 -9.06
N LEU A 89 -7.79 0.34 -8.89
CA LEU A 89 -6.57 -0.26 -8.38
C LEU A 89 -5.37 0.25 -9.18
N VAL A 90 -5.49 0.16 -10.49
CA VAL A 90 -4.44 0.62 -11.37
C VAL A 90 -3.90 1.96 -10.88
N GLN A 91 -4.80 2.93 -10.82
CA GLN A 91 -4.43 4.26 -10.37
C GLN A 91 -3.86 4.19 -8.94
N TRP A 92 -4.51 3.37 -8.12
CA TRP A 92 -4.09 3.21 -6.75
C TRP A 92 -2.59 2.91 -6.74
N LYS A 93 -2.22 1.93 -7.55
CA LYS A 93 -0.82 1.53 -7.65
C LYS A 93 0.04 2.76 -7.94
N LYS A 94 -0.25 3.39 -9.06
CA LYS A 94 0.48 4.59 -9.47
C LYS A 94 0.79 5.44 -8.23
N GLU A 95 -0.25 5.66 -7.44
CA GLU A 95 -0.12 6.46 -6.23
C GLU A 95 0.62 5.65 -5.15
N LEU A 96 0.33 4.36 -5.12
CA LEU A 96 0.95 3.49 -4.14
C LEU A 96 2.44 3.36 -4.46
N ARG A 97 2.72 2.80 -5.63
CA ARG A 97 4.09 2.62 -6.07
C ARG A 97 4.95 3.82 -5.66
N ASP A 98 4.44 5.00 -6.01
CA ASP A 98 5.16 6.23 -5.69
C ASP A 98 5.19 6.41 -4.16
N ALA A 99 4.00 6.39 -3.58
CA ALA A 99 3.88 6.54 -2.13
C ALA A 99 5.05 5.83 -1.44
N TYR A 100 5.37 4.65 -1.98
CA TYR A 100 6.45 3.86 -1.43
C TYR A 100 7.82 4.38 -1.91
N ARG A 101 7.86 4.74 -3.19
CA ARG A 101 9.07 5.24 -3.78
C ARG A 101 9.41 6.63 -3.22
N GLU A 102 8.35 7.39 -2.96
CA GLU A 102 8.51 8.74 -2.42
C GLU A 102 8.99 8.66 -0.96
N ALA A 103 8.50 7.66 -0.26
CA ALA A 103 8.86 7.47 1.13
C ALA A 103 10.24 6.82 1.21
N GLN A 104 10.38 5.70 0.52
CA GLN A 104 11.63 4.98 0.50
C GLN A 104 12.80 5.93 0.26
N GLN A 105 12.63 6.79 -0.74
CA GLN A 105 13.66 7.75 -1.07
C GLN A 105 14.03 8.58 0.15
N LEU A 106 13.14 8.56 1.13
CA LEU A 106 13.35 9.30 2.36
C LEU A 106 14.16 8.44 3.34
N VAL A 107 13.92 7.14 3.26
CA VAL A 107 14.61 6.21 4.14
C VAL A 107 15.68 5.48 3.33
N GLN A 108 16.01 6.04 2.18
CA GLN A 108 17.02 5.46 1.31
C GLN A 108 18.42 5.87 1.78
N ARG A 109 18.65 5.66 3.07
CA ARG A 109 19.94 5.99 3.66
C ARG A 109 20.90 4.78 3.56
N VAL A 110 20.51 3.83 2.72
CA VAL A 110 21.31 2.64 2.53
C VAL A 110 22.79 3.03 2.42
N PRO A 111 23.67 2.07 2.79
CA PRO A 111 25.10 2.30 2.74
C PRO A 111 25.61 2.27 1.30
N LYS A 112 26.88 2.61 1.15
CA LYS A 112 27.51 2.63 -0.16
C LYS A 112 27.77 1.20 -0.61
N MET A 113 28.20 0.37 0.34
CA MET A 113 28.50 -1.01 0.06
C MET A 113 28.90 -1.76 1.33
N LYS A 114 29.29 -3.02 1.15
CA LYS A 114 29.70 -3.85 2.27
C LYS A 114 28.46 -4.28 3.05
N ASN A 115 27.85 -3.30 3.72
CA ASN A 115 26.66 -3.58 4.51
C ASN A 115 25.46 -3.71 3.59
N LYS A 116 25.49 -4.76 2.77
CA LYS A 116 24.41 -5.00 1.84
C LYS A 116 23.97 -6.47 1.95
N PRO A 117 22.63 -6.66 2.05
CA PRO A 117 22.07 -8.00 2.16
C PRO A 117 22.11 -8.72 0.82
N ARG A 118 21.85 -7.96 -0.24
CA ARG A 118 21.85 -8.51 -1.58
C ARG A 118 21.66 -7.40 -2.62
N SER A 119 21.89 -7.76 -3.87
CA SER A 119 21.75 -6.80 -4.95
C SER A 119 20.84 -7.38 -6.05
N GLY A 1 11.27 27.92 -1.56
CA GLY A 1 11.76 26.86 -2.40
C GLY A 1 11.29 25.49 -1.89
N SER A 2 10.17 25.04 -2.44
CA SER A 2 9.60 23.77 -2.05
C SER A 2 8.36 23.47 -2.88
N HIS A 3 7.88 22.23 -2.77
CA HIS A 3 6.70 21.82 -3.50
C HIS A 3 6.29 20.41 -3.05
N MET A 4 5.72 20.36 -1.86
CA MET A 4 5.28 19.09 -1.30
C MET A 4 4.23 19.30 -0.20
N GLY A 5 3.30 18.37 -0.13
CA GLY A 5 2.25 18.44 0.87
C GLY A 5 2.06 17.10 1.58
N LYS A 6 1.07 17.06 2.46
CA LYS A 6 0.78 15.85 3.21
C LYS A 6 -0.73 15.74 3.42
N ASP A 7 -1.44 15.59 2.32
CA ASP A 7 -2.89 15.48 2.37
C ASP A 7 -3.29 14.07 1.92
N CYS A 8 -3.70 13.98 0.66
CA CYS A 8 -4.12 12.72 0.09
C CYS A 8 -3.91 12.78 -1.43
N ILE A 9 -3.58 11.62 -1.99
CA ILE A 9 -3.36 11.54 -3.43
C ILE A 9 -4.64 11.04 -4.10
N MET A 10 -5.14 9.92 -3.60
CA MET A 10 -6.35 9.32 -4.15
C MET A 10 -7.12 8.55 -3.06
N HIS A 11 -8.42 8.44 -3.28
CA HIS A 11 -9.27 7.73 -2.34
C HIS A 11 -10.41 7.06 -3.10
N GLY A 12 -10.95 6.01 -2.47
CA GLY A 12 -12.05 5.27 -3.08
C GLY A 12 -12.30 3.96 -2.33
N TYR A 13 -13.11 3.11 -2.95
CA TYR A 13 -13.43 1.83 -2.35
C TYR A 13 -12.51 0.73 -2.88
N MET A 14 -11.85 0.05 -1.95
CA MET A 14 -10.95 -1.02 -2.31
C MET A 14 -10.99 -2.16 -1.29
N SER A 15 -10.71 -3.36 -1.76
CA SER A 15 -10.73 -4.52 -0.90
C SER A 15 -9.35 -5.21 -0.93
N LYS A 16 -9.01 -5.81 0.20
CA LYS A 16 -7.73 -6.49 0.32
C LYS A 16 -7.96 -8.01 0.23
N MET A 17 -6.91 -8.71 -0.16
CA MET A 17 -6.98 -10.15 -0.30
C MET A 17 -5.69 -10.81 0.20
N GLY A 18 -5.70 -12.14 0.20
CA GLY A 18 -4.54 -12.90 0.64
C GLY A 18 -4.37 -14.17 -0.20
N ASN A 19 -5.29 -15.10 0.01
CA ASN A 19 -5.26 -16.36 -0.72
C ASN A 19 -6.50 -16.47 -1.61
N PRO A 20 -6.62 -17.64 -2.28
CA PRO A 20 -7.75 -17.88 -3.16
C PRO A 20 -9.02 -18.18 -2.36
N PHE A 21 -8.91 -17.98 -1.06
CA PHE A 21 -10.05 -18.21 -0.17
C PHE A 21 -10.30 -17.01 0.74
N LEU A 22 -11.03 -16.04 0.20
CA LEU A 22 -11.35 -14.84 0.95
C LEU A 22 -12.60 -15.08 1.79
N THR A 23 -12.39 -15.46 3.04
CA THR A 23 -13.48 -15.73 3.95
C THR A 23 -13.45 -14.75 5.13
N GLN A 24 -12.36 -13.99 5.20
CA GLN A 24 -12.18 -13.02 6.27
C GLN A 24 -11.78 -11.67 5.69
N TRP A 25 -12.45 -11.30 4.61
CA TRP A 25 -12.17 -10.03 3.95
C TRP A 25 -13.42 -9.61 3.18
N GLN A 26 -13.53 -8.31 2.94
CA GLN A 26 -14.66 -7.77 2.22
C GLN A 26 -14.30 -6.42 1.59
N ARG A 27 -15.33 -5.75 1.08
CA ARG A 27 -15.12 -4.45 0.46
C ARG A 27 -15.08 -3.35 1.53
N ARG A 28 -13.88 -2.80 1.71
CA ARG A 28 -13.68 -1.75 2.69
C ARG A 28 -13.19 -0.48 2.00
N TYR A 29 -13.30 0.63 2.72
CA TYR A 29 -12.89 1.91 2.20
C TYR A 29 -11.40 2.16 2.46
N PHE A 30 -10.66 2.35 1.38
CA PHE A 30 -9.23 2.59 1.49
C PHE A 30 -8.90 4.05 1.16
N TYR A 31 -7.71 4.47 1.59
CA TYR A 31 -7.27 5.83 1.35
C TYR A 31 -5.75 5.89 1.19
N LEU A 32 -5.33 6.16 -0.04
CA LEU A 32 -3.92 6.25 -0.36
C LEU A 32 -3.43 7.68 -0.13
N PHE A 33 -2.57 7.84 0.85
CA PHE A 33 -2.03 9.15 1.18
C PHE A 33 -0.65 9.35 0.53
N PRO A 34 -0.08 10.55 0.79
CA PRO A 34 1.23 10.88 0.24
C PRO A 34 2.34 10.15 0.99
N ASN A 35 1.93 9.23 1.85
CA ASN A 35 2.87 8.46 2.65
C ASN A 35 2.10 7.48 3.54
N ARG A 36 1.01 7.99 4.12
CA ARG A 36 0.18 7.18 4.99
C ARG A 36 -0.90 6.46 4.18
N LEU A 37 -1.80 5.82 4.91
CA LEU A 37 -2.89 5.09 4.28
C LEU A 37 -3.85 4.58 5.36
N GLU A 38 -5.13 4.86 5.15
CA GLU A 38 -6.14 4.43 6.10
C GLU A 38 -7.05 3.37 5.46
N TRP A 39 -7.47 2.42 6.28
CA TRP A 39 -8.34 1.36 5.82
C TRP A 39 -9.38 1.08 6.90
N ARG A 40 -10.51 1.78 6.79
CA ARG A 40 -11.58 1.62 7.75
C ARG A 40 -12.89 1.26 7.03
N GLY A 41 -13.95 1.18 7.81
CA GLY A 41 -15.25 0.85 7.26
C GLY A 41 -15.99 -0.14 8.17
N GLU A 42 -16.68 -1.08 7.54
CA GLU A 42 -17.43 -2.08 8.28
C GLU A 42 -16.58 -3.36 8.44
N GLY A 43 -16.61 -3.88 9.65
CA GLY A 43 -15.86 -5.09 9.95
C GLY A 43 -15.93 -5.42 11.44
N GLU A 44 -14.85 -6.02 11.94
CA GLU A 44 -14.77 -6.38 13.34
C GLU A 44 -13.34 -6.28 13.84
N ALA A 45 -12.53 -5.54 13.09
CA ALA A 45 -11.13 -5.35 13.45
C ALA A 45 -11.01 -4.11 14.33
N PRO A 46 -9.92 -4.10 15.16
CA PRO A 46 -9.67 -2.99 16.05
C PRO A 46 -9.14 -1.77 15.29
N GLN A 47 -7.82 -1.72 15.18
CA GLN A 47 -7.18 -0.63 14.48
C GLN A 47 -6.87 -1.03 13.03
N SER A 48 -6.76 -0.02 12.18
CA SER A 48 -6.47 -0.25 10.77
C SER A 48 -5.76 0.97 10.17
N LEU A 49 -4.69 1.36 10.83
CA LEU A 49 -3.91 2.51 10.38
C LEU A 49 -2.46 2.09 10.18
N LEU A 50 -1.89 2.53 9.07
CA LEU A 50 -0.51 2.22 8.76
C LEU A 50 0.05 3.28 7.80
N THR A 51 1.31 3.09 7.44
CA THR A 51 1.97 4.02 6.54
C THR A 51 2.30 3.33 5.21
N MET A 52 2.96 4.08 4.33
CA MET A 52 3.33 3.55 3.03
C MET A 52 4.82 3.78 2.76
N GLU A 53 5.62 3.53 3.79
CA GLU A 53 7.06 3.71 3.67
C GLU A 53 7.77 2.41 4.06
N GLU A 54 7.43 1.35 3.34
CA GLU A 54 8.03 0.05 3.60
C GLU A 54 7.93 -0.83 2.35
N ILE A 55 6.75 -0.78 1.73
CA ILE A 55 6.51 -1.56 0.53
C ILE A 55 7.81 -1.67 -0.28
N GLN A 56 8.07 -2.88 -0.76
CA GLN A 56 9.27 -3.13 -1.53
C GLN A 56 8.98 -2.93 -3.03
N SER A 57 7.79 -3.34 -3.43
CA SER A 57 7.37 -3.22 -4.81
C SER A 57 5.91 -3.64 -4.96
N VAL A 58 5.16 -2.84 -5.71
CA VAL A 58 3.76 -3.11 -5.93
C VAL A 58 3.56 -3.57 -7.38
N GLU A 59 2.66 -4.53 -7.55
CA GLU A 59 2.36 -5.05 -8.87
C GLU A 59 1.02 -5.79 -8.86
N GLU A 60 0.76 -6.46 -9.97
CA GLU A 60 -0.49 -7.21 -10.11
C GLU A 60 -0.18 -8.71 -10.22
N THR A 61 -1.25 -9.49 -10.30
CA THR A 61 -1.12 -10.93 -10.42
C THR A 61 -2.39 -11.53 -11.04
N GLN A 62 -2.19 -12.67 -11.70
CA GLN A 62 -3.30 -13.35 -12.34
C GLN A 62 -3.54 -14.72 -11.69
N ILE A 63 -4.60 -15.37 -12.13
CA ILE A 63 -4.95 -16.68 -11.60
C ILE A 63 -5.70 -17.47 -12.66
N LYS A 64 -5.23 -17.35 -13.89
CA LYS A 64 -5.85 -18.06 -15.00
C LYS A 64 -7.04 -17.25 -15.50
N GLU A 65 -7.54 -16.39 -14.63
CA GLU A 65 -8.68 -15.56 -14.97
C GLU A 65 -8.75 -14.34 -14.05
N ARG A 66 -8.76 -14.63 -12.74
CA ARG A 66 -8.82 -13.58 -11.74
C ARG A 66 -7.41 -13.05 -11.44
N LYS A 67 -7.37 -11.79 -11.03
CA LYS A 67 -6.09 -11.17 -10.71
C LYS A 67 -6.24 -10.36 -9.42
N CYS A 68 -5.11 -9.98 -8.85
CA CYS A 68 -5.10 -9.22 -7.62
C CYS A 68 -3.83 -8.37 -7.59
N LEU A 69 -3.92 -7.23 -6.90
CA LEU A 69 -2.80 -6.33 -6.79
C LEU A 69 -1.90 -6.78 -5.62
N LEU A 70 -0.64 -7.03 -5.95
CA LEU A 70 0.32 -7.46 -4.95
C LEU A 70 0.89 -6.24 -4.24
N LEU A 71 1.41 -6.47 -3.06
CA LEU A 71 1.99 -5.41 -2.27
C LEU A 71 3.01 -5.99 -1.29
N LYS A 72 4.18 -6.31 -1.82
CA LYS A 72 5.25 -6.88 -1.01
C LYS A 72 5.91 -5.77 -0.19
N ILE A 73 6.18 -6.08 1.07
CA ILE A 73 6.81 -5.12 1.97
C ILE A 73 8.29 -5.47 2.12
N ARG A 74 9.08 -4.44 2.34
CA ARG A 74 10.52 -4.63 2.50
C ARG A 74 10.83 -5.14 3.91
N GLY A 75 9.76 -5.38 4.66
CA GLY A 75 9.90 -5.88 6.02
C GLY A 75 9.76 -7.40 6.07
N GLY A 76 9.14 -7.94 5.02
CA GLY A 76 8.94 -9.37 4.94
C GLY A 76 7.46 -9.73 5.04
N LYS A 77 6.63 -8.83 4.51
CA LYS A 77 5.19 -9.03 4.53
C LYS A 77 4.64 -8.85 3.12
N GLN A 78 3.79 -9.79 2.73
CA GLN A 78 3.19 -9.75 1.41
C GLN A 78 1.69 -9.45 1.52
N PHE A 79 1.22 -8.58 0.65
CA PHE A 79 -0.18 -8.20 0.64
C PHE A 79 -0.76 -8.26 -0.78
N ILE A 80 -2.00 -8.72 -0.86
CA ILE A 80 -2.68 -8.84 -2.14
C ILE A 80 -4.10 -8.30 -2.01
N LEU A 81 -4.30 -7.10 -2.53
CA LEU A 81 -5.60 -6.47 -2.48
C LEU A 81 -6.23 -6.49 -3.88
N GLN A 82 -7.55 -6.47 -3.89
CA GLN A 82 -8.29 -6.49 -5.15
C GLN A 82 -9.54 -5.62 -5.05
N CYS A 83 -9.96 -5.11 -6.19
CA CYS A 83 -11.14 -4.26 -6.24
C CYS A 83 -12.00 -4.69 -7.43
N ASP A 84 -13.13 -4.03 -7.58
CA ASP A 84 -14.05 -4.34 -8.66
C ASP A 84 -13.67 -3.51 -9.90
N SER A 85 -12.95 -2.43 -9.65
CA SER A 85 -12.53 -1.55 -10.73
C SER A 85 -11.20 -2.05 -11.30
N ASP A 86 -11.05 -1.87 -12.60
CA ASP A 86 -9.84 -2.28 -13.29
C ASP A 86 -8.78 -1.18 -13.18
N PRO A 87 -9.24 0.07 -13.46
CA PRO A 87 -8.35 1.22 -13.39
C PRO A 87 -8.07 1.61 -11.95
N GLU A 88 -9.13 1.71 -11.17
CA GLU A 88 -9.01 2.08 -9.77
C GLU A 88 -7.65 1.64 -9.22
N LEU A 89 -7.58 0.36 -8.86
CA LEU A 89 -6.35 -0.20 -8.33
C LEU A 89 -5.18 0.23 -9.22
N VAL A 90 -5.39 0.11 -10.52
CA VAL A 90 -4.36 0.46 -11.48
C VAL A 90 -3.79 1.84 -11.12
N GLN A 91 -4.68 2.81 -11.03
CA GLN A 91 -4.28 4.17 -10.70
C GLN A 91 -3.75 4.22 -9.27
N TRP A 92 -4.39 3.46 -8.40
CA TRP A 92 -3.99 3.42 -7.00
C TRP A 92 -2.52 3.00 -6.95
N LYS A 93 -2.19 1.99 -7.74
CA LYS A 93 -0.83 1.49 -7.78
C LYS A 93 0.13 2.65 -8.10
N LYS A 94 -0.13 3.29 -9.23
CA LYS A 94 0.70 4.41 -9.65
C LYS A 94 1.03 5.28 -8.43
N GLU A 95 -0.02 5.68 -7.72
CA GLU A 95 0.15 6.51 -6.54
C GLU A 95 0.80 5.71 -5.42
N LEU A 96 0.47 4.43 -5.37
CA LEU A 96 1.02 3.55 -4.36
C LEU A 96 2.53 3.41 -4.58
N ARG A 97 2.88 2.83 -5.72
CA ARG A 97 4.28 2.63 -6.06
C ARG A 97 5.12 3.83 -5.60
N ASP A 98 4.65 5.02 -5.99
CA ASP A 98 5.34 6.25 -5.63
C ASP A 98 5.22 6.46 -4.12
N ALA A 99 3.99 6.46 -3.65
CA ALA A 99 3.72 6.67 -2.23
C ALA A 99 4.78 5.91 -1.41
N TYR A 100 5.12 4.73 -1.89
CA TYR A 100 6.12 3.91 -1.22
C TYR A 100 7.53 4.38 -1.54
N ARG A 101 7.73 4.78 -2.78
CA ARG A 101 9.02 5.26 -3.23
C ARG A 101 9.30 6.65 -2.64
N GLU A 102 8.27 7.48 -2.63
CA GLU A 102 8.39 8.82 -2.11
C GLU A 102 8.64 8.79 -0.60
N ALA A 103 8.04 7.79 0.05
CA ALA A 103 8.20 7.63 1.48
C ALA A 103 9.55 6.98 1.77
N GLN A 104 9.74 5.82 1.16
CA GLN A 104 10.99 5.09 1.34
C GLN A 104 12.19 6.01 1.15
N GLN A 105 12.10 6.85 0.14
CA GLN A 105 13.17 7.79 -0.16
C GLN A 105 13.42 8.71 1.04
N LEU A 106 12.46 8.68 1.97
CA LEU A 106 12.57 9.51 3.17
C LEU A 106 13.40 8.76 4.22
N VAL A 107 13.35 7.44 4.14
CA VAL A 107 14.09 6.61 5.07
C VAL A 107 15.13 5.79 4.31
N GLN A 108 15.35 6.19 3.06
CA GLN A 108 16.32 5.50 2.22
C GLN A 108 17.71 5.54 2.86
N ARG A 109 18.19 6.75 3.09
CA ARG A 109 19.49 6.94 3.69
C ARG A 109 19.47 6.48 5.15
N VAL A 110 19.29 5.18 5.32
CA VAL A 110 19.24 4.59 6.65
C VAL A 110 20.48 3.73 6.87
N PRO A 111 21.23 4.03 7.96
CA PRO A 111 22.43 3.28 8.29
C PRO A 111 22.09 1.92 8.86
N LYS A 112 21.29 1.16 8.10
CA LYS A 112 20.89 -0.16 8.53
C LYS A 112 20.55 -0.13 10.02
N MET A 113 19.53 0.66 10.35
CA MET A 113 19.10 0.79 11.73
C MET A 113 20.24 1.33 12.61
N LYS A 114 20.87 0.41 13.32
CA LYS A 114 21.96 0.78 14.21
C LYS A 114 21.41 1.42 15.48
N ASN A 115 20.87 2.62 15.30
CA ASN A 115 20.30 3.36 16.42
C ASN A 115 21.18 3.16 17.65
N LYS A 116 22.49 3.23 17.42
CA LYS A 116 23.44 3.07 18.51
C LYS A 116 23.25 1.69 19.15
N PRO A 117 23.78 0.65 18.45
CA PRO A 117 23.67 -0.71 18.94
C PRO A 117 24.64 -0.95 20.10
N ARG A 118 24.52 -0.12 21.12
CA ARG A 118 25.38 -0.23 22.29
C ARG A 118 26.85 -0.24 21.87
N SER A 119 27.44 0.94 21.87
CA SER A 119 28.84 1.08 21.49
C SER A 119 29.26 2.55 21.59
N GLY A 1 -0.83 7.14 17.56
CA GLY A 1 -2.14 7.63 17.91
C GLY A 1 -2.38 9.03 17.37
N SER A 2 -2.32 9.14 16.05
CA SER A 2 -2.52 10.42 15.39
C SER A 2 -2.39 10.25 13.87
N HIS A 3 -2.93 11.23 13.15
CA HIS A 3 -2.88 11.19 11.70
C HIS A 3 -2.03 12.36 11.20
N MET A 4 -1.78 12.35 9.90
CA MET A 4 -0.98 13.39 9.28
C MET A 4 -1.24 13.46 7.77
N GLY A 5 -0.83 14.56 7.19
CA GLY A 5 -1.01 14.76 5.75
C GLY A 5 -1.59 16.15 5.46
N LYS A 6 -1.78 16.42 4.17
CA LYS A 6 -2.32 17.69 3.75
C LYS A 6 -3.03 17.52 2.40
N ASP A 7 -2.38 16.76 1.53
CA ASP A 7 -2.93 16.50 0.21
C ASP A 7 -2.91 14.99 -0.07
N CYS A 8 -4.08 14.39 0.06
CA CYS A 8 -4.22 12.97 -0.16
C CYS A 8 -3.94 12.69 -1.65
N ILE A 9 -3.18 11.62 -1.88
CA ILE A 9 -2.82 11.24 -3.23
C ILE A 9 -4.08 10.73 -3.95
N MET A 10 -4.65 9.67 -3.40
CA MET A 10 -5.85 9.08 -3.98
C MET A 10 -6.73 8.46 -2.89
N HIS A 11 -7.99 8.25 -3.25
CA HIS A 11 -8.94 7.66 -2.32
C HIS A 11 -10.12 7.08 -3.09
N GLY A 12 -10.73 6.06 -2.51
CA GLY A 12 -11.87 5.41 -3.14
C GLY A 12 -12.20 4.08 -2.44
N TYR A 13 -13.00 3.28 -3.11
CA TYR A 13 -13.39 1.98 -2.57
C TYR A 13 -12.63 0.84 -3.25
N MET A 14 -11.95 0.06 -2.43
CA MET A 14 -11.18 -1.06 -2.93
C MET A 14 -11.10 -2.18 -1.89
N SER A 15 -11.15 -3.41 -2.39
CA SER A 15 -11.07 -4.57 -1.51
C SER A 15 -9.61 -4.94 -1.25
N LYS A 16 -9.40 -5.61 -0.13
CA LYS A 16 -8.05 -6.03 0.24
C LYS A 16 -8.15 -7.17 1.27
N MET A 17 -7.16 -8.05 1.20
CA MET A 17 -7.11 -9.19 2.10
C MET A 17 -5.73 -9.83 2.11
N GLY A 18 -5.58 -10.82 2.97
CA GLY A 18 -4.31 -11.53 3.09
C GLY A 18 -4.22 -12.28 4.41
N ASN A 19 -4.26 -13.60 4.31
CA ASN A 19 -4.18 -14.45 5.48
C ASN A 19 -3.91 -15.89 5.06
N PRO A 20 -3.85 -16.80 6.07
CA PRO A 20 -3.59 -18.20 5.80
C PRO A 20 -4.83 -18.89 5.21
N PHE A 21 -5.81 -18.07 4.88
CA PHE A 21 -7.05 -18.58 4.30
C PHE A 21 -7.52 -17.71 3.14
N LEU A 22 -7.00 -18.00 1.96
CA LEU A 22 -7.36 -17.25 0.77
C LEU A 22 -8.65 -17.82 0.19
N THR A 23 -9.76 -17.35 0.73
CA THR A 23 -11.06 -17.81 0.27
C THR A 23 -12.11 -16.70 0.45
N GLN A 24 -11.88 -15.88 1.47
CA GLN A 24 -12.79 -14.79 1.76
C GLN A 24 -12.41 -13.54 0.95
N TRP A 25 -13.43 -12.77 0.60
CA TRP A 25 -13.22 -11.56 -0.17
C TRP A 25 -14.23 -10.51 0.30
N GLN A 26 -13.69 -9.44 0.87
CA GLN A 26 -14.52 -8.35 1.36
C GLN A 26 -13.96 -7.01 0.93
N ARG A 27 -14.84 -6.19 0.36
CA ARG A 27 -14.44 -4.87 -0.10
C ARG A 27 -14.54 -3.86 1.04
N ARG A 28 -13.55 -2.98 1.10
CA ARG A 28 -13.51 -1.95 2.13
C ARG A 28 -13.01 -0.64 1.54
N TYR A 29 -13.23 0.43 2.30
CA TYR A 29 -12.80 1.75 1.86
C TYR A 29 -11.37 2.05 2.33
N PHE A 30 -10.54 2.41 1.39
CA PHE A 30 -9.15 2.72 1.68
C PHE A 30 -8.80 4.15 1.28
N TYR A 31 -7.68 4.63 1.81
CA TYR A 31 -7.24 5.98 1.51
C TYR A 31 -5.73 6.03 1.32
N LEU A 32 -5.33 6.48 0.13
CA LEU A 32 -3.92 6.58 -0.20
C LEU A 32 -3.38 7.94 0.25
N PHE A 33 -2.67 7.92 1.37
CA PHE A 33 -2.11 9.14 1.92
C PHE A 33 -0.60 9.21 1.66
N PRO A 34 -0.08 10.46 1.57
CA PRO A 34 1.33 10.68 1.33
C PRO A 34 2.15 10.38 2.59
N ASN A 35 2.17 9.11 2.96
CA ASN A 35 2.90 8.68 4.14
C ASN A 35 2.11 7.60 4.87
N ARG A 36 0.81 7.82 4.94
CA ARG A 36 -0.07 6.86 5.61
C ARG A 36 -1.15 6.37 4.64
N LEU A 37 -2.06 5.57 5.17
CA LEU A 37 -3.14 5.02 4.37
C LEU A 37 -4.20 4.41 5.30
N GLU A 38 -5.43 4.88 5.15
CA GLU A 38 -6.52 4.39 5.96
C GLU A 38 -7.25 3.26 5.23
N TRP A 39 -7.87 2.40 6.02
CA TRP A 39 -8.61 1.28 5.46
C TRP A 39 -9.61 0.80 6.52
N ARG A 40 -10.86 1.19 6.30
CA ARG A 40 -11.92 0.82 7.23
C ARG A 40 -13.19 0.45 6.46
N GLY A 41 -14.24 0.15 7.21
CA GLY A 41 -15.51 -0.23 6.61
C GLY A 41 -16.48 -0.78 7.66
N GLU A 42 -17.16 -1.85 7.29
CA GLU A 42 -18.10 -2.48 8.18
C GLU A 42 -17.37 -3.34 9.21
N GLY A 43 -18.14 -3.85 10.17
CA GLY A 43 -17.57 -4.68 11.22
C GLY A 43 -16.99 -3.82 12.34
N GLU A 44 -15.72 -4.08 12.65
CA GLU A 44 -15.04 -3.34 13.69
C GLU A 44 -13.54 -3.64 13.67
N ALA A 45 -12.78 -2.77 14.30
CA ALA A 45 -11.35 -2.93 14.36
C ALA A 45 -10.73 -1.76 15.12
N PRO A 46 -9.50 -2.01 15.68
CA PRO A 46 -8.81 -0.98 16.43
C PRO A 46 -8.21 0.08 15.50
N GLN A 47 -6.98 -0.16 15.08
CA GLN A 47 -6.29 0.76 14.20
C GLN A 47 -6.14 0.14 12.81
N SER A 48 -6.43 0.94 11.79
CA SER A 48 -6.32 0.49 10.42
C SER A 48 -5.66 1.57 9.56
N LEU A 49 -4.53 2.04 10.03
CA LEU A 49 -3.79 3.07 9.31
C LEU A 49 -2.29 2.77 9.38
N LEU A 50 -1.72 2.51 8.21
CA LEU A 50 -0.30 2.21 8.13
C LEU A 50 0.41 3.33 7.37
N THR A 51 1.71 3.13 7.15
CA THR A 51 2.50 4.11 6.44
C THR A 51 2.80 3.64 5.01
N MET A 52 3.65 4.39 4.34
CA MET A 52 4.01 4.07 2.97
C MET A 52 5.53 4.06 2.80
N GLU A 53 6.21 3.73 3.88
CA GLU A 53 7.66 3.67 3.86
C GLU A 53 8.16 2.28 4.28
N GLU A 54 7.71 1.29 3.55
CA GLU A 54 8.10 -0.09 3.84
C GLU A 54 7.94 -0.96 2.59
N ILE A 55 6.76 -0.88 1.99
CA ILE A 55 6.47 -1.66 0.81
C ILE A 55 7.73 -1.76 -0.05
N GLN A 56 7.99 -2.97 -0.53
CA GLN A 56 9.16 -3.21 -1.36
C GLN A 56 8.84 -2.94 -2.83
N SER A 57 7.62 -3.29 -3.21
CA SER A 57 7.18 -3.09 -4.58
C SER A 57 5.70 -3.47 -4.71
N VAL A 58 4.95 -2.60 -5.38
CA VAL A 58 3.54 -2.83 -5.58
C VAL A 58 3.30 -3.28 -7.03
N GLU A 59 2.59 -4.40 -7.15
CA GLU A 59 2.29 -4.94 -8.46
C GLU A 59 0.97 -5.71 -8.42
N GLU A 60 0.70 -6.42 -9.52
CA GLU A 60 -0.53 -7.20 -9.62
C GLU A 60 -0.25 -8.54 -10.31
N THR A 61 -0.92 -9.57 -9.82
CA THR A 61 -0.76 -10.89 -10.37
C THR A 61 -1.94 -11.26 -11.27
N GLN A 62 -1.76 -12.29 -12.07
CA GLN A 62 -2.79 -12.74 -12.98
C GLN A 62 -3.01 -14.24 -12.84
N ILE A 63 -4.16 -14.69 -13.31
CA ILE A 63 -4.51 -16.10 -13.24
C ILE A 63 -5.33 -16.48 -14.46
N LYS A 64 -4.62 -16.79 -15.54
CA LYS A 64 -5.27 -17.17 -16.78
C LYS A 64 -5.71 -15.91 -17.54
N GLU A 65 -6.07 -14.90 -16.77
CA GLU A 65 -6.52 -13.64 -17.34
C GLU A 65 -6.32 -12.50 -16.34
N ARG A 66 -6.78 -12.74 -15.12
CA ARG A 66 -6.66 -11.74 -14.07
C ARG A 66 -6.72 -12.41 -12.69
N LYS A 67 -5.84 -11.95 -11.81
CA LYS A 67 -5.79 -12.50 -10.46
C LYS A 67 -6.17 -11.40 -9.46
N CYS A 68 -5.15 -10.78 -8.90
CA CYS A 68 -5.35 -9.73 -7.92
C CYS A 68 -4.10 -8.85 -7.89
N LEU A 69 -4.14 -7.85 -7.03
CA LEU A 69 -3.02 -6.93 -6.88
C LEU A 69 -2.14 -7.38 -5.72
N LEU A 70 -0.84 -7.25 -5.91
CA LEU A 70 0.11 -7.64 -4.88
C LEU A 70 0.69 -6.38 -4.22
N LEU A 71 1.28 -6.59 -3.06
CA LEU A 71 1.87 -5.48 -2.32
C LEU A 71 2.88 -6.04 -1.31
N LYS A 72 4.05 -6.38 -1.82
CA LYS A 72 5.11 -6.92 -0.97
C LYS A 72 5.76 -5.77 -0.18
N ILE A 73 6.07 -6.08 1.07
CA ILE A 73 6.69 -5.09 1.93
C ILE A 73 8.17 -5.43 2.12
N ARG A 74 8.98 -4.40 2.23
CA ARG A 74 10.41 -4.58 2.42
C ARG A 74 10.72 -4.96 3.87
N GLY A 75 9.66 -5.11 4.64
CA GLY A 75 9.79 -5.48 6.04
C GLY A 75 9.70 -7.00 6.22
N GLY A 76 9.05 -7.63 5.26
CA GLY A 76 8.89 -9.08 5.30
C GLY A 76 7.41 -9.45 5.45
N LYS A 77 6.57 -8.73 4.72
CA LYS A 77 5.14 -8.98 4.77
C LYS A 77 4.54 -8.68 3.39
N GLN A 78 3.92 -9.71 2.82
CA GLN A 78 3.29 -9.57 1.51
C GLN A 78 1.79 -9.36 1.66
N PHE A 79 1.23 -8.61 0.72
CA PHE A 79 -0.19 -8.33 0.73
C PHE A 79 -0.84 -8.69 -0.61
N ILE A 80 -2.15 -8.91 -0.55
CA ILE A 80 -2.89 -9.26 -1.76
C ILE A 80 -4.28 -8.63 -1.69
N LEU A 81 -4.45 -7.56 -2.45
CA LEU A 81 -5.72 -6.85 -2.48
C LEU A 81 -6.30 -6.94 -3.90
N GLN A 82 -7.58 -6.59 -3.99
CA GLN A 82 -8.26 -6.61 -5.27
C GLN A 82 -9.30 -5.50 -5.35
N CYS A 83 -9.89 -5.35 -6.53
CA CYS A 83 -10.90 -4.33 -6.73
C CYS A 83 -11.81 -4.77 -7.88
N ASP A 84 -12.99 -4.17 -7.93
CA ASP A 84 -13.95 -4.50 -8.98
C ASP A 84 -13.72 -3.58 -10.17
N SER A 85 -12.96 -2.52 -9.94
CA SER A 85 -12.65 -1.57 -10.99
C SER A 85 -11.31 -1.90 -11.65
N ASP A 86 -11.12 -1.36 -12.84
CA ASP A 86 -9.89 -1.59 -13.58
C ASP A 86 -8.88 -0.49 -13.24
N PRO A 87 -9.36 0.78 -13.34
CA PRO A 87 -8.52 1.92 -13.04
C PRO A 87 -8.29 2.08 -11.55
N GLU A 88 -9.40 2.10 -10.81
CA GLU A 88 -9.34 2.25 -9.38
C GLU A 88 -7.99 1.78 -8.85
N LEU A 89 -7.86 0.46 -8.71
CA LEU A 89 -6.63 -0.13 -8.22
C LEU A 89 -5.45 0.40 -9.04
N VAL A 90 -5.63 0.37 -10.35
CA VAL A 90 -4.59 0.84 -11.26
C VAL A 90 -4.03 2.16 -10.74
N GLN A 91 -4.91 3.13 -10.58
CA GLN A 91 -4.53 4.44 -10.09
C GLN A 91 -3.97 4.32 -8.67
N TRP A 92 -4.62 3.50 -7.87
CA TRP A 92 -4.21 3.29 -6.50
C TRP A 92 -2.74 2.88 -6.50
N LYS A 93 -2.41 2.01 -7.44
CA LYS A 93 -1.03 1.52 -7.57
C LYS A 93 -0.11 2.70 -7.91
N LYS A 94 -0.45 3.39 -8.98
CA LYS A 94 0.33 4.53 -9.42
C LYS A 94 0.68 5.39 -8.20
N GLU A 95 -0.35 5.76 -7.46
CA GLU A 95 -0.17 6.59 -6.28
C GLU A 95 0.57 5.80 -5.19
N LEU A 96 0.32 4.49 -5.17
CA LEU A 96 0.94 3.62 -4.20
C LEU A 96 2.44 3.53 -4.49
N ARG A 97 2.75 3.02 -5.68
CA ARG A 97 4.14 2.87 -6.09
C ARG A 97 4.96 4.09 -5.65
N ASP A 98 4.49 5.26 -6.04
CA ASP A 98 5.16 6.49 -5.70
C ASP A 98 5.18 6.65 -4.18
N ALA A 99 4.01 6.48 -3.58
CA ALA A 99 3.88 6.60 -2.14
C ALA A 99 5.00 5.81 -1.46
N TYR A 100 5.15 4.56 -1.89
CA TYR A 100 6.18 3.71 -1.33
C TYR A 100 7.57 4.14 -1.81
N ARG A 101 7.62 4.57 -3.06
CA ARG A 101 8.88 5.03 -3.64
C ARG A 101 9.37 6.29 -2.94
N GLU A 102 8.62 7.36 -3.11
CA GLU A 102 8.97 8.63 -2.49
C GLU A 102 9.49 8.40 -1.07
N ALA A 103 8.68 7.73 -0.28
CA ALA A 103 9.03 7.45 1.10
C ALA A 103 10.45 6.85 1.14
N GLN A 104 10.71 5.96 0.19
CA GLN A 104 12.01 5.33 0.10
C GLN A 104 13.04 6.30 -0.49
N GLN A 105 12.78 6.71 -1.71
CA GLN A 105 13.67 7.63 -2.39
C GLN A 105 13.92 8.87 -1.54
N LEU A 106 12.97 9.13 -0.64
CA LEU A 106 13.07 10.27 0.24
C LEU A 106 13.86 9.88 1.50
N VAL A 107 13.93 8.57 1.73
CA VAL A 107 14.66 8.05 2.88
C VAL A 107 15.85 7.22 2.40
N GLN A 108 16.17 7.40 1.13
CA GLN A 108 17.29 6.67 0.54
C GLN A 108 18.60 7.39 0.81
N ARG A 109 18.78 7.80 2.06
CA ARG A 109 19.98 8.51 2.45
C ARG A 109 21.07 7.51 2.83
N VAL A 110 20.87 6.27 2.44
CA VAL A 110 21.82 5.22 2.73
C VAL A 110 22.82 5.10 1.57
N PRO A 111 23.98 4.45 1.87
CA PRO A 111 25.01 4.26 0.87
C PRO A 111 24.62 3.17 -0.13
N LYS A 112 25.52 2.93 -1.08
CA LYS A 112 25.28 1.94 -2.10
C LYS A 112 25.21 0.54 -1.45
N MET A 113 23.99 0.14 -1.13
CA MET A 113 23.78 -1.16 -0.50
C MET A 113 24.48 -1.23 0.85
N LYS A 114 23.99 -2.13 1.69
CA LYS A 114 24.56 -2.32 3.01
C LYS A 114 25.81 -3.20 2.91
N ASN A 115 26.95 -2.53 2.77
CA ASN A 115 28.21 -3.25 2.66
C ASN A 115 28.72 -3.60 4.07
N LYS A 116 27.90 -4.33 4.79
CA LYS A 116 28.25 -4.74 6.14
C LYS A 116 27.26 -5.80 6.62
N PRO A 117 27.77 -7.07 6.70
CA PRO A 117 26.95 -8.18 7.14
C PRO A 117 26.73 -8.14 8.65
N ARG A 118 27.72 -7.60 9.35
CA ARG A 118 27.65 -7.49 10.79
C ARG A 118 28.96 -6.94 11.35
N SER A 119 28.91 -6.54 12.62
CA SER A 119 30.08 -5.98 13.27
C SER A 119 30.99 -7.11 13.75
N GLY A 1 -1.46 13.69 16.71
CA GLY A 1 -0.29 14.45 16.29
C GLY A 1 -0.07 14.31 14.79
N SER A 2 1.08 13.74 14.43
CA SER A 2 1.42 13.55 13.03
C SER A 2 1.56 14.90 12.34
N HIS A 3 2.56 14.97 11.47
CA HIS A 3 2.83 16.20 10.73
C HIS A 3 3.47 15.86 9.39
N MET A 4 2.71 15.15 8.56
CA MET A 4 3.20 14.76 7.26
C MET A 4 2.21 15.16 6.16
N GLY A 5 2.29 16.43 5.77
CA GLY A 5 1.40 16.94 4.74
C GLY A 5 -0.06 16.72 5.11
N LYS A 6 -0.93 17.31 4.31
CA LYS A 6 -2.36 17.18 4.54
C LYS A 6 -3.10 17.28 3.20
N ASP A 7 -2.82 16.31 2.34
CA ASP A 7 -3.46 16.27 1.02
C ASP A 7 -3.47 14.84 0.51
N CYS A 8 -4.66 14.27 0.47
CA CYS A 8 -4.83 12.90 0.01
C CYS A 8 -4.57 12.87 -1.50
N ILE A 9 -3.96 11.79 -1.94
CA ILE A 9 -3.65 11.62 -3.36
C ILE A 9 -4.87 11.01 -4.07
N MET A 10 -5.28 9.85 -3.57
CA MET A 10 -6.42 9.17 -4.16
C MET A 10 -7.23 8.45 -3.08
N HIS A 11 -8.55 8.55 -3.21
CA HIS A 11 -9.45 7.92 -2.25
C HIS A 11 -10.60 7.26 -3.00
N GLY A 12 -11.06 6.15 -2.43
CA GLY A 12 -12.17 5.41 -3.03
C GLY A 12 -12.43 4.11 -2.27
N TYR A 13 -13.14 3.21 -2.93
CA TYR A 13 -13.47 1.92 -2.33
C TYR A 13 -12.60 0.81 -2.90
N MET A 14 -11.91 0.11 -2.01
CA MET A 14 -11.05 -0.98 -2.41
C MET A 14 -11.36 -2.25 -1.63
N SER A 15 -10.49 -3.24 -1.80
CA SER A 15 -10.67 -4.51 -1.11
C SER A 15 -9.30 -5.15 -0.84
N LYS A 16 -9.15 -5.64 0.38
CA LYS A 16 -7.90 -6.27 0.77
C LYS A 16 -8.21 -7.64 1.39
N MET A 17 -7.19 -8.48 1.41
CA MET A 17 -7.32 -9.82 1.96
C MET A 17 -6.02 -10.60 1.84
N GLY A 18 -6.01 -11.76 2.49
CA GLY A 18 -4.83 -12.62 2.46
C GLY A 18 -4.82 -13.59 3.64
N ASN A 19 -4.86 -14.87 3.31
CA ASN A 19 -4.87 -15.91 4.33
C ASN A 19 -4.56 -17.26 3.67
N PRO A 20 -4.57 -18.32 4.53
CA PRO A 20 -4.30 -19.67 4.04
C PRO A 20 -5.50 -20.23 3.28
N PHE A 21 -6.47 -19.36 3.05
CA PHE A 21 -7.68 -19.75 2.34
C PHE A 21 -8.13 -18.65 1.38
N LEU A 22 -7.58 -18.68 0.17
CA LEU A 22 -7.92 -17.69 -0.83
C LEU A 22 -9.19 -18.12 -1.56
N THR A 23 -10.32 -17.78 -0.96
CA THR A 23 -11.61 -18.13 -1.54
C THR A 23 -12.66 -17.08 -1.16
N GLN A 24 -12.26 -16.18 -0.27
CA GLN A 24 -13.15 -15.13 0.17
C GLN A 24 -12.59 -13.76 -0.22
N TRP A 25 -13.46 -12.76 -0.16
CA TRP A 25 -13.07 -11.40 -0.49
C TRP A 25 -13.86 -10.44 0.40
N GLN A 26 -13.17 -9.39 0.85
CA GLN A 26 -13.80 -8.40 1.70
C GLN A 26 -13.60 -7.00 1.12
N ARG A 27 -14.71 -6.34 0.85
CA ARG A 27 -14.67 -4.99 0.29
C ARG A 27 -14.72 -3.96 1.41
N ARG A 28 -13.67 -3.16 1.49
CA ARG A 28 -13.57 -2.13 2.50
C ARG A 28 -13.11 -0.81 1.88
N TYR A 29 -13.25 0.26 2.65
CA TYR A 29 -12.85 1.57 2.19
C TYR A 29 -11.37 1.81 2.46
N PHE A 30 -10.68 2.28 1.42
CA PHE A 30 -9.25 2.56 1.53
C PHE A 30 -8.97 4.05 1.38
N TYR A 31 -7.72 4.42 1.61
CA TYR A 31 -7.32 5.81 1.50
C TYR A 31 -5.81 5.92 1.27
N LEU A 32 -5.45 6.21 0.03
CA LEU A 32 -4.05 6.34 -0.34
C LEU A 32 -3.59 7.77 -0.06
N PHE A 33 -2.74 7.92 0.94
CA PHE A 33 -2.23 9.22 1.31
C PHE A 33 -0.80 9.42 0.79
N PRO A 34 -0.28 10.66 0.98
CA PRO A 34 1.07 10.98 0.55
C PRO A 34 2.11 10.36 1.48
N ASN A 35 1.62 9.62 2.46
CA ASN A 35 2.49 8.98 3.42
C ASN A 35 1.70 7.92 4.20
N ARG A 36 0.48 8.29 4.56
CA ARG A 36 -0.38 7.39 5.30
C ARG A 36 -1.18 6.50 4.33
N LEU A 37 -2.07 5.71 4.91
CA LEU A 37 -2.89 4.81 4.11
C LEU A 37 -3.79 3.99 5.04
N GLU A 38 -5.07 4.35 5.05
CA GLU A 38 -6.04 3.66 5.88
C GLU A 38 -6.84 2.66 5.05
N TRP A 39 -7.23 1.58 5.71
CA TRP A 39 -8.00 0.54 5.04
C TRP A 39 -8.99 -0.05 6.06
N ARG A 40 -10.16 0.56 6.13
CA ARG A 40 -11.19 0.12 7.03
C ARG A 40 -12.51 -0.08 6.30
N GLY A 41 -13.47 -0.66 7.01
CA GLY A 41 -14.77 -0.93 6.43
C GLY A 41 -15.76 0.20 6.76
N GLU A 42 -16.98 -0.21 7.09
CA GLU A 42 -18.02 0.75 7.43
C GLU A 42 -17.90 1.16 8.91
N GLY A 43 -18.87 1.94 9.35
CA GLY A 43 -18.88 2.40 10.74
C GLY A 43 -18.26 1.35 11.67
N GLU A 44 -17.35 1.83 12.50
CA GLU A 44 -16.67 0.96 13.44
C GLU A 44 -15.71 0.02 12.70
N ALA A 45 -14.57 -0.24 13.34
CA ALA A 45 -13.58 -1.12 12.76
C ALA A 45 -12.33 -1.10 13.64
N PRO A 46 -11.45 -2.12 13.40
CA PRO A 46 -10.23 -2.24 14.17
C PRO A 46 -9.19 -1.20 13.71
N GLN A 47 -7.98 -1.35 14.24
CA GLN A 47 -6.90 -0.44 13.90
C GLN A 47 -6.14 -0.95 12.68
N SER A 48 -6.23 -0.20 11.60
CA SER A 48 -5.56 -0.56 10.36
C SER A 48 -5.18 0.69 9.58
N LEU A 49 -4.17 1.39 10.10
CA LEU A 49 -3.70 2.61 9.47
C LEU A 49 -2.17 2.66 9.55
N LEU A 50 -1.55 2.64 8.38
CA LEU A 50 -0.10 2.67 8.30
C LEU A 50 0.33 3.77 7.31
N THR A 51 1.61 3.75 6.98
CA THR A 51 2.15 4.74 6.05
C THR A 51 2.57 4.06 4.74
N MET A 52 3.39 4.76 3.99
CA MET A 52 3.87 4.24 2.72
C MET A 52 5.40 4.25 2.67
N GLU A 53 6.00 3.90 3.80
CA GLU A 53 7.45 3.85 3.90
C GLU A 53 7.90 2.49 4.41
N GLU A 54 7.51 1.45 3.67
CA GLU A 54 7.87 0.10 4.04
C GLU A 54 7.78 -0.83 2.82
N ILE A 55 6.62 -0.78 2.17
CA ILE A 55 6.39 -1.60 1.00
C ILE A 55 7.71 -1.79 0.25
N GLN A 56 7.93 -3.02 -0.19
CA GLN A 56 9.14 -3.35 -0.92
C GLN A 56 8.93 -3.18 -2.42
N SER A 57 7.72 -3.52 -2.86
CA SER A 57 7.37 -3.41 -4.26
C SER A 57 5.89 -3.72 -4.45
N VAL A 58 5.24 -2.88 -5.26
CA VAL A 58 3.82 -3.05 -5.53
C VAL A 58 3.65 -3.62 -6.94
N GLU A 59 2.89 -4.70 -7.02
CA GLU A 59 2.63 -5.35 -8.29
C GLU A 59 1.28 -6.05 -8.27
N GLU A 60 0.91 -6.59 -9.42
CA GLU A 60 -0.36 -7.29 -9.55
C GLU A 60 -0.18 -8.56 -10.37
N THR A 61 -0.83 -9.62 -9.90
CA THR A 61 -0.76 -10.91 -10.59
C THR A 61 -1.95 -11.09 -11.52
N GLN A 62 -1.81 -12.03 -12.44
CA GLN A 62 -2.87 -12.32 -13.39
C GLN A 62 -3.16 -13.81 -13.43
N ILE A 63 -4.38 -14.14 -13.81
CA ILE A 63 -4.80 -15.53 -13.90
C ILE A 63 -5.71 -15.71 -15.11
N LYS A 64 -5.09 -15.93 -16.26
CA LYS A 64 -5.82 -16.12 -17.49
C LYS A 64 -6.18 -14.75 -18.08
N GLU A 65 -6.46 -13.81 -17.19
CA GLU A 65 -6.82 -12.46 -17.60
C GLU A 65 -6.53 -11.47 -16.48
N ARG A 66 -6.97 -11.82 -15.28
CA ARG A 66 -6.76 -10.98 -14.12
C ARG A 66 -6.82 -11.80 -12.84
N LYS A 67 -5.97 -11.43 -11.90
CA LYS A 67 -5.92 -12.13 -10.63
C LYS A 67 -6.23 -11.14 -9.50
N CYS A 68 -5.17 -10.58 -8.93
CA CYS A 68 -5.33 -9.63 -7.85
C CYS A 68 -4.05 -8.79 -7.76
N LEU A 69 -4.17 -7.65 -7.09
CA LEU A 69 -3.04 -6.75 -6.93
C LEU A 69 -2.20 -7.21 -5.74
N LEU A 70 -0.90 -7.32 -5.98
CA LEU A 70 0.02 -7.74 -4.93
C LEU A 70 0.59 -6.50 -4.23
N LEU A 71 1.04 -6.71 -3.00
CA LEU A 71 1.60 -5.63 -2.22
C LEU A 71 2.55 -6.21 -1.16
N LYS A 72 3.80 -6.40 -1.58
CA LYS A 72 4.80 -6.94 -0.68
C LYS A 72 5.47 -5.80 0.10
N ILE A 73 5.69 -6.06 1.37
CA ILE A 73 6.31 -5.07 2.24
C ILE A 73 7.76 -5.46 2.50
N ARG A 74 8.61 -4.45 2.61
CA ARG A 74 10.02 -4.68 2.86
C ARG A 74 10.26 -5.01 4.33
N GLY A 75 9.15 -5.08 5.07
CA GLY A 75 9.22 -5.40 6.49
C GLY A 75 9.09 -6.91 6.72
N GLY A 76 8.62 -7.59 5.69
CA GLY A 76 8.45 -9.04 5.77
C GLY A 76 6.97 -9.41 5.89
N LYS A 77 6.15 -8.72 5.10
CA LYS A 77 4.72 -8.96 5.12
C LYS A 77 4.15 -8.66 3.73
N GLN A 78 3.51 -9.68 3.16
CA GLN A 78 2.92 -9.53 1.84
C GLN A 78 1.40 -9.34 1.97
N PHE A 79 0.86 -8.57 1.03
CA PHE A 79 -0.57 -8.30 1.02
C PHE A 79 -1.15 -8.43 -0.39
N ILE A 80 -2.40 -8.83 -0.44
CA ILE A 80 -3.08 -8.99 -1.73
C ILE A 80 -4.44 -8.31 -1.67
N LEU A 81 -4.53 -7.17 -2.34
CA LEU A 81 -5.76 -6.41 -2.39
C LEU A 81 -6.31 -6.40 -3.81
N GLN A 82 -7.63 -6.46 -3.90
CA GLN A 82 -8.30 -6.45 -5.19
C GLN A 82 -9.28 -5.29 -5.29
N CYS A 83 -9.91 -5.18 -6.45
CA CYS A 83 -10.87 -4.12 -6.69
C CYS A 83 -11.89 -4.60 -7.73
N ASP A 84 -12.99 -3.88 -7.82
CA ASP A 84 -14.04 -4.22 -8.76
C ASP A 84 -13.90 -3.35 -10.01
N SER A 85 -13.05 -2.35 -9.89
CA SER A 85 -12.82 -1.43 -11.00
C SER A 85 -11.60 -1.89 -11.81
N ASP A 86 -11.30 -1.12 -12.85
CA ASP A 86 -10.16 -1.43 -13.70
C ASP A 86 -9.04 -0.43 -13.43
N PRO A 87 -9.37 0.87 -13.60
CA PRO A 87 -8.40 1.93 -13.37
C PRO A 87 -8.17 2.14 -11.87
N GLU A 88 -9.26 2.09 -11.12
CA GLU A 88 -9.19 2.27 -9.68
C GLU A 88 -7.81 1.88 -9.16
N LEU A 89 -7.63 0.59 -8.95
CA LEU A 89 -6.36 0.07 -8.46
C LEU A 89 -5.22 0.66 -9.28
N VAL A 90 -5.39 0.58 -10.60
CA VAL A 90 -4.38 1.10 -11.51
C VAL A 90 -3.88 2.46 -11.00
N GLN A 91 -4.84 3.34 -10.75
CA GLN A 91 -4.51 4.67 -10.26
C GLN A 91 -3.95 4.59 -8.83
N TRP A 92 -4.56 3.72 -8.05
CA TRP A 92 -4.15 3.54 -6.67
C TRP A 92 -2.68 3.13 -6.67
N LYS A 93 -2.34 2.24 -7.62
CA LYS A 93 -0.98 1.76 -7.74
C LYS A 93 -0.06 2.94 -8.07
N LYS A 94 -0.37 3.61 -9.16
CA LYS A 94 0.41 4.76 -9.59
C LYS A 94 0.80 5.60 -8.38
N GLU A 95 -0.22 6.01 -7.63
CA GLU A 95 0.00 6.80 -6.44
C GLU A 95 0.71 5.98 -5.36
N LEU A 96 0.38 4.70 -5.32
CA LEU A 96 0.97 3.79 -4.35
C LEU A 96 2.47 3.69 -4.62
N ARG A 97 2.80 3.16 -5.78
CA ARG A 97 4.20 3.00 -6.17
C ARG A 97 5.01 4.20 -5.70
N ASP A 98 4.54 5.38 -6.08
CA ASP A 98 5.21 6.62 -5.73
C ASP A 98 5.21 6.77 -4.21
N ALA A 99 4.08 6.41 -3.61
CA ALA A 99 3.94 6.50 -2.17
C ALA A 99 5.08 5.74 -1.50
N TYR A 100 5.28 4.50 -1.96
CA TYR A 100 6.33 3.66 -1.41
C TYR A 100 7.70 4.11 -1.91
N ARG A 101 7.74 4.48 -3.18
CA ARG A 101 8.98 4.92 -3.81
C ARG A 101 9.49 6.19 -3.11
N GLU A 102 8.68 7.23 -3.18
CA GLU A 102 9.03 8.50 -2.57
C GLU A 102 9.56 8.28 -1.15
N ALA A 103 8.72 7.65 -0.34
CA ALA A 103 9.08 7.37 1.04
C ALA A 103 10.52 6.82 1.08
N GLN A 104 10.85 6.02 0.08
CA GLN A 104 12.17 5.44 -0.01
C GLN A 104 13.21 6.50 -0.39
N GLN A 105 13.08 6.99 -1.61
CA GLN A 105 14.00 8.01 -2.11
C GLN A 105 14.06 9.18 -1.13
N LEU A 106 13.03 9.28 -0.30
CA LEU A 106 12.96 10.34 0.69
C LEU A 106 13.68 9.89 1.96
N VAL A 107 13.73 8.58 2.15
CA VAL A 107 14.38 8.02 3.32
C VAL A 107 15.68 7.34 2.89
N GLN A 108 16.09 7.64 1.68
CA GLN A 108 17.32 7.06 1.14
C GLN A 108 18.53 7.90 1.56
N ARG A 109 18.56 8.23 2.84
CA ARG A 109 19.65 9.02 3.39
C ARG A 109 20.80 8.12 3.82
N VAL A 110 20.74 6.87 3.37
CA VAL A 110 21.77 5.90 3.69
C VAL A 110 23.14 6.51 3.46
N PRO A 111 23.98 6.49 4.54
CA PRO A 111 25.32 7.04 4.46
C PRO A 111 26.25 6.11 3.67
N LYS A 112 25.85 5.83 2.44
CA LYS A 112 26.64 4.96 1.59
C LYS A 112 27.13 3.76 2.40
N MET A 113 26.17 2.97 2.89
CA MET A 113 26.50 1.80 3.67
C MET A 113 27.68 2.07 4.60
N LYS A 114 27.38 2.67 5.74
CA LYS A 114 28.40 3.00 6.72
C LYS A 114 28.38 1.95 7.83
N ASN A 115 27.18 1.67 8.32
CA ASN A 115 27.01 0.69 9.38
C ASN A 115 27.43 -0.69 8.87
N LYS A 116 27.31 -0.87 7.56
CA LYS A 116 27.67 -2.12 6.94
C LYS A 116 26.71 -3.22 7.43
N PRO A 117 26.30 -4.10 6.47
CA PRO A 117 25.40 -5.19 6.79
C PRO A 117 26.12 -6.29 7.56
N ARG A 118 27.37 -6.54 7.15
CA ARG A 118 28.17 -7.57 7.79
C ARG A 118 28.94 -6.98 8.97
N SER A 119 29.71 -5.95 8.68
CA SER A 119 30.51 -5.29 9.70
C SER A 119 31.47 -6.28 10.34
N GLY A 1 7.86 12.30 17.11
CA GLY A 1 8.07 12.48 15.68
C GLY A 1 7.29 13.68 15.17
N SER A 2 7.05 13.68 13.86
CA SER A 2 6.32 14.75 13.23
C SER A 2 5.33 14.19 12.20
N HIS A 3 4.39 15.04 11.80
CA HIS A 3 3.39 14.63 10.83
C HIS A 3 3.73 15.23 9.47
N MET A 4 2.95 14.85 8.47
CA MET A 4 3.15 15.34 7.12
C MET A 4 1.97 16.21 6.67
N GLY A 5 1.95 16.49 5.38
CA GLY A 5 0.89 17.31 4.81
C GLY A 5 -0.48 16.76 5.17
N LYS A 6 -1.50 17.34 4.56
CA LYS A 6 -2.87 16.92 4.82
C LYS A 6 -3.65 16.94 3.50
N ASP A 7 -3.30 16.01 2.63
CA ASP A 7 -3.97 15.90 1.34
C ASP A 7 -3.84 14.47 0.81
N CYS A 8 -4.97 13.78 0.80
CA CYS A 8 -5.01 12.40 0.33
C CYS A 8 -4.76 12.41 -1.18
N ILE A 9 -4.06 11.39 -1.64
CA ILE A 9 -3.75 11.25 -3.05
C ILE A 9 -4.93 10.59 -3.77
N MET A 10 -5.21 9.36 -3.36
CA MET A 10 -6.30 8.61 -3.95
C MET A 10 -7.20 8.00 -2.88
N HIS A 11 -8.50 8.12 -3.09
CA HIS A 11 -9.47 7.58 -2.15
C HIS A 11 -10.57 6.86 -2.91
N GLY A 12 -11.04 5.76 -2.32
CA GLY A 12 -12.09 4.97 -2.92
C GLY A 12 -12.23 3.62 -2.24
N TYR A 13 -12.88 2.69 -2.93
CA TYR A 13 -13.09 1.36 -2.39
C TYR A 13 -11.98 0.41 -2.84
N MET A 14 -11.38 -0.25 -1.87
CA MET A 14 -10.30 -1.19 -2.15
C MET A 14 -10.44 -2.46 -1.29
N SER A 15 -10.50 -3.58 -1.98
CA SER A 15 -10.62 -4.86 -1.31
C SER A 15 -9.26 -5.56 -1.23
N LYS A 16 -8.65 -5.45 -0.06
CA LYS A 16 -7.35 -6.05 0.17
C LYS A 16 -7.34 -6.72 1.54
N MET A 17 -6.33 -7.57 1.74
CA MET A 17 -6.19 -8.28 3.00
C MET A 17 -4.85 -9.02 3.07
N GLY A 18 -4.53 -9.48 4.27
CA GLY A 18 -3.28 -10.20 4.47
C GLY A 18 -3.39 -11.13 5.69
N ASN A 19 -3.21 -12.42 5.44
CA ASN A 19 -3.28 -13.40 6.50
C ASN A 19 -2.71 -14.73 6.00
N PRO A 20 -2.74 -15.76 6.89
CA PRO A 20 -2.23 -17.07 6.55
C PRO A 20 -3.20 -17.80 5.61
N PHE A 21 -4.03 -17.02 4.93
CA PHE A 21 -5.00 -17.59 4.01
C PHE A 21 -5.19 -16.68 2.79
N LEU A 22 -4.35 -16.91 1.80
CA LEU A 22 -4.41 -16.12 0.57
C LEU A 22 -5.47 -16.72 -0.36
N THR A 23 -6.71 -16.33 -0.14
CA THR A 23 -7.81 -16.82 -0.95
C THR A 23 -9.03 -15.90 -0.80
N GLN A 24 -9.20 -15.39 0.41
CA GLN A 24 -10.32 -14.50 0.69
C GLN A 24 -9.94 -13.06 0.37
N TRP A 25 -10.96 -12.22 0.27
CA TRP A 25 -10.75 -10.81 -0.03
C TRP A 25 -11.93 -10.03 0.54
N GLN A 26 -11.59 -9.04 1.37
CA GLN A 26 -12.61 -8.22 1.99
C GLN A 26 -12.73 -6.87 1.26
N ARG A 27 -13.96 -6.42 1.12
CA ARG A 27 -14.22 -5.16 0.43
C ARG A 27 -14.35 -4.02 1.45
N ARG A 28 -13.31 -3.22 1.52
CA ARG A 28 -13.29 -2.10 2.44
C ARG A 28 -12.77 -0.84 1.75
N TYR A 29 -13.09 0.30 2.34
CA TYR A 29 -12.66 1.58 1.78
C TYR A 29 -11.30 1.98 2.33
N PHE A 30 -10.38 2.25 1.41
CA PHE A 30 -9.04 2.66 1.79
C PHE A 30 -8.76 4.11 1.36
N TYR A 31 -7.63 4.61 1.82
CA TYR A 31 -7.23 5.97 1.49
C TYR A 31 -5.72 6.07 1.31
N LEU A 32 -5.33 6.47 0.10
CA LEU A 32 -3.92 6.61 -0.22
C LEU A 32 -3.46 8.03 0.13
N PHE A 33 -2.64 8.11 1.17
CA PHE A 33 -2.12 9.39 1.61
C PHE A 33 -0.69 9.61 1.11
N PRO A 34 -0.17 10.84 1.38
CA PRO A 34 1.17 11.19 0.97
C PRO A 34 2.21 10.51 1.86
N ASN A 35 1.73 9.58 2.68
CA ASN A 35 2.61 8.86 3.58
C ASN A 35 1.78 7.88 4.42
N ARG A 36 0.60 8.35 4.82
CA ARG A 36 -0.29 7.53 5.62
C ARG A 36 -1.18 6.68 4.72
N LEU A 37 -2.17 6.05 5.34
CA LEU A 37 -3.09 5.20 4.60
C LEU A 37 -4.17 4.69 5.56
N GLU A 38 -5.39 5.15 5.32
CA GLU A 38 -6.53 4.75 6.15
C GLU A 38 -7.37 3.71 5.42
N TRP A 39 -7.94 2.80 6.21
CA TRP A 39 -8.77 1.75 5.65
C TRP A 39 -9.78 1.33 6.72
N ARG A 40 -11.06 1.50 6.40
CA ARG A 40 -12.12 1.15 7.32
C ARG A 40 -13.29 0.49 6.57
N GLY A 41 -14.36 0.24 7.30
CA GLY A 41 -15.54 -0.38 6.71
C GLY A 41 -16.66 -0.49 7.74
N GLU A 42 -17.82 -0.92 7.25
CA GLU A 42 -18.98 -1.08 8.12
C GLU A 42 -18.76 -2.24 9.10
N GLY A 43 -19.25 -2.04 10.32
CA GLY A 43 -19.11 -3.05 11.35
C GLY A 43 -18.40 -2.49 12.58
N GLU A 44 -17.47 -3.28 13.11
CA GLU A 44 -16.72 -2.87 14.27
C GLU A 44 -15.24 -3.23 14.10
N ALA A 45 -14.39 -2.31 14.54
CA ALA A 45 -12.96 -2.51 14.45
C ALA A 45 -12.23 -1.25 14.93
N PRO A 46 -10.93 -1.44 15.27
CA PRO A 46 -10.12 -0.33 15.74
C PRO A 46 -9.72 0.59 14.59
N GLN A 47 -8.86 1.54 14.90
CA GLN A 47 -8.39 2.50 13.90
C GLN A 47 -7.20 1.91 13.14
N SER A 48 -7.28 1.99 11.82
CA SER A 48 -6.22 1.47 10.97
C SER A 48 -5.71 2.58 10.04
N LEU A 49 -4.59 3.16 10.43
CA LEU A 49 -3.99 4.23 9.64
C LEU A 49 -2.48 4.00 9.55
N LEU A 50 -2.09 3.15 8.61
CA LEU A 50 -0.69 2.83 8.41
C LEU A 50 -0.06 3.91 7.50
N THR A 51 1.18 3.64 7.12
CA THR A 51 1.90 4.56 6.26
C THR A 51 2.28 3.89 4.94
N MET A 52 3.11 4.57 4.17
CA MET A 52 3.55 4.06 2.88
C MET A 52 5.07 4.05 2.79
N GLU A 53 5.70 3.74 3.92
CA GLU A 53 7.15 3.70 3.97
C GLU A 53 7.63 2.33 4.48
N GLU A 54 7.24 1.30 3.74
CA GLU A 54 7.61 -0.06 4.10
C GLU A 54 7.53 -0.98 2.88
N ILE A 55 6.40 -0.89 2.19
CA ILE A 55 6.18 -1.70 1.01
C ILE A 55 7.48 -1.79 0.21
N GLN A 56 7.74 -2.97 -0.34
CA GLN A 56 8.94 -3.20 -1.12
C GLN A 56 8.66 -2.91 -2.59
N SER A 57 7.48 -3.32 -3.03
CA SER A 57 7.07 -3.12 -4.41
C SER A 57 5.62 -3.57 -4.61
N VAL A 58 4.86 -2.71 -5.27
CA VAL A 58 3.46 -3.00 -5.53
C VAL A 58 3.28 -3.41 -7.00
N GLU A 59 2.45 -4.41 -7.20
CA GLU A 59 2.19 -4.90 -8.55
C GLU A 59 0.86 -5.67 -8.58
N GLU A 60 0.61 -6.30 -9.72
CA GLU A 60 -0.62 -7.06 -9.90
C GLU A 60 -0.32 -8.38 -10.63
N THR A 61 -1.04 -9.41 -10.22
CA THR A 61 -0.87 -10.73 -10.83
C THR A 61 -2.05 -11.06 -11.72
N GLN A 62 -1.87 -12.08 -12.55
CA GLN A 62 -2.92 -12.52 -13.45
C GLN A 62 -3.13 -14.02 -13.34
N ILE A 63 -4.31 -14.45 -13.77
CA ILE A 63 -4.65 -15.86 -13.72
C ILE A 63 -5.53 -16.22 -14.92
N LYS A 64 -4.87 -16.49 -16.04
CA LYS A 64 -5.58 -16.84 -17.26
C LYS A 64 -6.05 -15.56 -17.95
N GLU A 65 -6.39 -14.57 -17.13
CA GLU A 65 -6.86 -13.30 -17.65
C GLU A 65 -6.63 -12.19 -16.62
N ARG A 66 -7.03 -12.46 -15.40
CA ARG A 66 -6.86 -11.51 -14.32
C ARG A 66 -6.87 -12.21 -12.97
N LYS A 67 -5.96 -11.78 -12.10
CA LYS A 67 -5.85 -12.37 -10.77
C LYS A 67 -6.21 -11.31 -9.73
N CYS A 68 -5.17 -10.68 -9.20
CA CYS A 68 -5.36 -9.65 -8.19
C CYS A 68 -4.12 -8.75 -8.18
N LEU A 69 -4.12 -7.82 -7.24
CA LEU A 69 -2.99 -6.89 -7.11
C LEU A 69 -2.11 -7.34 -5.95
N LEU A 70 -0.82 -7.42 -6.23
CA LEU A 70 0.15 -7.84 -5.22
C LEU A 70 0.58 -6.62 -4.41
N LEU A 71 1.14 -6.89 -3.23
CA LEU A 71 1.60 -5.83 -2.36
C LEU A 71 2.62 -6.40 -1.38
N LYS A 72 3.86 -6.48 -1.84
CA LYS A 72 4.93 -7.01 -1.02
C LYS A 72 5.52 -5.87 -0.17
N ILE A 73 5.82 -6.20 1.07
CA ILE A 73 6.39 -5.23 1.99
C ILE A 73 7.88 -5.51 2.18
N ARG A 74 8.63 -4.43 2.34
CA ARG A 74 10.07 -4.54 2.53
C ARG A 74 10.38 -4.95 3.97
N GLY A 75 9.33 -5.17 4.74
CA GLY A 75 9.47 -5.56 6.13
C GLY A 75 9.53 -7.09 6.27
N GLY A 76 9.16 -7.76 5.19
CA GLY A 76 9.17 -9.21 5.18
C GLY A 76 7.76 -9.77 5.23
N LYS A 77 6.89 -9.16 4.45
CA LYS A 77 5.49 -9.58 4.39
C LYS A 77 4.95 -9.34 2.98
N GLN A 78 3.81 -9.97 2.72
CA GLN A 78 3.18 -9.84 1.41
C GLN A 78 1.67 -9.61 1.58
N PHE A 79 1.11 -8.85 0.65
CA PHE A 79 -0.31 -8.55 0.68
C PHE A 79 -0.92 -8.67 -0.72
N ILE A 80 -2.24 -8.78 -0.73
CA ILE A 80 -2.96 -8.91 -1.99
C ILE A 80 -4.17 -7.97 -1.97
N LEU A 81 -4.41 -7.35 -3.12
CA LEU A 81 -5.52 -6.43 -3.26
C LEU A 81 -6.42 -6.88 -4.42
N GLN A 82 -7.67 -6.44 -4.37
CA GLN A 82 -8.62 -6.78 -5.40
C GLN A 82 -9.74 -5.74 -5.47
N CYS A 83 -10.14 -5.42 -6.69
CA CYS A 83 -11.19 -4.43 -6.90
C CYS A 83 -11.94 -4.81 -8.18
N ASP A 84 -13.07 -4.14 -8.39
CA ASP A 84 -13.88 -4.39 -9.56
C ASP A 84 -13.52 -3.38 -10.65
N SER A 85 -12.87 -2.30 -10.22
CA SER A 85 -12.45 -1.26 -11.15
C SER A 85 -11.07 -1.60 -11.72
N ASP A 86 -10.93 -1.33 -13.00
CA ASP A 86 -9.67 -1.59 -13.69
C ASP A 86 -8.68 -0.46 -13.38
N PRO A 87 -9.21 0.80 -13.47
CA PRO A 87 -8.40 1.97 -13.21
C PRO A 87 -8.15 2.14 -11.70
N GLU A 88 -9.24 2.13 -10.96
CA GLU A 88 -9.15 2.28 -9.51
C GLU A 88 -7.78 1.80 -9.01
N LEU A 89 -7.63 0.48 -8.96
CA LEU A 89 -6.39 -0.11 -8.50
C LEU A 89 -5.23 0.48 -9.30
N VAL A 90 -5.40 0.49 -10.61
CA VAL A 90 -4.38 1.01 -11.50
C VAL A 90 -3.86 2.34 -10.94
N GLN A 91 -4.78 3.26 -10.74
CA GLN A 91 -4.44 4.57 -10.22
C GLN A 91 -3.89 4.44 -8.80
N TRP A 92 -4.53 3.57 -8.03
CA TRP A 92 -4.12 3.34 -6.65
C TRP A 92 -2.64 2.95 -6.66
N LYS A 93 -2.32 2.01 -7.53
CA LYS A 93 -0.95 1.53 -7.64
C LYS A 93 -0.03 2.71 -7.96
N LYS A 94 -0.34 3.37 -9.07
CA LYS A 94 0.45 4.53 -9.50
C LYS A 94 0.80 5.37 -8.28
N GLU A 95 -0.23 5.77 -7.54
CA GLU A 95 -0.04 6.58 -6.36
C GLU A 95 0.60 5.77 -5.25
N LEU A 96 0.33 4.47 -5.26
CA LEU A 96 0.87 3.57 -4.26
C LEU A 96 2.38 3.41 -4.50
N ARG A 97 2.70 2.86 -5.66
CA ARG A 97 4.09 2.64 -6.02
C ARG A 97 4.95 3.82 -5.56
N ASP A 98 4.53 5.01 -5.99
CA ASP A 98 5.26 6.22 -5.63
C ASP A 98 5.22 6.40 -4.11
N ALA A 99 4.04 6.25 -3.56
CA ALA A 99 3.85 6.38 -2.12
C ALA A 99 4.95 5.58 -1.39
N TYR A 100 5.13 4.35 -1.85
CA TYR A 100 6.13 3.48 -1.26
C TYR A 100 7.53 3.87 -1.72
N ARG A 101 7.63 4.22 -2.99
CA ARG A 101 8.89 4.61 -3.57
C ARG A 101 9.43 5.87 -2.88
N GLU A 102 8.66 6.94 -3.00
CA GLU A 102 9.04 8.21 -2.39
C GLU A 102 9.49 7.99 -0.94
N ALA A 103 8.59 7.41 -0.16
CA ALA A 103 8.87 7.14 1.24
C ALA A 103 10.27 6.55 1.36
N GLN A 104 10.62 5.72 0.40
CA GLN A 104 11.92 5.07 0.39
C GLN A 104 13.01 6.09 0.05
N GLN A 105 12.97 6.55 -1.19
CA GLN A 105 13.94 7.54 -1.65
C GLN A 105 14.01 8.71 -0.69
N LEU A 106 12.95 8.86 0.10
CA LEU A 106 12.87 9.93 1.07
C LEU A 106 13.56 9.51 2.37
N VAL A 107 13.56 8.20 2.59
CA VAL A 107 14.18 7.64 3.78
C VAL A 107 15.45 6.88 3.39
N GLN A 108 15.88 7.11 2.16
CA GLN A 108 17.08 6.46 1.65
C GLN A 108 18.30 6.95 2.42
N ARG A 109 18.46 8.27 2.45
CA ARG A 109 19.57 8.87 3.14
C ARG A 109 19.45 8.66 4.66
N VAL A 110 19.55 7.40 5.05
CA VAL A 110 19.46 7.05 6.46
C VAL A 110 20.76 7.41 7.17
N PRO A 111 20.68 7.53 8.51
CA PRO A 111 21.85 7.85 9.31
C PRO A 111 22.78 6.66 9.45
N LYS A 112 23.86 6.86 10.18
CA LYS A 112 24.84 5.81 10.39
C LYS A 112 24.27 4.78 11.37
N MET A 113 23.99 5.24 12.58
CA MET A 113 23.44 4.37 13.60
C MET A 113 22.76 5.19 14.71
N LYS A 114 21.51 5.56 14.43
CA LYS A 114 20.73 6.34 15.39
C LYS A 114 19.31 6.50 14.86
N ASN A 115 18.64 5.38 14.71
CA ASN A 115 17.27 5.39 14.22
C ASN A 115 16.30 5.33 15.41
N LYS A 116 16.54 4.34 16.27
CA LYS A 116 15.70 4.17 17.44
C LYS A 116 16.56 4.29 18.70
N PRO A 117 16.05 5.10 19.67
CA PRO A 117 16.75 5.33 20.92
C PRO A 117 16.65 4.10 21.83
N ARG A 118 15.47 3.49 21.81
CA ARG A 118 15.22 2.31 22.62
C ARG A 118 15.25 2.68 24.10
N SER A 119 14.67 1.81 24.90
CA SER A 119 14.62 2.04 26.34
C SER A 119 15.87 1.45 27.01
N GLY A 1 11.31 17.30 14.52
CA GLY A 1 10.65 16.02 14.74
C GLY A 1 9.16 16.11 14.46
N SER A 2 8.82 15.99 13.18
CA SER A 2 7.44 16.05 12.76
C SER A 2 7.34 15.84 11.25
N HIS A 3 6.19 15.32 10.83
CA HIS A 3 5.96 15.06 9.42
C HIS A 3 4.52 14.55 9.22
N MET A 4 3.71 15.40 8.59
CA MET A 4 2.33 15.04 8.34
C MET A 4 1.74 15.90 7.21
N GLY A 5 0.92 15.26 6.39
CA GLY A 5 0.29 15.95 5.27
C GLY A 5 -1.20 16.15 5.52
N LYS A 6 -1.84 16.83 4.58
CA LYS A 6 -3.26 17.09 4.68
C LYS A 6 -3.86 17.20 3.28
N ASP A 7 -3.54 16.21 2.46
CA ASP A 7 -4.03 16.19 1.09
C ASP A 7 -4.05 14.74 0.59
N CYS A 8 -5.24 14.15 0.63
CA CYS A 8 -5.41 12.77 0.18
C CYS A 8 -5.23 12.74 -1.34
N ILE A 9 -4.56 11.69 -1.80
CA ILE A 9 -4.31 11.53 -3.22
C ILE A 9 -5.50 10.83 -3.86
N MET A 10 -5.75 9.61 -3.40
CA MET A 10 -6.86 8.83 -3.91
C MET A 10 -7.59 8.08 -2.79
N HIS A 11 -8.90 8.11 -2.86
CA HIS A 11 -9.72 7.44 -1.85
C HIS A 11 -10.92 6.77 -2.53
N GLY A 12 -11.52 5.84 -1.81
CA GLY A 12 -12.67 5.12 -2.31
C GLY A 12 -12.70 3.68 -1.79
N TYR A 13 -13.43 2.85 -2.50
CA TYR A 13 -13.54 1.44 -2.13
C TYR A 13 -12.39 0.63 -2.69
N MET A 14 -11.72 -0.09 -1.81
CA MET A 14 -10.59 -0.92 -2.21
C MET A 14 -10.58 -2.24 -1.44
N SER A 15 -10.62 -3.33 -2.19
CA SER A 15 -10.62 -4.66 -1.61
C SER A 15 -9.18 -5.11 -1.33
N LYS A 16 -8.98 -5.58 -0.11
CA LYS A 16 -7.66 -6.04 0.29
C LYS A 16 -7.82 -7.20 1.28
N MET A 17 -6.77 -8.01 1.36
CA MET A 17 -6.77 -9.16 2.25
C MET A 17 -5.50 -10.00 2.07
N GLY A 18 -5.29 -10.91 3.01
CA GLY A 18 -4.13 -11.78 2.97
C GLY A 18 -4.14 -12.75 4.14
N ASN A 19 -4.10 -14.04 3.80
CA ASN A 19 -4.09 -15.09 4.81
C ASN A 19 -3.67 -16.40 4.17
N PRO A 20 -3.67 -17.47 5.00
CA PRO A 20 -3.29 -18.80 4.54
C PRO A 20 -4.40 -19.42 3.68
N PHE A 21 -5.24 -18.55 3.13
CA PHE A 21 -6.34 -19.00 2.31
C PHE A 21 -6.59 -18.02 1.15
N LEU A 22 -5.84 -18.21 0.08
CA LEU A 22 -5.97 -17.36 -1.09
C LEU A 22 -7.05 -17.92 -2.01
N THR A 23 -8.28 -17.53 -1.73
CA THR A 23 -9.42 -17.98 -2.53
C THR A 23 -10.61 -17.04 -2.35
N GLN A 24 -10.59 -16.30 -1.24
CA GLN A 24 -11.65 -15.38 -0.94
C GLN A 24 -11.23 -13.95 -1.31
N TRP A 25 -12.15 -13.02 -1.10
CA TRP A 25 -11.88 -11.62 -1.41
C TRP A 25 -12.61 -10.76 -0.37
N GLN A 26 -11.91 -9.74 0.11
CA GLN A 26 -12.48 -8.85 1.10
C GLN A 26 -12.57 -7.43 0.54
N ARG A 27 -13.79 -6.96 0.38
CA ARG A 27 -14.03 -5.63 -0.14
C ARG A 27 -14.17 -4.62 1.01
N ARG A 28 -13.25 -3.67 1.05
CA ARG A 28 -13.26 -2.65 2.08
C ARG A 28 -12.86 -1.30 1.50
N TYR A 29 -13.13 -0.25 2.26
CA TYR A 29 -12.81 1.10 1.84
C TYR A 29 -11.46 1.55 2.42
N PHE A 30 -10.58 1.98 1.52
CA PHE A 30 -9.27 2.43 1.92
C PHE A 30 -9.04 3.90 1.55
N TYR A 31 -7.90 4.42 1.95
CA TYR A 31 -7.56 5.81 1.66
C TYR A 31 -6.05 5.99 1.54
N LEU A 32 -5.61 6.20 0.30
CA LEU A 32 -4.20 6.40 0.04
C LEU A 32 -3.85 7.88 0.19
N PHE A 33 -3.04 8.16 1.19
CA PHE A 33 -2.63 9.53 1.45
C PHE A 33 -1.28 9.83 0.79
N PRO A 34 -0.78 11.08 1.05
CA PRO A 34 0.49 11.49 0.48
C PRO A 34 1.67 10.84 1.22
N ASN A 35 1.33 9.82 2.00
CA ASN A 35 2.34 9.10 2.76
C ASN A 35 1.65 8.12 3.71
N ARG A 36 0.61 8.60 4.37
CA ARG A 36 -0.14 7.77 5.30
C ARG A 36 -1.33 7.13 4.59
N LEU A 37 -2.16 6.47 5.39
CA LEU A 37 -3.34 5.80 4.86
C LEU A 37 -4.27 5.41 6.00
N GLU A 38 -5.55 5.53 5.75
CA GLU A 38 -6.56 5.20 6.75
C GLU A 38 -7.54 4.16 6.20
N TRP A 39 -7.79 3.14 7.01
CA TRP A 39 -8.70 2.09 6.62
C TRP A 39 -10.13 2.58 6.86
N ARG A 40 -11.02 2.12 6.00
CA ARG A 40 -12.42 2.51 6.11
C ARG A 40 -13.33 1.33 5.71
N GLY A 41 -14.54 1.36 6.23
CA GLY A 41 -15.52 0.31 5.95
C GLY A 41 -16.38 0.01 7.17
N GLU A 42 -17.40 -0.79 6.94
CA GLU A 42 -18.31 -1.16 8.02
C GLU A 42 -17.79 -2.41 8.74
N GLY A 43 -18.50 -2.78 9.80
CA GLY A 43 -18.12 -3.94 10.58
C GLY A 43 -16.78 -3.73 11.27
N GLU A 44 -15.85 -4.62 10.98
CA GLU A 44 -14.52 -4.55 11.56
C GLU A 44 -13.58 -5.55 10.89
N ALA A 45 -12.30 -5.34 11.10
CA ALA A 45 -11.29 -6.22 10.51
C ALA A 45 -9.90 -5.77 10.98
N PRO A 46 -8.90 -6.65 10.71
CA PRO A 46 -7.53 -6.36 11.08
C PRO A 46 -6.91 -5.31 10.16
N GLN A 47 -7.20 -4.05 10.46
CA GLN A 47 -6.69 -2.95 9.66
C GLN A 47 -6.40 -1.74 10.55
N SER A 48 -5.64 -0.81 10.00
CA SER A 48 -5.29 0.40 10.73
C SER A 48 -4.96 1.52 9.75
N LEU A 49 -4.02 2.37 10.15
CA LEU A 49 -3.61 3.49 9.32
C LEU A 49 -2.08 3.52 9.23
N LEU A 50 -1.57 2.67 8.35
CA LEU A 50 -0.13 2.59 8.16
C LEU A 50 0.32 3.70 7.21
N THR A 51 1.58 3.62 6.80
CA THR A 51 2.14 4.61 5.89
C THR A 51 2.58 3.96 4.59
N MET A 52 3.62 4.51 4.00
CA MET A 52 4.15 3.99 2.75
C MET A 52 5.68 3.92 2.78
N GLU A 53 6.19 3.47 3.92
CA GLU A 53 7.63 3.35 4.10
C GLU A 53 7.98 1.92 4.51
N GLU A 54 7.57 0.97 3.69
CA GLU A 54 7.84 -0.43 3.95
C GLU A 54 7.74 -1.24 2.66
N ILE A 55 6.59 -1.14 2.01
CA ILE A 55 6.37 -1.85 0.77
C ILE A 55 7.66 -1.91 -0.03
N GLN A 56 8.00 -3.11 -0.47
CA GLN A 56 9.21 -3.32 -1.24
C GLN A 56 8.94 -3.09 -2.73
N SER A 57 7.75 -3.50 -3.15
CA SER A 57 7.35 -3.35 -4.53
C SER A 57 5.87 -3.75 -4.71
N VAL A 58 5.18 -2.96 -5.51
CA VAL A 58 3.77 -3.22 -5.77
C VAL A 58 3.59 -3.74 -7.20
N GLU A 59 2.78 -4.77 -7.33
CA GLU A 59 2.53 -5.37 -8.62
C GLU A 59 1.14 -6.02 -8.64
N GLU A 60 0.89 -6.77 -9.71
CA GLU A 60 -0.39 -7.45 -9.86
C GLU A 60 -0.17 -8.84 -10.47
N THR A 61 -1.00 -9.78 -10.02
CA THR A 61 -0.92 -11.14 -10.51
C THR A 61 -2.10 -11.46 -11.41
N GLN A 62 -1.97 -12.56 -12.14
CA GLN A 62 -3.03 -12.99 -13.05
C GLN A 62 -3.39 -14.45 -12.79
N ILE A 63 -4.58 -14.82 -13.24
CA ILE A 63 -5.06 -16.18 -13.07
C ILE A 63 -5.87 -16.59 -14.29
N LYS A 64 -5.16 -16.99 -15.34
CA LYS A 64 -5.80 -17.41 -16.57
C LYS A 64 -6.19 -16.17 -17.39
N GLU A 65 -6.47 -15.09 -16.67
CA GLU A 65 -6.85 -13.85 -17.31
C GLU A 65 -6.58 -12.66 -16.38
N ARG A 66 -7.03 -12.80 -15.14
CA ARG A 66 -6.84 -11.76 -14.15
C ARG A 66 -6.94 -12.34 -12.74
N LYS A 67 -6.03 -11.91 -11.89
CA LYS A 67 -6.00 -12.38 -10.52
C LYS A 67 -6.33 -11.22 -9.58
N CYS A 68 -5.28 -10.64 -9.01
CA CYS A 68 -5.44 -9.52 -8.10
C CYS A 68 -4.13 -8.71 -8.10
N LEU A 69 -4.11 -7.69 -7.25
CA LEU A 69 -2.94 -6.84 -7.14
C LEU A 69 -2.08 -7.30 -5.96
N LEU A 70 -0.78 -7.37 -6.20
CA LEU A 70 0.15 -7.79 -5.16
C LEU A 70 0.69 -6.55 -4.44
N LEU A 71 1.21 -6.79 -3.24
CA LEU A 71 1.77 -5.71 -2.44
C LEU A 71 2.75 -6.29 -1.42
N LYS A 72 3.94 -6.58 -1.90
CA LYS A 72 4.98 -7.13 -1.04
C LYS A 72 5.61 -6.01 -0.21
N ILE A 73 5.84 -6.31 1.05
CA ILE A 73 6.44 -5.34 1.96
C ILE A 73 7.91 -5.71 2.19
N ARG A 74 8.74 -4.67 2.31
CA ARG A 74 10.15 -4.88 2.54
C ARG A 74 10.41 -5.21 4.00
N GLY A 75 9.32 -5.33 4.75
CA GLY A 75 9.43 -5.63 6.17
C GLY A 75 9.43 -7.14 6.40
N GLY A 76 8.94 -7.86 5.40
CA GLY A 76 8.88 -9.31 5.47
C GLY A 76 7.43 -9.80 5.47
N LYS A 77 6.62 -9.13 4.66
CA LYS A 77 5.22 -9.49 4.55
C LYS A 77 4.77 -9.31 3.09
N GLN A 78 3.55 -9.79 2.83
CA GLN A 78 3.01 -9.69 1.48
C GLN A 78 1.49 -9.40 1.55
N PHE A 79 1.07 -8.48 0.71
CA PHE A 79 -0.34 -8.11 0.66
C PHE A 79 -0.92 -8.33 -0.73
N ILE A 80 -2.20 -8.66 -0.77
CA ILE A 80 -2.90 -8.89 -2.02
C ILE A 80 -4.24 -8.19 -2.01
N LEU A 81 -4.34 -7.14 -2.83
CA LEU A 81 -5.57 -6.37 -2.92
C LEU A 81 -6.09 -6.41 -4.36
N GLN A 82 -7.38 -6.16 -4.50
CA GLN A 82 -8.01 -6.15 -5.80
C GLN A 82 -9.18 -5.17 -5.83
N CYS A 83 -9.58 -4.81 -7.04
CA CYS A 83 -10.69 -3.88 -7.22
C CYS A 83 -11.49 -4.32 -8.44
N ASP A 84 -12.80 -4.13 -8.35
CA ASP A 84 -13.69 -4.50 -9.43
C ASP A 84 -13.40 -3.63 -10.65
N SER A 85 -12.78 -2.48 -10.39
CA SER A 85 -12.44 -1.56 -11.44
C SER A 85 -11.05 -1.88 -12.00
N ASP A 86 -10.80 -1.39 -13.20
CA ASP A 86 -9.52 -1.62 -13.85
C ASP A 86 -8.55 -0.49 -13.47
N PRO A 87 -9.07 0.76 -13.52
CA PRO A 87 -8.27 1.92 -13.19
C PRO A 87 -8.07 2.04 -11.68
N GLU A 88 -9.19 2.07 -10.97
CA GLU A 88 -9.16 2.19 -9.52
C GLU A 88 -7.80 1.73 -8.99
N LEU A 89 -7.66 0.42 -8.84
CA LEU A 89 -6.43 -0.16 -8.35
C LEU A 89 -5.24 0.43 -9.13
N VAL A 90 -5.39 0.42 -10.46
CA VAL A 90 -4.34 0.94 -11.32
C VAL A 90 -3.85 2.28 -10.77
N GLN A 91 -4.79 3.20 -10.59
CA GLN A 91 -4.48 4.51 -10.07
C GLN A 91 -3.93 4.41 -8.65
N TRP A 92 -4.55 3.53 -7.87
CA TRP A 92 -4.14 3.32 -6.50
C TRP A 92 -2.65 2.96 -6.50
N LYS A 93 -2.28 2.09 -7.42
CA LYS A 93 -0.90 1.66 -7.53
C LYS A 93 -0.02 2.87 -7.85
N LYS A 94 -0.31 3.48 -8.99
CA LYS A 94 0.45 4.65 -9.42
C LYS A 94 0.78 5.52 -8.22
N GLU A 95 -0.27 5.86 -7.48
CA GLU A 95 -0.11 6.68 -6.29
C GLU A 95 0.55 5.88 -5.17
N LEU A 96 0.28 4.58 -5.17
CA LEU A 96 0.84 3.69 -4.17
C LEU A 96 2.34 3.55 -4.40
N ARG A 97 2.69 3.04 -5.58
CA ARG A 97 4.07 2.85 -5.94
C ARG A 97 4.92 4.04 -5.47
N ASP A 98 4.50 5.22 -5.91
CA ASP A 98 5.21 6.43 -5.54
C ASP A 98 5.26 6.55 -4.01
N ALA A 99 4.10 6.32 -3.40
CA ALA A 99 4.00 6.40 -1.95
C ALA A 99 5.13 5.59 -1.32
N TYR A 100 5.27 4.36 -1.78
CA TYR A 100 6.30 3.48 -1.27
C TYR A 100 7.69 3.90 -1.77
N ARG A 101 7.72 4.37 -3.01
CA ARG A 101 8.96 4.82 -3.61
C ARG A 101 9.51 6.04 -2.87
N GLU A 102 8.75 7.12 -2.94
CA GLU A 102 9.14 8.35 -2.28
C GLU A 102 9.71 8.05 -0.89
N ALA A 103 8.91 7.35 -0.10
CA ALA A 103 9.33 7.00 1.25
C ALA A 103 10.75 6.42 1.21
N GLN A 104 10.99 5.62 0.18
CA GLN A 104 12.30 4.99 0.01
C GLN A 104 13.34 6.04 -0.38
N GLN A 105 13.20 6.55 -1.59
CA GLN A 105 14.12 7.55 -2.09
C GLN A 105 14.22 8.73 -1.10
N LEU A 106 13.20 8.83 -0.26
CA LEU A 106 13.16 9.89 0.73
C LEU A 106 13.88 9.43 2.00
N VAL A 107 13.97 8.11 2.15
CA VAL A 107 14.62 7.52 3.30
C VAL A 107 15.86 6.76 2.85
N GLN A 108 16.27 7.03 1.61
CA GLN A 108 17.44 6.37 1.05
C GLN A 108 18.72 6.96 1.64
N ARG A 109 18.88 8.26 1.44
CA ARG A 109 20.06 8.95 1.95
C ARG A 109 20.02 8.99 3.49
N VAL A 110 20.13 7.81 4.08
CA VAL A 110 20.11 7.70 5.53
C VAL A 110 21.43 8.25 6.09
N PRO A 111 21.29 9.18 7.07
CA PRO A 111 22.46 9.79 7.69
C PRO A 111 23.12 8.81 8.67
N LYS A 112 24.32 8.38 8.29
CA LYS A 112 25.06 7.45 9.12
C LYS A 112 25.80 8.23 10.21
N MET A 113 26.69 9.11 9.79
CA MET A 113 27.46 9.93 10.71
C MET A 113 26.57 10.99 11.36
N LYS A 114 25.37 11.12 10.84
CA LYS A 114 24.41 12.09 11.36
C LYS A 114 24.93 13.51 11.06
N ASN A 115 24.64 13.95 9.84
CA ASN A 115 25.06 15.27 9.41
C ASN A 115 23.96 16.28 9.74
N LYS A 116 23.69 16.42 11.03
CA LYS A 116 22.66 17.35 11.47
C LYS A 116 22.92 17.72 12.93
N PRO A 117 22.81 16.69 13.81
CA PRO A 117 23.02 16.89 15.25
C PRO A 117 24.51 17.04 15.55
N ARG A 118 25.19 17.78 14.69
CA ARG A 118 26.62 18.00 14.85
C ARG A 118 26.88 18.90 16.07
N SER A 119 27.72 18.40 16.96
CA SER A 119 28.06 19.14 18.17
C SER A 119 28.83 20.41 17.80
N GLY A 1 3.16 19.79 11.40
CA GLY A 1 3.53 19.56 12.79
C GLY A 1 5.02 19.24 12.92
N SER A 2 5.39 18.09 12.38
CA SER A 2 6.77 17.66 12.43
C SER A 2 7.31 17.46 11.01
N HIS A 3 6.64 16.58 10.28
CA HIS A 3 7.04 16.29 8.91
C HIS A 3 5.98 15.41 8.24
N MET A 4 4.78 15.97 8.13
CA MET A 4 3.69 15.25 7.51
C MET A 4 2.62 16.22 6.98
N GLY A 5 2.02 15.84 5.86
CA GLY A 5 1.00 16.67 5.25
C GLY A 5 -0.40 16.12 5.56
N LYS A 6 -1.40 16.79 4.99
CA LYS A 6 -2.78 16.38 5.19
C LYS A 6 -3.53 16.48 3.87
N ASP A 7 -3.20 15.55 2.97
CA ASP A 7 -3.84 15.53 1.67
C ASP A 7 -3.78 14.11 1.10
N CYS A 8 -4.94 13.46 1.11
CA CYS A 8 -5.03 12.10 0.60
C CYS A 8 -4.82 12.13 -0.91
N ILE A 9 -4.19 11.08 -1.42
CA ILE A 9 -3.93 10.98 -2.85
C ILE A 9 -5.07 10.22 -3.52
N MET A 10 -5.28 9.00 -3.04
CA MET A 10 -6.33 8.16 -3.59
C MET A 10 -7.38 7.83 -2.53
N HIS A 11 -8.63 7.79 -2.96
CA HIS A 11 -9.73 7.50 -2.06
C HIS A 11 -10.81 6.71 -2.81
N GLY A 12 -11.69 6.09 -2.03
CA GLY A 12 -12.77 5.31 -2.61
C GLY A 12 -12.82 3.91 -2.00
N TYR A 13 -13.46 3.01 -2.73
CA TYR A 13 -13.58 1.63 -2.26
C TYR A 13 -12.42 0.78 -2.78
N MET A 14 -11.77 0.09 -1.85
CA MET A 14 -10.65 -0.77 -2.20
C MET A 14 -10.65 -2.03 -1.34
N SER A 15 -10.61 -3.17 -2.02
CA SER A 15 -10.60 -4.45 -1.34
C SER A 15 -9.17 -5.01 -1.30
N LYS A 16 -8.85 -5.64 -0.18
CA LYS A 16 -7.53 -6.23 0.01
C LYS A 16 -7.59 -7.27 1.12
N MET A 17 -6.55 -8.10 1.16
CA MET A 17 -6.47 -9.15 2.16
C MET A 17 -5.26 -10.05 1.91
N GLY A 18 -5.01 -10.93 2.88
CA GLY A 18 -3.89 -11.85 2.77
C GLY A 18 -3.90 -12.84 3.94
N ASN A 19 -3.72 -14.11 3.60
CA ASN A 19 -3.70 -15.16 4.61
C ASN A 19 -3.21 -16.46 3.97
N PRO A 20 -3.15 -17.52 4.82
CA PRO A 20 -2.71 -18.83 4.35
C PRO A 20 -3.79 -19.50 3.51
N PHE A 21 -4.87 -18.77 3.29
CA PHE A 21 -5.98 -19.29 2.51
C PHE A 21 -6.74 -18.15 1.82
N LEU A 22 -6.17 -17.67 0.73
CA LEU A 22 -6.78 -16.60 -0.03
C LEU A 22 -7.85 -17.17 -0.95
N THR A 23 -9.06 -17.27 -0.41
CA THR A 23 -10.18 -17.80 -1.16
C THR A 23 -11.43 -16.96 -0.92
N GLN A 24 -11.23 -15.82 -0.27
CA GLN A 24 -12.33 -14.92 0.02
C GLN A 24 -12.07 -13.55 -0.60
N TRP A 25 -13.02 -12.65 -0.37
CA TRP A 25 -12.90 -11.29 -0.90
C TRP A 25 -13.76 -10.37 -0.03
N GLN A 26 -13.12 -9.33 0.47
CA GLN A 26 -13.81 -8.36 1.31
C GLN A 26 -13.58 -6.94 0.79
N ARG A 27 -14.68 -6.31 0.42
CA ARG A 27 -14.62 -4.94 -0.10
C ARG A 27 -14.63 -3.94 1.06
N ARG A 28 -13.58 -3.15 1.13
CA ARG A 28 -13.45 -2.15 2.17
C ARG A 28 -12.94 -0.83 1.58
N TYR A 29 -13.15 0.24 2.34
CA TYR A 29 -12.72 1.56 1.90
C TYR A 29 -11.28 1.84 2.34
N PHE A 30 -10.50 2.32 1.39
CA PHE A 30 -9.11 2.63 1.66
C PHE A 30 -8.79 4.09 1.30
N TYR A 31 -7.70 4.59 1.86
CA TYR A 31 -7.29 5.96 1.62
C TYR A 31 -5.76 6.04 1.45
N LEU A 32 -5.36 6.42 0.25
CA LEU A 32 -3.94 6.54 -0.04
C LEU A 32 -3.47 7.96 0.29
N PHE A 33 -2.66 8.04 1.34
CA PHE A 33 -2.14 9.33 1.78
C PHE A 33 -0.74 9.58 1.21
N PRO A 34 -0.24 10.83 1.43
CA PRO A 34 1.07 11.21 0.94
C PRO A 34 2.17 10.59 1.80
N ASN A 35 1.75 9.71 2.71
CA ASN A 35 2.69 9.05 3.59
C ASN A 35 1.94 8.01 4.43
N ARG A 36 0.74 8.37 4.83
CA ARG A 36 -0.09 7.48 5.64
C ARG A 36 -0.98 6.63 4.73
N LEU A 37 -2.01 6.06 5.34
CA LEU A 37 -2.93 5.21 4.61
C LEU A 37 -3.88 4.52 5.59
N GLU A 38 -5.14 4.90 5.51
CA GLU A 38 -6.16 4.33 6.39
C GLU A 38 -7.28 3.71 5.56
N TRP A 39 -7.89 2.67 6.12
CA TRP A 39 -8.98 1.98 5.45
C TRP A 39 -10.10 1.77 6.47
N ARG A 40 -11.33 1.80 5.96
CA ARG A 40 -12.49 1.62 6.81
C ARG A 40 -13.38 0.51 6.26
N GLY A 41 -14.43 0.21 7.00
CA GLY A 41 -15.37 -0.83 6.60
C GLY A 41 -16.33 -1.18 7.74
N GLU A 42 -16.34 -2.45 8.09
CA GLU A 42 -17.21 -2.92 9.17
C GLU A 42 -16.86 -2.22 10.48
N GLY A 43 -17.65 -2.51 11.50
CA GLY A 43 -17.44 -1.92 12.80
C GLY A 43 -16.97 -2.97 13.82
N GLU A 44 -16.95 -2.58 15.07
CA GLU A 44 -16.53 -3.47 16.13
C GLU A 44 -15.07 -3.87 15.94
N ALA A 45 -14.38 -3.12 15.08
CA ALA A 45 -12.99 -3.40 14.80
C ALA A 45 -12.16 -2.15 15.09
N PRO A 46 -10.83 -2.37 15.30
CA PRO A 46 -9.92 -1.28 15.59
C PRO A 46 -9.63 -0.45 14.33
N GLN A 47 -8.81 0.58 14.51
CA GLN A 47 -8.45 1.43 13.41
C GLN A 47 -7.23 0.88 12.67
N SER A 48 -7.12 1.24 11.40
CA SER A 48 -6.01 0.78 10.58
C SER A 48 -5.48 1.93 9.74
N LEU A 49 -4.40 2.53 10.23
CA LEU A 49 -3.78 3.64 9.52
C LEU A 49 -2.26 3.44 9.49
N LEU A 50 -1.78 3.01 8.34
CA LEU A 50 -0.36 2.77 8.16
C LEU A 50 0.23 3.87 7.28
N THR A 51 1.50 3.69 6.93
CA THR A 51 2.19 4.66 6.10
C THR A 51 2.58 4.03 4.76
N MET A 52 3.46 4.72 4.04
CA MET A 52 3.92 4.24 2.76
C MET A 52 5.45 4.20 2.70
N GLU A 53 6.04 3.82 3.82
CA GLU A 53 7.49 3.73 3.91
C GLU A 53 7.92 2.34 4.40
N GLU A 54 7.53 1.34 3.62
CA GLU A 54 7.86 -0.03 3.96
C GLU A 54 7.79 -0.92 2.71
N ILE A 55 6.61 -0.91 2.09
CA ILE A 55 6.39 -1.71 0.90
C ILE A 55 7.68 -1.74 0.08
N GLN A 56 7.99 -2.95 -0.41
CA GLN A 56 9.19 -3.13 -1.21
C GLN A 56 8.88 -2.89 -2.68
N SER A 57 7.69 -3.31 -3.10
CA SER A 57 7.27 -3.15 -4.48
C SER A 57 5.83 -3.62 -4.64
N VAL A 58 5.05 -2.81 -5.34
CA VAL A 58 3.64 -3.14 -5.58
C VAL A 58 3.47 -3.54 -7.04
N GLU A 59 2.61 -4.54 -7.24
CA GLU A 59 2.34 -5.02 -8.59
C GLU A 59 1.00 -5.74 -8.63
N GLU A 60 0.77 -6.45 -9.72
CA GLU A 60 -0.48 -7.18 -9.90
C GLU A 60 -0.21 -8.55 -10.51
N THR A 61 -1.03 -9.52 -10.11
CA THR A 61 -0.88 -10.88 -10.61
C THR A 61 -2.07 -11.25 -11.50
N GLN A 62 -1.88 -12.31 -12.28
CA GLN A 62 -2.93 -12.77 -13.17
C GLN A 62 -3.19 -14.27 -12.94
N ILE A 63 -4.32 -14.72 -13.46
CA ILE A 63 -4.70 -16.11 -13.32
C ILE A 63 -5.50 -16.54 -14.55
N LYS A 64 -4.77 -16.89 -15.59
CA LYS A 64 -5.40 -17.32 -16.84
C LYS A 64 -5.82 -16.09 -17.64
N GLU A 65 -6.17 -15.03 -16.91
CA GLU A 65 -6.60 -13.80 -17.55
C GLU A 65 -6.40 -12.61 -16.59
N ARG A 66 -6.87 -12.79 -15.38
CA ARG A 66 -6.75 -11.75 -14.36
C ARG A 66 -6.86 -12.37 -12.96
N LYS A 67 -6.00 -11.88 -12.07
CA LYS A 67 -6.00 -12.36 -10.71
C LYS A 67 -6.33 -11.21 -9.76
N CYS A 68 -5.29 -10.64 -9.18
CA CYS A 68 -5.46 -9.53 -8.26
C CYS A 68 -4.15 -8.73 -8.22
N LEU A 69 -4.09 -7.81 -7.27
CA LEU A 69 -2.90 -6.98 -7.11
C LEU A 69 -2.04 -7.53 -5.97
N LEU A 70 -0.76 -7.24 -6.06
CA LEU A 70 0.18 -7.69 -5.04
C LEU A 70 0.71 -6.50 -4.26
N LEU A 71 1.21 -6.79 -3.06
CA LEU A 71 1.74 -5.75 -2.20
C LEU A 71 2.79 -6.35 -1.27
N LYS A 72 4.02 -6.40 -1.76
CA LYS A 72 5.12 -6.94 -0.98
C LYS A 72 5.75 -5.83 -0.15
N ILE A 73 6.01 -6.15 1.11
CA ILE A 73 6.61 -5.19 2.02
C ILE A 73 8.08 -5.53 2.20
N ARG A 74 8.90 -4.49 2.33
CA ARG A 74 10.32 -4.66 2.51
C ARG A 74 10.63 -5.03 3.97
N GLY A 75 9.57 -5.17 4.75
CA GLY A 75 9.72 -5.52 6.15
C GLY A 75 9.68 -7.03 6.34
N GLY A 76 9.00 -7.70 5.43
CA GLY A 76 8.88 -9.15 5.50
C GLY A 76 7.41 -9.58 5.54
N LYS A 77 6.63 -8.98 4.65
CA LYS A 77 5.21 -9.30 4.56
C LYS A 77 4.76 -9.19 3.10
N GLN A 78 3.54 -9.66 2.86
CA GLN A 78 2.98 -9.62 1.52
C GLN A 78 1.47 -9.38 1.59
N PHE A 79 0.99 -8.60 0.62
CA PHE A 79 -0.43 -8.28 0.57
C PHE A 79 -0.98 -8.50 -0.85
N ILE A 80 -2.30 -8.55 -0.93
CA ILE A 80 -2.96 -8.75 -2.21
C ILE A 80 -4.25 -7.93 -2.25
N LEU A 81 -4.23 -6.91 -3.09
CA LEU A 81 -5.39 -6.04 -3.23
C LEU A 81 -6.36 -6.65 -4.25
N GLN A 82 -7.60 -6.16 -4.22
CA GLN A 82 -8.62 -6.65 -5.13
C GLN A 82 -9.71 -5.59 -5.31
N CYS A 83 -9.89 -5.17 -6.56
CA CYS A 83 -10.89 -4.17 -6.88
C CYS A 83 -11.77 -4.72 -7.99
N ASP A 84 -13.00 -4.21 -8.03
CA ASP A 84 -13.95 -4.65 -9.04
C ASP A 84 -13.77 -3.81 -10.31
N SER A 85 -12.98 -2.75 -10.17
CA SER A 85 -12.71 -1.87 -11.28
C SER A 85 -11.40 -2.26 -11.97
N ASP A 86 -11.00 -1.44 -12.93
CA ASP A 86 -9.77 -1.69 -13.66
C ASP A 86 -8.73 -0.62 -13.29
N PRO A 87 -9.19 0.66 -13.36
CA PRO A 87 -8.32 1.78 -13.04
C PRO A 87 -8.11 1.90 -11.53
N GLU A 88 -9.23 1.89 -10.81
CA GLU A 88 -9.19 2.00 -9.36
C GLU A 88 -7.81 1.57 -8.84
N LEU A 89 -7.63 0.26 -8.73
CA LEU A 89 -6.38 -0.29 -8.25
C LEU A 89 -5.22 0.30 -9.07
N VAL A 90 -5.40 0.26 -10.38
CA VAL A 90 -4.38 0.77 -11.29
C VAL A 90 -3.87 2.11 -10.76
N GLN A 91 -4.80 3.03 -10.55
CA GLN A 91 -4.44 4.35 -10.04
C GLN A 91 -3.90 4.24 -8.62
N TRP A 92 -4.51 3.37 -7.84
CA TRP A 92 -4.09 3.16 -6.47
C TRP A 92 -2.61 2.79 -6.47
N LYS A 93 -2.25 1.93 -7.41
CA LYS A 93 -0.88 1.48 -7.53
C LYS A 93 0.01 2.68 -7.88
N LYS A 94 -0.28 3.28 -9.02
CA LYS A 94 0.47 4.44 -9.47
C LYS A 94 0.82 5.32 -8.27
N GLU A 95 -0.21 5.64 -7.49
CA GLU A 95 -0.03 6.47 -6.31
C GLU A 95 0.68 5.68 -5.21
N LEU A 96 0.37 4.39 -5.17
CA LEU A 96 0.97 3.51 -4.16
C LEU A 96 2.47 3.37 -4.45
N ARG A 97 2.76 2.85 -5.63
CA ARG A 97 4.14 2.65 -6.02
C ARG A 97 5.00 3.85 -5.60
N ASP A 98 4.57 5.02 -6.04
CA ASP A 98 5.28 6.24 -5.71
C ASP A 98 5.26 6.45 -4.19
N ALA A 99 4.07 6.29 -3.63
CA ALA A 99 3.89 6.46 -2.19
C ALA A 99 4.99 5.69 -1.45
N TYR A 100 5.21 4.46 -1.89
CA TYR A 100 6.22 3.62 -1.28
C TYR A 100 7.63 4.04 -1.73
N ARG A 101 7.73 4.33 -3.02
CA ARG A 101 9.00 4.75 -3.59
C ARG A 101 9.49 6.04 -2.92
N GLU A 102 8.69 7.09 -3.08
CA GLU A 102 9.03 8.37 -2.51
C GLU A 102 9.50 8.20 -1.06
N ALA A 103 8.63 7.59 -0.26
CA ALA A 103 8.94 7.36 1.14
C ALA A 103 10.35 6.80 1.26
N GLN A 104 10.72 5.99 0.27
CA GLN A 104 12.04 5.37 0.26
C GLN A 104 13.09 6.42 -0.13
N GLN A 105 13.02 6.84 -1.38
CA GLN A 105 13.95 7.83 -1.90
C GLN A 105 14.01 9.04 -0.97
N LEU A 106 12.96 9.18 -0.17
CA LEU A 106 12.88 10.29 0.76
C LEU A 106 13.59 9.91 2.06
N VAL A 107 13.63 8.61 2.32
CA VAL A 107 14.26 8.10 3.52
C VAL A 107 15.55 7.38 3.14
N GLN A 108 15.97 7.58 1.90
CA GLN A 108 17.18 6.95 1.40
C GLN A 108 18.41 7.49 2.16
N ARG A 109 18.58 8.79 2.08
CA ARG A 109 19.70 9.44 2.76
C ARG A 109 19.47 9.46 4.26
N VAL A 110 19.46 8.27 4.85
CA VAL A 110 19.26 8.14 6.28
C VAL A 110 20.60 8.31 7.00
N PRO A 111 20.51 8.56 8.33
CA PRO A 111 21.71 8.74 9.14
C PRO A 111 22.40 7.40 9.41
N LYS A 112 23.43 7.46 10.22
CA LYS A 112 24.19 6.26 10.57
C LYS A 112 23.29 5.30 11.34
N MET A 113 23.19 4.08 10.83
CA MET A 113 22.37 3.06 11.46
C MET A 113 20.88 3.43 11.38
N LYS A 114 20.15 2.63 10.63
CA LYS A 114 18.72 2.85 10.47
C LYS A 114 17.96 2.04 11.52
N ASN A 115 17.77 2.65 12.68
CA ASN A 115 17.06 1.99 13.76
C ASN A 115 18.01 1.03 14.48
N LYS A 116 18.68 0.21 13.67
CA LYS A 116 19.61 -0.76 14.22
C LYS A 116 20.28 -1.51 13.07
N PRO A 117 21.60 -1.82 13.28
CA PRO A 117 22.36 -2.52 12.27
C PRO A 117 21.99 -4.00 12.22
N ARG A 118 21.76 -4.56 13.41
CA ARG A 118 21.39 -5.97 13.52
C ARG A 118 21.25 -6.36 14.98
N SER A 119 20.58 -7.47 15.21
CA SER A 119 20.37 -7.97 16.55
C SER A 119 21.56 -8.84 16.98
N GLY A 1 11.89 25.05 1.38
CA GLY A 1 11.17 26.16 0.78
C GLY A 1 10.43 25.71 -0.49
N SER A 2 9.46 24.83 -0.29
CA SER A 2 8.67 24.32 -1.40
C SER A 2 7.50 23.50 -0.86
N HIS A 3 6.51 23.31 -1.73
CA HIS A 3 5.33 22.53 -1.36
C HIS A 3 5.21 21.31 -2.27
N MET A 4 4.89 20.19 -1.65
CA MET A 4 4.73 18.94 -2.39
C MET A 4 3.37 18.31 -2.13
N GLY A 5 2.50 18.43 -3.13
CA GLY A 5 1.16 17.88 -3.04
C GLY A 5 0.41 18.48 -1.85
N LYS A 6 -0.52 17.69 -1.32
CA LYS A 6 -1.31 18.14 -0.19
C LYS A 6 -1.14 17.14 0.96
N ASP A 7 -2.19 16.35 1.16
CA ASP A 7 -2.17 15.35 2.22
C ASP A 7 -3.06 14.17 1.81
N CYS A 8 -3.26 14.04 0.51
CA CYS A 8 -4.08 12.97 -0.02
C CYS A 8 -3.91 12.93 -1.54
N ILE A 9 -3.66 11.74 -2.05
CA ILE A 9 -3.47 11.56 -3.48
C ILE A 9 -4.75 11.00 -4.10
N MET A 10 -5.20 9.88 -3.56
CA MET A 10 -6.41 9.24 -4.04
C MET A 10 -7.10 8.46 -2.92
N HIS A 11 -8.42 8.37 -3.02
CA HIS A 11 -9.20 7.66 -2.04
C HIS A 11 -10.46 7.08 -2.70
N GLY A 12 -11.00 6.05 -2.07
CA GLY A 12 -12.19 5.40 -2.57
C GLY A 12 -12.42 4.05 -1.90
N TYR A 13 -13.32 3.27 -2.48
CA TYR A 13 -13.63 1.95 -1.95
C TYR A 13 -12.87 0.86 -2.71
N MET A 14 -12.08 0.11 -1.97
CA MET A 14 -11.30 -0.97 -2.56
C MET A 14 -11.58 -2.29 -1.86
N SER A 15 -10.61 -3.20 -1.97
CA SER A 15 -10.74 -4.50 -1.35
C SER A 15 -9.35 -5.09 -1.05
N LYS A 16 -9.20 -5.60 0.16
CA LYS A 16 -7.94 -6.18 0.57
C LYS A 16 -8.20 -7.53 1.23
N MET A 17 -7.24 -8.43 1.06
CA MET A 17 -7.35 -9.76 1.63
C MET A 17 -5.99 -10.48 1.65
N GLY A 18 -5.96 -11.59 2.36
CA GLY A 18 -4.73 -12.37 2.45
C GLY A 18 -4.79 -13.32 3.66
N ASN A 19 -4.79 -14.61 3.35
CA ASN A 19 -4.84 -15.62 4.39
C ASN A 19 -4.48 -16.98 3.79
N PRO A 20 -4.55 -18.03 4.64
CA PRO A 20 -4.25 -19.38 4.21
C PRO A 20 -5.38 -19.95 3.37
N PHE A 21 -6.35 -19.11 3.07
CA PHE A 21 -7.50 -19.51 2.27
C PHE A 21 -7.87 -18.43 1.26
N LEU A 22 -7.20 -18.48 0.11
CA LEU A 22 -7.45 -17.52 -0.95
C LEU A 22 -8.65 -17.98 -1.78
N THR A 23 -9.84 -17.73 -1.24
CA THR A 23 -11.06 -18.11 -1.92
C THR A 23 -12.18 -17.10 -1.62
N GLN A 24 -11.81 -16.08 -0.86
CA GLN A 24 -12.77 -15.05 -0.50
C GLN A 24 -12.22 -13.67 -0.87
N TRP A 25 -13.11 -12.68 -0.79
CA TRP A 25 -12.73 -11.31 -1.12
C TRP A 25 -13.53 -10.38 -0.21
N GLN A 26 -12.79 -9.54 0.50
CA GLN A 26 -13.41 -8.58 1.42
C GLN A 26 -13.31 -7.17 0.85
N ARG A 27 -14.47 -6.57 0.64
CA ARG A 27 -14.53 -5.21 0.10
C ARG A 27 -14.51 -4.19 1.24
N ARG A 28 -13.40 -3.49 1.35
CA ARG A 28 -13.24 -2.49 2.38
C ARG A 28 -12.83 -1.15 1.77
N TYR A 29 -12.96 -0.10 2.57
CA TYR A 29 -12.60 1.23 2.11
C TYR A 29 -11.12 1.52 2.37
N PHE A 30 -10.43 1.91 1.30
CA PHE A 30 -9.02 2.22 1.38
C PHE A 30 -8.77 3.71 1.14
N TYR A 31 -7.60 4.16 1.59
CA TYR A 31 -7.23 5.56 1.44
C TYR A 31 -5.72 5.70 1.23
N LEU A 32 -5.35 6.02 0.00
CA LEU A 32 -3.95 6.20 -0.33
C LEU A 32 -3.55 7.65 -0.11
N PHE A 33 -2.70 7.86 0.89
CA PHE A 33 -2.23 9.19 1.22
C PHE A 33 -0.82 9.42 0.68
N PRO A 34 -0.34 10.69 0.87
CA PRO A 34 0.99 11.05 0.40
C PRO A 34 2.07 10.46 1.31
N ASN A 35 1.62 9.70 2.29
CA ASN A 35 2.53 9.07 3.23
C ASN A 35 1.77 8.04 4.06
N ARG A 36 0.57 8.43 4.47
CA ARG A 36 -0.27 7.55 5.28
C ARG A 36 -1.12 6.66 4.36
N LEU A 37 -2.04 5.94 5.00
CA LEU A 37 -2.93 5.06 4.26
C LEU A 37 -3.62 4.10 5.24
N GLU A 38 -4.93 3.97 5.07
CA GLU A 38 -5.71 3.09 5.93
C GLU A 38 -6.61 2.20 5.09
N TRP A 39 -7.21 1.22 5.76
CA TRP A 39 -8.10 0.28 5.08
C TRP A 39 -9.09 -0.24 6.12
N ARG A 40 -10.23 0.42 6.17
CA ARG A 40 -11.28 0.03 7.11
C ARG A 40 -12.65 0.45 6.58
N GLY A 41 -13.08 1.63 6.98
CA GLY A 41 -14.37 2.14 6.56
C GLY A 41 -14.59 3.57 7.08
N GLU A 42 -15.75 4.11 6.75
CA GLU A 42 -16.09 5.46 7.19
C GLU A 42 -16.80 5.42 8.55
N GLY A 43 -16.75 6.56 9.23
CA GLY A 43 -17.36 6.67 10.54
C GLY A 43 -16.53 5.96 11.60
N GLU A 44 -16.49 6.56 12.78
CA GLU A 44 -15.73 6.00 13.88
C GLU A 44 -14.24 6.27 13.70
N ALA A 45 -13.47 5.86 14.69
CA ALA A 45 -12.03 6.05 14.66
C ALA A 45 -11.40 4.90 13.86
N PRO A 46 -10.17 5.18 13.32
CA PRO A 46 -9.45 4.20 12.54
C PRO A 46 -8.84 3.13 13.45
N GLN A 47 -8.31 2.09 12.82
CA GLN A 47 -7.68 1.01 13.56
C GLN A 47 -6.46 0.47 12.80
N SER A 48 -6.70 0.12 11.54
CA SER A 48 -5.63 -0.40 10.70
C SER A 48 -5.19 0.67 9.69
N LEU A 49 -4.20 1.44 10.10
CA LEU A 49 -3.67 2.51 9.26
C LEU A 49 -2.14 2.49 9.33
N LEU A 50 -1.53 2.69 8.17
CA LEU A 50 -0.08 2.69 8.09
C LEU A 50 0.36 3.79 7.11
N THR A 51 1.64 3.74 6.75
CA THR A 51 2.19 4.71 5.82
C THR A 51 2.69 4.02 4.55
N MET A 52 3.40 4.78 3.73
CA MET A 52 3.94 4.25 2.50
C MET A 52 5.48 4.21 2.54
N GLU A 53 6.00 3.84 3.70
CA GLU A 53 7.43 3.77 3.88
C GLU A 53 7.83 2.38 4.37
N GLU A 54 7.41 1.37 3.62
CA GLU A 54 7.71 0.00 3.98
C GLU A 54 7.62 -0.90 2.74
N ILE A 55 6.50 -0.77 2.04
CA ILE A 55 6.27 -1.56 0.84
C ILE A 55 7.60 -1.79 0.13
N GLN A 56 7.82 -3.04 -0.27
CA GLN A 56 9.04 -3.40 -0.96
C GLN A 56 8.86 -3.26 -2.47
N SER A 57 7.67 -3.62 -2.93
CA SER A 57 7.36 -3.54 -4.35
C SER A 57 5.87 -3.83 -4.58
N VAL A 58 5.23 -2.92 -5.29
CA VAL A 58 3.81 -3.07 -5.58
C VAL A 58 3.64 -3.76 -6.93
N GLU A 59 2.81 -4.79 -6.94
CA GLU A 59 2.55 -5.53 -8.16
C GLU A 59 1.13 -6.11 -8.14
N GLU A 60 0.82 -6.88 -9.18
CA GLU A 60 -0.48 -7.50 -9.29
C GLU A 60 -0.36 -8.90 -9.90
N THR A 61 -1.06 -9.84 -9.27
CA THR A 61 -1.03 -11.21 -9.73
C THR A 61 -2.15 -11.46 -10.75
N GLN A 62 -2.00 -12.53 -11.51
CA GLN A 62 -2.98 -12.87 -12.51
C GLN A 62 -3.42 -14.34 -12.36
N ILE A 63 -4.62 -14.61 -12.83
CA ILE A 63 -5.16 -15.96 -12.75
C ILE A 63 -5.95 -16.27 -14.03
N LYS A 64 -5.22 -16.70 -15.04
CA LYS A 64 -5.84 -17.03 -16.32
C LYS A 64 -6.03 -15.76 -17.13
N GLU A 65 -6.27 -14.67 -16.42
CA GLU A 65 -6.48 -13.38 -17.07
C GLU A 65 -6.18 -12.24 -16.09
N ARG A 66 -6.78 -12.34 -14.91
CA ARG A 66 -6.58 -11.34 -13.88
C ARG A 66 -6.88 -11.91 -12.50
N LYS A 67 -6.04 -11.55 -11.55
CA LYS A 67 -6.21 -12.04 -10.18
C LYS A 67 -6.51 -10.85 -9.26
N CYS A 68 -5.46 -10.35 -8.64
CA CYS A 68 -5.59 -9.22 -7.74
C CYS A 68 -4.26 -8.47 -7.69
N LEU A 69 -4.27 -7.34 -7.00
CA LEU A 69 -3.07 -6.53 -6.88
C LEU A 69 -2.33 -6.92 -5.59
N LEU A 70 -1.03 -7.12 -5.74
CA LEU A 70 -0.20 -7.50 -4.60
C LEU A 70 0.45 -6.24 -4.02
N LEU A 71 0.90 -6.37 -2.78
CA LEU A 71 1.54 -5.25 -2.10
C LEU A 71 2.61 -5.79 -1.14
N LYS A 72 3.73 -6.20 -1.72
CA LYS A 72 4.83 -6.75 -0.94
C LYS A 72 5.42 -5.64 -0.08
N ILE A 73 5.80 -6.00 1.14
CA ILE A 73 6.38 -5.05 2.07
C ILE A 73 7.84 -5.43 2.33
N ARG A 74 8.66 -4.41 2.56
CA ARG A 74 10.06 -4.62 2.84
C ARG A 74 10.26 -5.10 4.27
N GLY A 75 9.15 -5.30 4.95
CA GLY A 75 9.19 -5.75 6.34
C GLY A 75 9.01 -7.28 6.42
N GLY A 76 8.75 -7.87 5.27
CA GLY A 76 8.57 -9.31 5.20
C GLY A 76 7.09 -9.68 5.31
N LYS A 77 6.26 -8.83 4.73
CA LYS A 77 4.82 -9.06 4.76
C LYS A 77 4.23 -8.71 3.39
N GLN A 78 3.59 -9.71 2.80
CA GLN A 78 2.97 -9.53 1.50
C GLN A 78 1.47 -9.27 1.65
N PHE A 79 0.96 -8.43 0.76
CA PHE A 79 -0.45 -8.09 0.78
C PHE A 79 -1.09 -8.30 -0.59
N ILE A 80 -2.34 -8.74 -0.56
CA ILE A 80 -3.08 -8.98 -1.80
C ILE A 80 -4.43 -8.26 -1.73
N LEU A 81 -4.53 -7.19 -2.51
CA LEU A 81 -5.75 -6.41 -2.55
C LEU A 81 -6.27 -6.37 -3.99
N GLN A 82 -7.51 -5.93 -4.12
CA GLN A 82 -8.13 -5.83 -5.43
C GLN A 82 -9.18 -4.71 -5.44
N CYS A 83 -9.83 -4.56 -6.58
CA CYS A 83 -10.84 -3.53 -6.74
C CYS A 83 -11.82 -3.98 -7.82
N ASP A 84 -12.98 -3.33 -7.85
CA ASP A 84 -13.99 -3.65 -8.83
C ASP A 84 -13.72 -2.88 -10.12
N SER A 85 -12.97 -1.79 -9.97
CA SER A 85 -12.64 -0.96 -11.12
C SER A 85 -11.30 -1.42 -11.71
N ASP A 86 -11.17 -1.22 -13.02
CA ASP A 86 -9.95 -1.60 -13.71
C ASP A 86 -8.90 -0.52 -13.51
N PRO A 87 -9.32 0.76 -13.71
CA PRO A 87 -8.42 1.89 -13.55
C PRO A 87 -8.15 2.17 -12.07
N GLU A 88 -9.23 2.30 -11.32
CA GLU A 88 -9.12 2.56 -9.89
C GLU A 88 -7.80 2.05 -9.35
N LEU A 89 -7.77 0.75 -9.06
CA LEU A 89 -6.58 0.12 -8.54
C LEU A 89 -5.36 0.57 -9.37
N VAL A 90 -5.53 0.49 -10.68
CA VAL A 90 -4.47 0.88 -11.59
C VAL A 90 -3.89 2.23 -11.15
N GLN A 91 -4.77 3.20 -11.00
CA GLN A 91 -4.35 4.53 -10.59
C GLN A 91 -3.79 4.49 -9.16
N TRP A 92 -4.44 3.68 -8.33
CA TRP A 92 -4.01 3.54 -6.95
C TRP A 92 -2.54 3.14 -6.95
N LYS A 93 -2.21 2.17 -7.80
CA LYS A 93 -0.85 1.70 -7.90
C LYS A 93 0.08 2.87 -8.19
N LYS A 94 -0.20 3.55 -9.30
CA LYS A 94 0.60 4.69 -9.70
C LYS A 94 0.93 5.53 -8.47
N GLU A 95 -0.12 5.92 -7.76
CA GLU A 95 0.05 6.73 -6.56
C GLU A 95 0.76 5.92 -5.48
N LEU A 96 0.48 4.62 -5.46
CA LEU A 96 1.08 3.74 -4.47
C LEU A 96 2.59 3.68 -4.71
N ARG A 97 2.96 3.19 -5.89
CA ARG A 97 4.37 3.08 -6.25
C ARG A 97 5.14 4.30 -5.73
N ASP A 98 4.73 5.46 -6.20
CA ASP A 98 5.38 6.70 -5.79
C ASP A 98 5.32 6.83 -4.27
N ALA A 99 4.15 6.53 -3.73
CA ALA A 99 3.95 6.61 -2.28
C ALA A 99 5.05 5.82 -1.58
N TYR A 100 5.18 4.56 -1.98
CA TYR A 100 6.18 3.68 -1.39
C TYR A 100 7.59 4.15 -1.76
N ARG A 101 7.67 4.89 -2.86
CA ARG A 101 8.95 5.40 -3.32
C ARG A 101 9.32 6.68 -2.57
N GLU A 102 8.59 7.75 -2.88
CA GLU A 102 8.84 9.03 -2.25
C GLU A 102 9.21 8.82 -0.77
N ALA A 103 8.63 7.78 -0.19
CA ALA A 103 8.89 7.46 1.20
C ALA A 103 10.27 6.80 1.33
N GLN A 104 10.47 5.77 0.52
CA GLN A 104 11.73 5.04 0.53
C GLN A 104 12.90 6.02 0.38
N GLN A 105 12.68 7.04 -0.42
CA GLN A 105 13.71 8.05 -0.64
C GLN A 105 13.99 8.82 0.64
N LEU A 106 13.11 8.65 1.61
CA LEU A 106 13.26 9.32 2.90
C LEU A 106 14.13 8.46 3.81
N VAL A 107 13.98 7.15 3.66
CA VAL A 107 14.75 6.21 4.46
C VAL A 107 15.76 5.49 3.57
N GLN A 108 16.00 6.08 2.41
CA GLN A 108 16.94 5.51 1.45
C GLN A 108 18.35 5.51 2.04
N ARG A 109 18.82 6.70 2.36
CA ARG A 109 20.15 6.85 2.93
C ARG A 109 20.20 6.24 4.33
N VAL A 110 20.04 4.92 4.37
CA VAL A 110 20.07 4.21 5.64
C VAL A 110 21.12 3.09 5.56
N PRO A 111 22.24 3.31 6.27
CA PRO A 111 23.33 2.34 6.29
C PRO A 111 22.96 1.14 7.19
N LYS A 112 23.90 0.21 7.27
CA LYS A 112 23.70 -0.98 8.07
C LYS A 112 23.95 -0.65 9.55
N MET A 113 25.20 -0.31 9.84
CA MET A 113 25.58 0.03 11.20
C MET A 113 26.32 1.37 11.24
N LYS A 114 25.53 2.44 11.24
CA LYS A 114 26.09 3.78 11.28
C LYS A 114 25.05 4.75 11.85
N ASN A 115 25.46 6.00 11.99
CA ASN A 115 24.59 7.03 12.52
C ASN A 115 23.93 6.51 13.81
N LYS A 116 24.76 6.32 14.82
CA LYS A 116 24.28 5.84 16.10
C LYS A 116 23.77 4.40 15.94
N PRO A 117 24.62 3.43 16.38
CA PRO A 117 24.27 2.03 16.29
C PRO A 117 23.24 1.65 17.36
N ARG A 118 23.38 2.28 18.52
CA ARG A 118 22.47 2.02 19.61
C ARG A 118 22.01 3.33 20.26
N SER A 119 20.93 3.25 21.00
CA SER A 119 20.39 4.42 21.67
C SER A 119 21.03 4.58 23.05
N GLY A 1 9.03 21.56 10.79
CA GLY A 1 10.19 20.74 10.50
C GLY A 1 9.79 19.31 10.16
N SER A 2 9.20 18.64 11.14
CA SER A 2 8.76 17.27 10.96
C SER A 2 7.27 17.15 11.30
N HIS A 3 6.48 17.00 10.26
CA HIS A 3 5.03 16.87 10.43
C HIS A 3 4.43 16.17 9.21
N MET A 4 3.20 15.72 9.37
CA MET A 4 2.50 15.03 8.31
C MET A 4 1.58 15.99 7.56
N GLY A 5 1.43 15.74 6.26
CA GLY A 5 0.59 16.56 5.42
C GLY A 5 -0.89 16.25 5.66
N LYS A 6 -1.74 16.91 4.90
CA LYS A 6 -3.17 16.72 5.01
C LYS A 6 -3.82 16.81 3.63
N ASP A 7 -3.42 15.89 2.77
CA ASP A 7 -3.95 15.85 1.41
C ASP A 7 -3.85 14.43 0.87
N CYS A 8 -5.00 13.78 0.77
CA CYS A 8 -5.05 12.42 0.27
C CYS A 8 -4.73 12.45 -1.22
N ILE A 9 -4.00 11.42 -1.66
CA ILE A 9 -3.61 11.32 -3.06
C ILE A 9 -4.74 10.67 -3.84
N MET A 10 -5.08 9.45 -3.43
CA MET A 10 -6.15 8.71 -4.09
C MET A 10 -6.96 7.89 -3.08
N HIS A 11 -8.27 8.06 -3.16
CA HIS A 11 -9.16 7.34 -2.26
C HIS A 11 -10.27 6.66 -3.07
N GLY A 12 -10.83 5.62 -2.47
CA GLY A 12 -11.90 4.88 -3.12
C GLY A 12 -12.16 3.55 -2.41
N TYR A 13 -13.01 2.74 -3.04
CA TYR A 13 -13.35 1.45 -2.47
C TYR A 13 -12.56 0.33 -3.14
N MET A 14 -11.81 -0.41 -2.33
CA MET A 14 -11.01 -1.51 -2.83
C MET A 14 -10.79 -2.57 -1.75
N SER A 15 -10.85 -3.82 -2.18
CA SER A 15 -10.66 -4.93 -1.27
C SER A 15 -9.19 -5.36 -1.26
N LYS A 16 -8.79 -5.95 -0.14
CA LYS A 16 -7.42 -6.41 0.02
C LYS A 16 -7.35 -7.41 1.17
N MET A 17 -6.29 -8.22 1.13
CA MET A 17 -6.10 -9.22 2.17
C MET A 17 -5.02 -10.22 1.76
N GLY A 18 -4.59 -11.01 2.73
CA GLY A 18 -3.56 -12.01 2.48
C GLY A 18 -3.27 -12.83 3.74
N ASN A 19 -3.31 -14.14 3.59
CA ASN A 19 -3.05 -15.03 4.70
C ASN A 19 -2.81 -16.45 4.17
N PRO A 20 -2.62 -17.40 5.12
CA PRO A 20 -2.37 -18.78 4.76
C PRO A 20 -3.67 -19.46 4.30
N PHE A 21 -4.72 -18.68 4.26
CA PHE A 21 -6.03 -19.18 3.85
C PHE A 21 -6.76 -18.17 2.97
N LEU A 22 -6.42 -18.18 1.69
CA LEU A 22 -7.04 -17.27 0.74
C LEU A 22 -8.33 -17.88 0.22
N THR A 23 -9.38 -17.74 1.02
CA THR A 23 -10.67 -18.27 0.65
C THR A 23 -11.79 -17.27 0.99
N GLN A 24 -11.37 -16.07 1.33
CA GLN A 24 -12.30 -15.02 1.69
C GLN A 24 -12.05 -13.76 0.84
N TRP A 25 -13.02 -12.86 0.89
CA TRP A 25 -12.91 -11.62 0.14
C TRP A 25 -13.78 -10.57 0.83
N GLN A 26 -13.13 -9.48 1.23
CA GLN A 26 -13.83 -8.41 1.91
C GLN A 26 -13.40 -7.05 1.33
N ARG A 27 -14.38 -6.32 0.84
CA ARG A 27 -14.12 -5.01 0.25
C ARG A 27 -14.14 -3.94 1.34
N ARG A 28 -13.20 -3.00 1.20
CA ARG A 28 -13.09 -1.92 2.17
C ARG A 28 -12.62 -0.64 1.47
N TYR A 29 -12.98 0.48 2.08
CA TYR A 29 -12.61 1.78 1.53
C TYR A 29 -11.36 2.34 2.22
N PHE A 30 -10.32 2.52 1.43
CA PHE A 30 -9.07 3.04 1.95
C PHE A 30 -8.75 4.41 1.35
N TYR A 31 -7.71 5.03 1.88
CA TYR A 31 -7.30 6.34 1.42
C TYR A 31 -5.77 6.41 1.24
N LEU A 32 -5.36 6.77 0.04
CA LEU A 32 -3.94 6.88 -0.27
C LEU A 32 -3.46 8.29 0.06
N PHE A 33 -2.63 8.37 1.08
CA PHE A 33 -2.08 9.64 1.51
C PHE A 33 -0.66 9.83 1.00
N PRO A 34 -0.13 11.07 1.20
CA PRO A 34 1.21 11.40 0.77
C PRO A 34 2.25 10.77 1.69
N ASN A 35 1.80 9.81 2.49
CA ASN A 35 2.68 9.13 3.42
C ASN A 35 1.85 8.15 4.26
N ARG A 36 0.67 8.61 4.65
CA ARG A 36 -0.21 7.78 5.46
C ARG A 36 -1.07 6.89 4.56
N LEU A 37 -2.09 6.30 5.18
CA LEU A 37 -2.99 5.41 4.45
C LEU A 37 -4.04 4.86 5.42
N GLU A 38 -5.25 5.39 5.28
CA GLU A 38 -6.35 4.95 6.12
C GLU A 38 -7.14 3.83 5.44
N TRP A 39 -7.03 2.64 6.02
CA TRP A 39 -7.73 1.48 5.48
C TRP A 39 -8.82 1.08 6.48
N ARG A 40 -10.03 1.50 6.17
CA ARG A 40 -11.17 1.19 7.03
C ARG A 40 -12.33 0.66 6.19
N GLY A 41 -13.33 0.14 6.89
CA GLY A 41 -14.51 -0.40 6.23
C GLY A 41 -15.21 -1.44 7.11
N GLU A 42 -15.66 -2.50 6.46
CA GLU A 42 -16.35 -3.57 7.17
C GLU A 42 -15.34 -4.47 7.88
N GLY A 43 -15.86 -5.35 8.72
CA GLY A 43 -15.01 -6.26 9.47
C GLY A 43 -14.49 -5.62 10.75
N GLU A 44 -13.25 -5.93 11.08
CA GLU A 44 -12.62 -5.38 12.26
C GLU A 44 -11.16 -5.83 12.35
N ALA A 45 -10.40 -5.09 13.15
CA ALA A 45 -8.99 -5.40 13.32
C ALA A 45 -8.36 -4.37 14.27
N PRO A 46 -7.21 -4.77 14.87
CA PRO A 46 -6.50 -3.90 15.79
C PRO A 46 -5.77 -2.79 15.04
N GLN A 47 -5.50 -3.05 13.78
CA GLN A 47 -4.80 -2.09 12.94
C GLN A 47 -5.80 -1.36 12.03
N SER A 48 -5.45 -0.11 11.73
CA SER A 48 -6.30 0.71 10.88
C SER A 48 -5.47 1.79 10.19
N LEU A 49 -4.61 2.43 10.99
CA LEU A 49 -3.75 3.48 10.47
C LEU A 49 -2.45 2.86 9.97
N LEU A 50 -1.92 3.46 8.91
CA LEU A 50 -0.68 2.98 8.32
C LEU A 50 -0.13 4.05 7.37
N THR A 51 1.14 3.90 7.04
CA THR A 51 1.80 4.83 6.15
C THR A 51 2.20 4.15 4.85
N MET A 52 3.06 4.82 4.08
CA MET A 52 3.52 4.29 2.81
C MET A 52 5.04 4.25 2.76
N GLU A 53 5.63 3.90 3.90
CA GLU A 53 7.08 3.82 3.99
C GLU A 53 7.51 2.46 4.52
N GLU A 54 7.11 1.42 3.78
CA GLU A 54 7.44 0.06 4.16
C GLU A 54 7.37 -0.86 2.94
N ILE A 55 6.25 -0.80 2.26
CA ILE A 55 6.04 -1.62 1.07
C ILE A 55 7.35 -1.73 0.30
N GLN A 56 7.67 -2.96 -0.10
CA GLN A 56 8.89 -3.21 -0.83
C GLN A 56 8.68 -2.93 -2.33
N SER A 57 7.52 -3.35 -2.82
CA SER A 57 7.18 -3.14 -4.21
C SER A 57 5.76 -3.64 -4.49
N VAL A 58 5.00 -2.80 -5.18
CA VAL A 58 3.63 -3.14 -5.51
C VAL A 58 3.57 -3.68 -6.94
N GLU A 59 2.60 -4.56 -7.18
CA GLU A 59 2.43 -5.15 -8.48
C GLU A 59 1.03 -5.77 -8.61
N GLU A 60 0.86 -6.53 -9.67
CA GLU A 60 -0.42 -7.19 -9.92
C GLU A 60 -0.21 -8.56 -10.56
N THR A 61 -1.12 -9.47 -10.25
CA THR A 61 -1.05 -10.82 -10.78
C THR A 61 -2.24 -11.11 -11.70
N GLN A 62 -2.12 -12.19 -12.45
CA GLN A 62 -3.18 -12.58 -13.36
C GLN A 62 -3.46 -14.07 -13.24
N ILE A 63 -4.68 -14.45 -13.63
CA ILE A 63 -5.07 -15.84 -13.57
C ILE A 63 -5.90 -16.19 -14.81
N LYS A 64 -5.18 -16.54 -15.87
CA LYS A 64 -5.83 -16.89 -17.13
C LYS A 64 -6.20 -15.61 -17.89
N GLU A 65 -6.58 -14.60 -17.12
CA GLU A 65 -6.96 -13.32 -17.70
C GLU A 65 -6.78 -12.20 -16.68
N ARG A 66 -7.23 -12.47 -15.46
CA ARG A 66 -7.11 -11.50 -14.40
C ARG A 66 -7.09 -12.20 -13.04
N LYS A 67 -6.20 -11.73 -12.18
CA LYS A 67 -6.07 -12.31 -10.85
C LYS A 67 -6.39 -11.24 -9.81
N CYS A 68 -5.34 -10.60 -9.32
CA CYS A 68 -5.49 -9.55 -8.32
C CYS A 68 -4.24 -8.68 -8.33
N LEU A 69 -4.15 -7.79 -7.35
CA LEU A 69 -3.03 -6.89 -7.24
C LEU A 69 -2.09 -7.38 -6.13
N LEU A 70 -0.80 -7.21 -6.38
CA LEU A 70 0.21 -7.64 -5.41
C LEU A 70 0.58 -6.44 -4.53
N LEU A 71 1.15 -6.76 -3.37
CA LEU A 71 1.56 -5.73 -2.43
C LEU A 71 2.52 -6.33 -1.41
N LYS A 72 3.79 -6.36 -1.79
CA LYS A 72 4.83 -6.90 -0.92
C LYS A 72 5.39 -5.78 -0.06
N ILE A 73 5.61 -6.11 1.21
CA ILE A 73 6.15 -5.14 2.16
C ILE A 73 7.63 -5.45 2.40
N ARG A 74 8.40 -4.39 2.56
CA ARG A 74 9.83 -4.53 2.81
C ARG A 74 10.08 -4.88 4.28
N GLY A 75 8.99 -5.05 5.01
CA GLY A 75 9.08 -5.39 6.42
C GLY A 75 9.16 -6.90 6.63
N GLY A 76 8.72 -7.62 5.61
CA GLY A 76 8.74 -9.08 5.66
C GLY A 76 7.32 -9.64 5.61
N LYS A 77 6.50 -9.05 4.76
CA LYS A 77 5.13 -9.47 4.61
C LYS A 77 4.71 -9.34 3.13
N GLN A 78 3.55 -9.90 2.83
CA GLN A 78 3.03 -9.84 1.47
C GLN A 78 1.51 -9.68 1.49
N PHE A 79 1.04 -8.77 0.64
CA PHE A 79 -0.39 -8.51 0.55
C PHE A 79 -0.89 -8.68 -0.89
N ILE A 80 -2.21 -8.73 -1.02
CA ILE A 80 -2.82 -8.88 -2.33
C ILE A 80 -4.13 -8.10 -2.37
N LEU A 81 -4.14 -7.05 -3.16
CA LEU A 81 -5.32 -6.22 -3.30
C LEU A 81 -6.28 -6.85 -4.32
N GLN A 82 -7.55 -6.55 -4.15
CA GLN A 82 -8.56 -7.08 -5.04
C GLN A 82 -9.78 -6.16 -5.08
N CYS A 83 -9.87 -5.40 -6.16
CA CYS A 83 -10.97 -4.46 -6.33
C CYS A 83 -11.79 -4.90 -7.55
N ASP A 84 -12.99 -4.36 -7.64
CA ASP A 84 -13.88 -4.68 -8.75
C ASP A 84 -13.61 -3.73 -9.92
N SER A 85 -12.90 -2.66 -9.60
CA SER A 85 -12.56 -1.66 -10.61
C SER A 85 -11.20 -1.99 -11.23
N ASP A 86 -11.07 -1.66 -12.50
CA ASP A 86 -9.83 -1.91 -13.22
C ASP A 86 -8.86 -0.76 -12.96
N PRO A 87 -9.41 0.49 -13.07
CA PRO A 87 -8.61 1.68 -12.85
C PRO A 87 -8.32 1.89 -11.36
N GLU A 88 -9.39 1.89 -10.59
CA GLU A 88 -9.27 2.07 -9.14
C GLU A 88 -7.88 1.63 -8.67
N LEU A 89 -7.73 0.33 -8.51
CA LEU A 89 -6.47 -0.23 -8.05
C LEU A 89 -5.34 0.31 -8.93
N VAL A 90 -5.57 0.29 -10.23
CA VAL A 90 -4.58 0.78 -11.17
C VAL A 90 -4.03 2.12 -10.68
N GLN A 91 -4.94 3.08 -10.53
CA GLN A 91 -4.56 4.41 -10.07
C GLN A 91 -3.97 4.33 -8.66
N TRP A 92 -4.59 3.48 -7.84
CA TRP A 92 -4.14 3.31 -6.47
C TRP A 92 -2.65 2.95 -6.51
N LYS A 93 -2.32 2.01 -7.38
CA LYS A 93 -0.95 1.57 -7.51
C LYS A 93 -0.06 2.78 -7.86
N LYS A 94 -0.36 3.38 -8.99
CA LYS A 94 0.39 4.54 -9.45
C LYS A 94 0.74 5.42 -8.24
N GLU A 95 -0.30 5.84 -7.55
CA GLU A 95 -0.12 6.69 -6.38
C GLU A 95 0.59 5.92 -5.27
N LEU A 96 0.28 4.63 -5.19
CA LEU A 96 0.89 3.77 -4.18
C LEU A 96 2.38 3.63 -4.46
N ARG A 97 2.68 3.04 -5.60
CA ARG A 97 4.07 2.84 -6.00
C ARG A 97 4.92 4.03 -5.56
N ASP A 98 4.52 5.20 -6.04
CA ASP A 98 5.24 6.42 -5.71
C ASP A 98 5.22 6.63 -4.19
N ALA A 99 4.05 6.39 -3.61
CA ALA A 99 3.89 6.54 -2.18
C ALA A 99 4.97 5.73 -1.45
N TYR A 100 5.08 4.48 -1.84
CA TYR A 100 6.06 3.59 -1.24
C TYR A 100 7.48 3.98 -1.67
N ARG A 101 7.57 4.55 -2.86
CA ARG A 101 8.85 4.97 -3.40
C ARG A 101 9.32 6.26 -2.71
N GLU A 102 8.53 7.32 -2.91
CA GLU A 102 8.85 8.60 -2.32
C GLU A 102 9.25 8.44 -0.85
N ALA A 103 8.67 7.42 -0.23
CA ALA A 103 8.96 7.14 1.17
C ALA A 103 10.27 6.38 1.27
N GLN A 104 10.36 5.28 0.53
CA GLN A 104 11.56 4.46 0.53
C GLN A 104 12.80 5.34 0.33
N GLN A 105 12.67 6.29 -0.59
CA GLN A 105 13.76 7.19 -0.89
C GLN A 105 14.18 7.96 0.38
N LEU A 106 13.29 7.93 1.37
CA LEU A 106 13.55 8.61 2.62
C LEU A 106 14.35 7.69 3.55
N VAL A 107 14.11 6.40 3.39
CA VAL A 107 14.80 5.41 4.20
C VAL A 107 15.80 4.64 3.31
N GLN A 108 16.03 5.18 2.14
CA GLN A 108 16.96 4.57 1.19
C GLN A 108 18.37 4.49 1.80
N ARG A 109 18.89 5.66 2.14
CA ARG A 109 20.22 5.74 2.73
C ARG A 109 20.21 5.12 4.14
N VAL A 110 19.98 3.82 4.17
CA VAL A 110 19.95 3.11 5.44
C VAL A 110 21.04 2.04 5.44
N PRO A 111 21.70 1.89 6.62
CA PRO A 111 22.76 0.90 6.78
C PRO A 111 22.18 -0.51 6.87
N LYS A 112 23.09 -1.47 6.93
CA LYS A 112 22.68 -2.87 7.03
C LYS A 112 22.01 -3.11 8.37
N MET A 113 22.83 -3.22 9.40
CA MET A 113 22.32 -3.45 10.75
C MET A 113 22.78 -2.35 11.71
N LYS A 114 23.91 -1.74 11.36
CA LYS A 114 24.46 -0.68 12.18
C LYS A 114 25.79 -0.22 11.57
N ASN A 115 25.89 1.08 11.36
CA ASN A 115 27.09 1.66 10.79
C ASN A 115 27.62 0.75 9.68
N LYS A 116 26.76 0.48 8.72
CA LYS A 116 27.12 -0.38 7.60
C LYS A 116 26.27 -0.01 6.38
N PRO A 117 26.55 1.21 5.85
CA PRO A 117 25.82 1.69 4.68
C PRO A 117 26.29 0.99 3.41
N ARG A 118 26.23 -0.34 3.44
CA ARG A 118 26.65 -1.13 2.31
C ARG A 118 28.15 -0.97 2.07
N SER A 119 28.82 -2.11 1.97
CA SER A 119 30.26 -2.10 1.75
C SER A 119 30.61 -3.09 0.63
N GLY A 1 2.10 14.22 -14.48
CA GLY A 1 1.97 15.51 -15.15
C GLY A 1 1.74 16.63 -14.12
N SER A 2 0.66 16.48 -13.37
CA SER A 2 0.31 17.47 -12.36
C SER A 2 -1.00 17.08 -11.68
N HIS A 3 -0.90 16.13 -10.76
CA HIS A 3 -2.07 15.67 -10.05
C HIS A 3 -1.63 14.88 -8.81
N MET A 4 -1.36 15.61 -7.74
CA MET A 4 -0.93 15.00 -6.50
C MET A 4 -1.23 15.92 -5.30
N GLY A 5 -1.56 15.27 -4.19
CA GLY A 5 -1.87 16.01 -2.97
C GLY A 5 -0.65 16.09 -2.05
N LYS A 6 -0.87 16.70 -0.89
CA LYS A 6 0.20 16.83 0.08
C LYS A 6 -0.14 16.01 1.34
N ASP A 7 -1.42 15.71 1.47
CA ASP A 7 -1.89 14.93 2.60
C ASP A 7 -2.96 13.93 2.13
N CYS A 8 -2.97 13.72 0.82
CA CYS A 8 -3.92 12.79 0.22
C CYS A 8 -3.52 12.56 -1.24
N ILE A 9 -3.33 11.29 -1.58
CA ILE A 9 -2.96 10.94 -2.94
C ILE A 9 -4.21 10.53 -3.71
N MET A 10 -4.81 9.43 -3.27
CA MET A 10 -6.01 8.91 -3.91
C MET A 10 -6.86 8.12 -2.92
N HIS A 11 -8.17 8.33 -3.02
CA HIS A 11 -9.09 7.64 -2.14
C HIS A 11 -10.19 6.97 -2.97
N GLY A 12 -10.75 5.91 -2.41
CA GLY A 12 -11.80 5.18 -3.09
C GLY A 12 -12.14 3.88 -2.34
N TYR A 13 -13.04 3.11 -2.93
CA TYR A 13 -13.46 1.85 -2.32
C TYR A 13 -12.82 0.67 -3.04
N MET A 14 -12.08 -0.12 -2.26
CA MET A 14 -11.41 -1.29 -2.80
C MET A 14 -11.26 -2.37 -1.74
N SER A 15 -11.21 -3.61 -2.21
CA SER A 15 -11.06 -4.76 -1.31
C SER A 15 -9.62 -5.25 -1.33
N LYS A 16 -9.11 -5.54 -0.15
CA LYS A 16 -7.75 -6.03 -0.01
C LYS A 16 -7.60 -6.74 1.34
N MET A 17 -6.73 -7.74 1.35
CA MET A 17 -6.49 -8.51 2.56
C MET A 17 -5.17 -9.30 2.45
N GLY A 18 -4.74 -9.81 3.59
CA GLY A 18 -3.51 -10.59 3.65
C GLY A 18 -3.41 -11.36 4.95
N ASN A 19 -3.35 -12.68 4.82
CA ASN A 19 -3.25 -13.54 5.99
C ASN A 19 -2.86 -14.96 5.54
N PRO A 20 -2.78 -15.87 6.54
CA PRO A 20 -2.41 -17.26 6.25
C PRO A 20 -3.59 -18.01 5.61
N PHE A 21 -4.67 -17.27 5.39
CA PHE A 21 -5.85 -17.85 4.80
C PHE A 21 -6.44 -16.93 3.72
N LEU A 22 -5.94 -17.08 2.51
CA LEU A 22 -6.39 -16.27 1.40
C LEU A 22 -7.69 -16.87 0.84
N THR A 23 -8.76 -16.67 1.58
CA THR A 23 -10.06 -17.18 1.15
C THR A 23 -11.19 -16.33 1.75
N GLN A 24 -10.82 -15.11 2.13
CA GLN A 24 -11.80 -14.19 2.71
C GLN A 24 -11.66 -12.81 2.08
N TRP A 25 -12.48 -12.58 1.07
CA TRP A 25 -12.46 -11.30 0.37
C TRP A 25 -13.53 -10.40 1.01
N GLN A 26 -13.12 -9.17 1.29
CA GLN A 26 -14.03 -8.21 1.89
C GLN A 26 -13.76 -6.81 1.34
N ARG A 27 -14.84 -6.17 0.91
CA ARG A 27 -14.73 -4.83 0.35
C ARG A 27 -14.70 -3.78 1.48
N ARG A 28 -13.60 -3.05 1.53
CA ARG A 28 -13.43 -2.01 2.54
C ARG A 28 -12.97 -0.71 1.90
N TYR A 29 -13.15 0.37 2.64
CA TYR A 29 -12.75 1.68 2.16
C TYR A 29 -11.30 2.00 2.53
N PHE A 30 -10.51 2.30 1.52
CA PHE A 30 -9.12 2.61 1.72
C PHE A 30 -8.80 4.04 1.28
N TYR A 31 -7.69 4.57 1.79
CA TYR A 31 -7.27 5.92 1.46
C TYR A 31 -5.77 5.99 1.25
N LEU A 32 -5.39 6.45 0.07
CA LEU A 32 -3.98 6.57 -0.27
C LEU A 32 -3.47 7.95 0.14
N PHE A 33 -2.76 7.99 1.26
CA PHE A 33 -2.22 9.24 1.76
C PHE A 33 -0.72 9.34 1.48
N PRO A 34 -0.26 10.61 1.25
CA PRO A 34 1.14 10.86 0.96
C PRO A 34 1.99 10.74 2.23
N ASN A 35 2.02 9.54 2.78
CA ASN A 35 2.78 9.28 3.98
C ASN A 35 2.13 8.14 4.77
N ARG A 36 0.81 8.05 4.63
CA ARG A 36 0.06 7.02 5.32
C ARG A 36 -1.08 6.51 4.43
N LEU A 37 -1.90 5.63 5.00
CA LEU A 37 -3.02 5.07 4.27
C LEU A 37 -4.05 4.54 5.26
N GLU A 38 -5.26 5.03 5.13
CA GLU A 38 -6.34 4.62 6.01
C GLU A 38 -7.21 3.55 5.33
N TRP A 39 -7.52 2.51 6.09
CA TRP A 39 -8.33 1.42 5.57
C TRP A 39 -9.29 0.98 6.68
N ARG A 40 -10.52 1.47 6.56
CA ARG A 40 -11.55 1.14 7.54
C ARG A 40 -12.66 0.35 6.88
N GLY A 41 -13.62 -0.05 7.71
CA GLY A 41 -14.76 -0.82 7.22
C GLY A 41 -15.22 -1.84 8.26
N GLU A 42 -15.89 -2.88 7.77
CA GLU A 42 -16.39 -3.93 8.64
C GLU A 42 -15.26 -4.91 8.99
N GLY A 43 -15.48 -5.66 10.06
CA GLY A 43 -14.50 -6.62 10.51
C GLY A 43 -13.17 -5.94 10.85
N GLU A 44 -12.51 -6.49 11.85
CA GLU A 44 -11.24 -5.94 12.30
C GLU A 44 -11.46 -4.65 13.09
N ALA A 45 -10.37 -4.13 13.63
CA ALA A 45 -10.43 -2.91 14.41
C ALA A 45 -10.42 -1.71 13.47
N PRO A 46 -10.92 -0.56 14.00
CA PRO A 46 -10.97 0.67 13.22
C PRO A 46 -9.59 1.30 13.07
N GLN A 47 -8.67 0.82 13.91
CA GLN A 47 -7.31 1.32 13.89
C GLN A 47 -6.46 0.53 12.89
N SER A 48 -6.49 0.99 11.65
CA SER A 48 -5.72 0.33 10.60
C SER A 48 -5.17 1.38 9.63
N LEU A 49 -4.08 2.01 10.05
CA LEU A 49 -3.44 3.03 9.24
C LEU A 49 -1.92 2.89 9.37
N LEU A 50 -1.28 2.66 8.24
CA LEU A 50 0.17 2.50 8.21
C LEU A 50 0.78 3.68 7.42
N THR A 51 2.07 3.56 7.17
CA THR A 51 2.78 4.59 6.43
C THR A 51 3.06 4.14 5.00
N MET A 52 4.07 4.75 4.40
CA MET A 52 4.44 4.43 3.03
C MET A 52 5.92 4.08 2.94
N GLU A 53 6.49 3.72 4.09
CA GLU A 53 7.89 3.37 4.15
C GLU A 53 8.06 1.94 4.69
N GLU A 54 7.58 0.99 3.90
CA GLU A 54 7.68 -0.41 4.28
C GLU A 54 7.56 -1.30 3.04
N ILE A 55 6.54 -1.04 2.25
CA ILE A 55 6.31 -1.80 1.04
C ILE A 55 7.63 -1.96 0.29
N GLN A 56 7.87 -3.19 -0.16
CA GLN A 56 9.09 -3.49 -0.90
C GLN A 56 8.88 -3.25 -2.39
N SER A 57 7.69 -3.57 -2.86
CA SER A 57 7.36 -3.40 -4.26
C SER A 57 5.89 -3.77 -4.50
N VAL A 58 5.21 -2.92 -5.25
CA VAL A 58 3.80 -3.15 -5.57
C VAL A 58 3.68 -3.57 -7.03
N GLU A 59 2.76 -4.49 -7.27
CA GLU A 59 2.53 -4.99 -8.62
C GLU A 59 1.19 -5.72 -8.69
N GLU A 60 0.82 -6.10 -9.91
CA GLU A 60 -0.43 -6.80 -10.12
C GLU A 60 -0.17 -8.17 -10.74
N THR A 61 -0.98 -9.14 -10.36
CA THR A 61 -0.85 -10.49 -10.87
C THR A 61 -2.02 -10.83 -11.78
N GLN A 62 -1.70 -11.53 -12.86
CA GLN A 62 -2.71 -11.93 -13.83
C GLN A 62 -2.91 -13.45 -13.80
N ILE A 63 -4.07 -13.87 -14.28
CA ILE A 63 -4.38 -15.30 -14.30
C ILE A 63 -5.25 -15.59 -15.53
N LYS A 64 -4.58 -15.85 -16.65
CA LYS A 64 -5.28 -16.15 -17.88
C LYS A 64 -5.65 -14.84 -18.58
N GLU A 65 -6.00 -13.86 -17.77
CA GLU A 65 -6.38 -12.55 -18.30
C GLU A 65 -6.17 -11.47 -17.25
N ARG A 66 -6.69 -11.73 -16.06
CA ARG A 66 -6.56 -10.80 -14.96
C ARG A 66 -6.84 -11.49 -13.63
N LYS A 67 -5.97 -11.24 -12.66
CA LYS A 67 -6.11 -11.84 -11.35
C LYS A 67 -6.42 -10.74 -10.33
N CYS A 68 -5.40 -10.37 -9.58
CA CYS A 68 -5.54 -9.33 -8.57
C CYS A 68 -4.25 -8.53 -8.51
N LEU A 69 -4.07 -7.82 -7.40
CA LEU A 69 -2.89 -7.01 -7.20
C LEU A 69 -2.07 -7.57 -6.04
N LEU A 70 -0.79 -7.26 -6.06
CA LEU A 70 0.12 -7.72 -5.02
C LEU A 70 0.68 -6.51 -4.26
N LEU A 71 1.06 -6.77 -3.02
CA LEU A 71 1.62 -5.72 -2.18
C LEU A 71 2.63 -6.34 -1.20
N LYS A 72 3.87 -6.44 -1.66
CA LYS A 72 4.93 -6.99 -0.85
C LYS A 72 5.54 -5.90 0.02
N ILE A 73 5.75 -6.23 1.28
CA ILE A 73 6.33 -5.28 2.22
C ILE A 73 7.77 -5.69 2.52
N ARG A 74 8.61 -4.67 2.68
CA ARG A 74 10.02 -4.91 2.98
C ARG A 74 10.20 -5.26 4.45
N GLY A 75 9.07 -5.34 5.15
CA GLY A 75 9.09 -5.67 6.57
C GLY A 75 9.11 -7.17 6.78
N GLY A 76 8.54 -7.89 5.81
CA GLY A 76 8.49 -9.34 5.89
C GLY A 76 7.07 -9.85 5.64
N LYS A 77 6.15 -8.90 5.52
CA LYS A 77 4.76 -9.24 5.28
C LYS A 77 4.40 -8.92 3.82
N GLN A 78 3.24 -9.41 3.41
CA GLN A 78 2.78 -9.19 2.05
C GLN A 78 1.30 -8.80 2.05
N PHE A 79 0.81 -8.44 0.88
CA PHE A 79 -0.58 -8.05 0.73
C PHE A 79 -1.08 -8.34 -0.69
N ILE A 80 -2.40 -8.39 -0.82
CA ILE A 80 -3.02 -8.66 -2.10
C ILE A 80 -4.27 -7.79 -2.25
N LEU A 81 -4.22 -6.87 -3.20
CA LEU A 81 -5.33 -5.97 -3.44
C LEU A 81 -6.33 -6.67 -4.37
N GLN A 82 -7.59 -6.31 -4.19
CA GLN A 82 -8.66 -6.90 -5.00
C GLN A 82 -9.86 -5.94 -5.06
N CYS A 83 -9.99 -5.29 -6.21
CA CYS A 83 -11.08 -4.35 -6.41
C CYS A 83 -11.88 -4.81 -7.63
N ASP A 84 -13.18 -4.52 -7.59
CA ASP A 84 -14.06 -4.90 -8.69
C ASP A 84 -13.77 -3.99 -9.89
N SER A 85 -12.90 -3.02 -9.66
CA SER A 85 -12.54 -2.09 -10.72
C SER A 85 -11.15 -2.46 -11.28
N ASP A 86 -11.01 -2.28 -12.58
CA ASP A 86 -9.75 -2.59 -13.24
C ASP A 86 -8.78 -1.41 -13.06
N PRO A 87 -9.34 -0.18 -13.24
CA PRO A 87 -8.54 1.02 -13.09
C PRO A 87 -8.25 1.32 -11.61
N GLU A 88 -9.34 1.35 -10.84
CA GLU A 88 -9.22 1.62 -9.42
C GLU A 88 -7.83 1.23 -8.91
N LEU A 89 -7.64 -0.07 -8.75
CA LEU A 89 -6.38 -0.60 -8.28
C LEU A 89 -5.24 -0.06 -9.16
N VAL A 90 -5.42 -0.23 -10.47
CA VAL A 90 -4.42 0.23 -11.42
C VAL A 90 -3.91 1.60 -10.99
N GLN A 91 -4.84 2.55 -10.89
CA GLN A 91 -4.49 3.90 -10.50
C GLN A 91 -3.96 3.91 -9.05
N TRP A 92 -4.63 3.14 -8.21
CA TRP A 92 -4.25 3.06 -6.81
C TRP A 92 -2.76 2.72 -6.75
N LYS A 93 -2.37 1.79 -7.62
CA LYS A 93 -0.98 1.36 -7.67
C LYS A 93 -0.09 2.57 -7.96
N LYS A 94 -0.34 3.21 -9.09
CA LYS A 94 0.42 4.37 -9.49
C LYS A 94 0.70 5.24 -8.26
N GLU A 95 -0.37 5.60 -7.58
CA GLU A 95 -0.25 6.43 -6.38
C GLU A 95 0.51 5.67 -5.28
N LEU A 96 0.23 4.37 -5.23
CA LEU A 96 0.88 3.53 -4.23
C LEU A 96 2.38 3.48 -4.50
N ARG A 97 2.73 2.94 -5.66
CA ARG A 97 4.11 2.83 -6.06
C ARG A 97 4.91 4.05 -5.59
N ASP A 98 4.37 5.22 -5.91
CA ASP A 98 5.01 6.46 -5.53
C ASP A 98 5.02 6.58 -4.00
N ALA A 99 3.83 6.54 -3.43
CA ALA A 99 3.69 6.64 -1.99
C ALA A 99 4.84 5.88 -1.32
N TYR A 100 5.03 4.64 -1.75
CA TYR A 100 6.09 3.81 -1.21
C TYR A 100 7.46 4.32 -1.64
N ARG A 101 7.58 4.59 -2.94
CA ARG A 101 8.83 5.07 -3.48
C ARG A 101 9.26 6.36 -2.78
N GLU A 102 8.42 7.37 -2.92
CA GLU A 102 8.70 8.66 -2.29
C GLU A 102 9.29 8.46 -0.91
N ALA A 103 8.57 7.71 -0.09
CA ALA A 103 9.00 7.43 1.26
C ALA A 103 10.47 7.00 1.24
N GLN A 104 10.78 6.11 0.31
CA GLN A 104 12.14 5.60 0.17
C GLN A 104 13.10 6.75 -0.14
N GLN A 105 12.94 7.31 -1.33
CA GLN A 105 13.78 8.41 -1.77
C GLN A 105 13.82 9.50 -0.70
N LEU A 106 12.79 9.49 0.14
CA LEU A 106 12.70 10.47 1.21
C LEU A 106 13.47 9.97 2.43
N VAL A 107 13.53 8.66 2.55
CA VAL A 107 14.24 8.05 3.67
C VAL A 107 15.56 7.46 3.17
N GLN A 108 15.94 7.87 1.97
CA GLN A 108 17.18 7.40 1.36
C GLN A 108 18.38 7.84 2.20
N ARG A 109 18.49 9.15 2.37
CA ARG A 109 19.58 9.71 3.15
C ARG A 109 19.42 9.34 4.63
N VAL A 110 19.55 8.05 4.90
CA VAL A 110 19.42 7.56 6.26
C VAL A 110 20.75 6.93 6.70
N PRO A 111 21.11 7.18 7.98
CA PRO A 111 22.35 6.66 8.52
C PRO A 111 22.22 5.16 8.83
N LYS A 112 23.24 4.63 9.48
CA LYS A 112 23.24 3.22 9.83
C LYS A 112 22.11 2.93 10.82
N MET A 113 21.96 1.66 11.13
CA MET A 113 20.93 1.23 12.07
C MET A 113 21.37 1.44 13.51
N LYS A 114 21.68 2.68 13.83
CA LYS A 114 22.11 3.02 15.17
C LYS A 114 22.36 4.54 15.26
N ASN A 115 21.50 5.28 14.57
CA ASN A 115 21.61 6.72 14.57
C ASN A 115 22.71 7.15 13.58
N LYS A 116 23.83 6.46 13.68
CA LYS A 116 24.96 6.75 12.81
C LYS A 116 25.87 5.52 12.74
N PRO A 117 26.82 5.57 11.76
CA PRO A 117 27.76 4.47 11.58
C PRO A 117 28.83 4.47 12.68
N ARG A 118 29.36 5.66 12.93
CA ARG A 118 30.39 5.81 13.95
C ARG A 118 30.84 7.26 14.04
N SER A 119 31.28 7.79 12.90
CA SER A 119 31.74 9.16 12.85
C SER A 119 32.68 9.46 14.02
N GLY A 1 2.19 14.17 17.14
CA GLY A 1 0.74 14.28 17.20
C GLY A 1 0.15 14.40 15.79
N SER A 2 0.45 15.52 15.15
CA SER A 2 -0.05 15.76 13.80
C SER A 2 0.51 17.09 13.28
N HIS A 3 1.47 16.97 12.38
CA HIS A 3 2.09 18.15 11.78
C HIS A 3 2.62 17.80 10.40
N MET A 4 1.70 17.68 9.45
CA MET A 4 2.06 17.36 8.08
C MET A 4 0.96 17.78 7.10
N GLY A 5 1.16 17.41 5.85
CA GLY A 5 0.20 17.74 4.82
C GLY A 5 -1.22 17.33 5.23
N LYS A 6 -2.18 17.72 4.39
CA LYS A 6 -3.57 17.40 4.67
C LYS A 6 -4.32 17.27 3.34
N ASP A 7 -3.87 16.34 2.52
CA ASP A 7 -4.50 16.11 1.23
C ASP A 7 -4.22 14.67 0.78
N CYS A 8 -5.29 13.88 0.76
CA CYS A 8 -5.17 12.49 0.35
C CYS A 8 -4.83 12.45 -1.14
N ILE A 9 -3.98 11.49 -1.49
CA ILE A 9 -3.58 11.34 -2.88
C ILE A 9 -4.70 10.70 -3.68
N MET A 10 -5.09 9.50 -3.24
CA MET A 10 -6.16 8.77 -3.91
C MET A 10 -7.10 8.13 -2.89
N HIS A 11 -8.38 8.14 -3.23
CA HIS A 11 -9.39 7.57 -2.35
C HIS A 11 -10.45 6.86 -3.19
N GLY A 12 -11.01 5.80 -2.61
CA GLY A 12 -12.03 5.03 -3.30
C GLY A 12 -12.36 3.75 -2.52
N TYR A 13 -13.14 2.89 -3.16
CA TYR A 13 -13.54 1.64 -2.54
C TYR A 13 -12.81 0.46 -3.19
N MET A 14 -12.06 -0.26 -2.38
CA MET A 14 -11.31 -1.42 -2.85
C MET A 14 -11.11 -2.44 -1.74
N SER A 15 -11.02 -3.70 -2.16
CA SER A 15 -10.84 -4.79 -1.21
C SER A 15 -9.35 -5.15 -1.11
N LYS A 16 -8.96 -5.60 0.07
CA LYS A 16 -7.58 -5.97 0.31
C LYS A 16 -7.50 -6.88 1.54
N MET A 17 -6.58 -7.82 1.48
CA MET A 17 -6.40 -8.77 2.58
C MET A 17 -5.17 -9.64 2.36
N GLY A 18 -4.68 -10.21 3.45
CA GLY A 18 -3.51 -11.06 3.39
C GLY A 18 -3.33 -11.85 4.70
N ASN A 19 -3.35 -13.17 4.56
CA ASN A 19 -3.20 -14.04 5.71
C ASN A 19 -2.88 -15.47 5.24
N PRO A 20 -2.74 -16.38 6.23
CA PRO A 20 -2.43 -17.77 5.92
C PRO A 20 -3.67 -18.49 5.38
N PHE A 21 -4.64 -17.70 4.95
CA PHE A 21 -5.87 -18.24 4.40
C PHE A 21 -6.37 -17.42 3.22
N LEU A 22 -5.85 -17.75 2.05
CA LEU A 22 -6.23 -17.06 0.84
C LEU A 22 -7.50 -17.68 0.26
N THR A 23 -8.64 -17.20 0.75
CA THR A 23 -9.92 -17.71 0.29
C THR A 23 -11.03 -16.70 0.59
N GLN A 24 -10.78 -15.87 1.60
CA GLN A 24 -11.75 -14.87 2.00
C GLN A 24 -11.43 -13.54 1.33
N TRP A 25 -12.48 -12.78 1.05
CA TRP A 25 -12.32 -11.49 0.39
C TRP A 25 -13.42 -10.56 0.93
N GLN A 26 -12.99 -9.38 1.34
CA GLN A 26 -13.92 -8.39 1.88
C GLN A 26 -13.63 -7.01 1.29
N ARG A 27 -14.67 -6.39 0.76
CA ARG A 27 -14.55 -5.08 0.16
C ARG A 27 -14.64 -4.00 1.24
N ARG A 28 -13.60 -3.18 1.31
CA ARG A 28 -13.55 -2.10 2.29
C ARG A 28 -13.03 -0.81 1.63
N TYR A 29 -13.21 0.28 2.36
CA TYR A 29 -12.77 1.58 1.87
C TYR A 29 -11.33 1.86 2.27
N PHE A 30 -10.56 2.38 1.32
CA PHE A 30 -9.17 2.70 1.58
C PHE A 30 -8.90 4.18 1.34
N TYR A 31 -7.73 4.62 1.80
CA TYR A 31 -7.35 6.01 1.65
C TYR A 31 -5.83 6.14 1.47
N LEU A 32 -5.45 6.59 0.28
CA LEU A 32 -4.04 6.76 -0.04
C LEU A 32 -3.61 8.18 0.35
N PHE A 33 -2.81 8.25 1.40
CA PHE A 33 -2.32 9.54 1.88
C PHE A 33 -0.90 9.81 1.36
N PRO A 34 -0.50 11.11 1.43
CA PRO A 34 0.82 11.51 0.98
C PRO A 34 1.90 11.09 1.98
N ASN A 35 1.69 9.91 2.55
CA ASN A 35 2.64 9.37 3.52
C ASN A 35 2.00 8.19 4.25
N ARG A 36 0.78 8.40 4.69
CA ARG A 36 0.05 7.35 5.40
C ARG A 36 -0.92 6.65 4.45
N LEU A 37 -1.80 5.85 5.05
CA LEU A 37 -2.79 5.12 4.27
C LEU A 37 -3.56 4.19 5.19
N GLU A 38 -4.87 4.41 5.25
CA GLU A 38 -5.74 3.60 6.08
C GLU A 38 -6.96 3.13 5.29
N TRP A 39 -7.75 2.27 5.92
CA TRP A 39 -8.94 1.74 5.29
C TRP A 39 -9.95 1.41 6.39
N ARG A 40 -11.17 1.87 6.18
CA ARG A 40 -12.24 1.64 7.13
C ARG A 40 -13.55 1.32 6.42
N GLY A 41 -14.59 1.12 7.20
CA GLY A 41 -15.91 0.82 6.65
C GLY A 41 -16.61 -0.26 7.47
N GLU A 42 -17.28 -1.16 6.76
CA GLU A 42 -18.00 -2.24 7.41
C GLU A 42 -17.04 -3.38 7.75
N GLY A 43 -17.50 -4.28 8.62
CA GLY A 43 -16.69 -5.42 9.02
C GLY A 43 -15.64 -4.99 10.05
N GLU A 44 -14.86 -4.00 9.66
CA GLU A 44 -13.80 -3.49 10.53
C GLU A 44 -12.58 -4.42 10.48
N ALA A 45 -11.55 -4.03 11.21
CA ALA A 45 -10.33 -4.81 11.25
C ALA A 45 -9.53 -4.42 12.51
N PRO A 46 -8.64 -5.35 12.93
CA PRO A 46 -7.81 -5.11 14.10
C PRO A 46 -6.68 -4.14 13.78
N GLN A 47 -6.35 -4.06 12.50
CA GLN A 47 -5.29 -3.16 12.06
C GLN A 47 -5.51 -2.77 10.60
N SER A 48 -5.66 -1.48 10.38
CA SER A 48 -5.88 -0.96 9.04
C SER A 48 -5.29 0.44 8.91
N LEU A 49 -4.09 0.60 9.44
CA LEU A 49 -3.41 1.89 9.40
C LEU A 49 -1.93 1.66 9.10
N LEU A 50 -1.57 1.92 7.85
CA LEU A 50 -0.19 1.76 7.43
C LEU A 50 0.29 3.04 6.75
N THR A 51 1.59 3.10 6.52
CA THR A 51 2.18 4.27 5.88
C THR A 51 2.64 3.92 4.46
N MET A 52 3.73 4.56 4.05
CA MET A 52 4.27 4.33 2.72
C MET A 52 5.79 4.20 2.77
N GLU A 53 6.28 3.77 3.92
CA GLU A 53 7.72 3.61 4.12
C GLU A 53 8.02 2.18 4.58
N GLU A 54 7.59 1.22 3.77
CA GLU A 54 7.82 -0.18 4.09
C GLU A 54 7.73 -1.03 2.81
N ILE A 55 6.57 -0.95 2.16
CA ILE A 55 6.34 -1.70 0.95
C ILE A 55 7.66 -1.82 0.16
N GLN A 56 7.94 -3.02 -0.29
CA GLN A 56 9.16 -3.28 -1.04
C GLN A 56 8.91 -3.04 -2.54
N SER A 57 7.73 -3.41 -2.98
CA SER A 57 7.35 -3.25 -4.37
C SER A 57 5.88 -3.64 -4.58
N VAL A 58 5.19 -2.82 -5.36
CA VAL A 58 3.78 -3.06 -5.64
C VAL A 58 3.64 -3.58 -7.07
N GLU A 59 2.72 -4.53 -7.24
CA GLU A 59 2.47 -5.11 -8.54
C GLU A 59 1.08 -5.75 -8.58
N GLU A 60 0.87 -6.57 -9.61
CA GLU A 60 -0.40 -7.25 -9.77
C GLU A 60 -0.20 -8.63 -10.39
N THR A 61 -1.01 -9.57 -9.96
CA THR A 61 -0.92 -10.92 -10.48
C THR A 61 -2.11 -11.21 -11.41
N GLN A 62 -1.96 -12.29 -12.17
CA GLN A 62 -2.99 -12.70 -13.11
C GLN A 62 -3.34 -14.17 -12.93
N ILE A 63 -4.50 -14.55 -13.44
CA ILE A 63 -4.96 -15.92 -13.34
C ILE A 63 -5.76 -16.28 -14.59
N LYS A 64 -5.03 -16.65 -15.64
CA LYS A 64 -5.66 -17.02 -16.89
C LYS A 64 -5.99 -15.76 -17.68
N GLU A 65 -6.31 -14.71 -16.94
CA GLU A 65 -6.65 -13.43 -17.56
C GLU A 65 -6.40 -12.28 -16.58
N ARG A 66 -6.90 -12.47 -15.37
CA ARG A 66 -6.74 -11.45 -14.34
C ARG A 66 -6.90 -12.09 -12.94
N LYS A 67 -6.01 -11.66 -12.04
CA LYS A 67 -6.04 -12.18 -10.68
C LYS A 67 -6.38 -11.04 -9.72
N CYS A 68 -5.33 -10.47 -9.15
CA CYS A 68 -5.49 -9.36 -8.21
C CYS A 68 -4.18 -8.59 -8.15
N LEU A 69 -4.15 -7.61 -7.25
CA LEU A 69 -2.97 -6.78 -7.09
C LEU A 69 -2.12 -7.33 -5.94
N LEU A 70 -0.83 -7.07 -6.03
CA LEU A 70 0.11 -7.53 -5.01
C LEU A 70 0.64 -6.33 -4.23
N LEU A 71 1.11 -6.60 -3.02
CA LEU A 71 1.66 -5.56 -2.18
C LEU A 71 2.64 -6.18 -1.19
N LYS A 72 3.89 -6.30 -1.63
CA LYS A 72 4.93 -6.87 -0.80
C LYS A 72 5.59 -5.76 0.03
N ILE A 73 5.77 -6.06 1.31
CA ILE A 73 6.39 -5.10 2.22
C ILE A 73 7.83 -5.50 2.49
N ARG A 74 8.69 -4.51 2.58
CA ARG A 74 10.10 -4.75 2.84
C ARG A 74 10.32 -5.03 4.33
N GLY A 75 9.23 -5.08 5.06
CA GLY A 75 9.28 -5.34 6.49
C GLY A 75 9.25 -6.84 6.78
N GLY A 76 8.67 -7.57 5.84
CA GLY A 76 8.57 -9.02 5.98
C GLY A 76 7.10 -9.47 5.94
N LYS A 77 6.35 -8.84 5.06
CA LYS A 77 4.93 -9.16 4.91
C LYS A 77 4.53 -9.00 3.44
N GLN A 78 3.30 -9.42 3.16
CA GLN A 78 2.78 -9.33 1.80
C GLN A 78 1.28 -9.01 1.83
N PHE A 79 0.83 -8.37 0.76
CA PHE A 79 -0.58 -8.00 0.66
C PHE A 79 -1.11 -8.30 -0.75
N ILE A 80 -2.43 -8.39 -0.84
CA ILE A 80 -3.07 -8.67 -2.11
C ILE A 80 -4.40 -7.92 -2.17
N LEU A 81 -4.42 -6.89 -3.01
CA LEU A 81 -5.62 -6.09 -3.18
C LEU A 81 -6.54 -6.76 -4.19
N GLN A 82 -7.84 -6.50 -4.02
CA GLN A 82 -8.83 -7.07 -4.91
C GLN A 82 -10.02 -6.12 -5.05
N CYS A 83 -10.05 -5.40 -6.15
CA CYS A 83 -11.12 -4.46 -6.41
C CYS A 83 -11.88 -4.93 -7.65
N ASP A 84 -13.10 -4.44 -7.77
CA ASP A 84 -13.94 -4.81 -8.90
C ASP A 84 -13.59 -3.92 -10.10
N SER A 85 -12.89 -2.84 -9.81
CA SER A 85 -12.49 -1.91 -10.86
C SER A 85 -11.09 -2.27 -11.35
N ASP A 86 -10.84 -1.95 -12.62
CA ASP A 86 -9.56 -2.23 -13.24
C ASP A 86 -8.62 -1.03 -13.03
N PRO A 87 -9.21 0.18 -13.21
CA PRO A 87 -8.44 1.41 -13.05
C PRO A 87 -8.20 1.71 -11.57
N GLU A 88 -9.28 1.76 -10.82
CA GLU A 88 -9.19 2.04 -9.39
C GLU A 88 -7.82 1.63 -8.85
N LEU A 89 -7.67 0.34 -8.62
CA LEU A 89 -6.42 -0.19 -8.11
C LEU A 89 -5.26 0.34 -8.97
N VAL A 90 -5.44 0.23 -10.27
CA VAL A 90 -4.42 0.69 -11.20
C VAL A 90 -3.91 2.06 -10.76
N GLN A 91 -4.84 3.00 -10.67
CA GLN A 91 -4.50 4.35 -10.25
C GLN A 91 -3.95 4.35 -8.83
N TRP A 92 -4.56 3.52 -7.99
CA TRP A 92 -4.13 3.41 -6.60
C TRP A 92 -2.64 3.09 -6.59
N LYS A 93 -2.27 2.12 -7.41
CA LYS A 93 -0.87 1.70 -7.50
C LYS A 93 0.00 2.92 -7.82
N LYS A 94 -0.34 3.58 -8.91
CA LYS A 94 0.40 4.75 -9.34
C LYS A 94 0.73 5.62 -8.11
N GLU A 95 -0.30 5.90 -7.34
CA GLU A 95 -0.14 6.71 -6.15
C GLU A 95 0.60 5.92 -5.06
N LEU A 96 0.38 4.61 -5.09
CA LEU A 96 1.02 3.73 -4.12
C LEU A 96 2.51 3.64 -4.42
N ARG A 97 2.81 3.13 -5.62
CA ARG A 97 4.18 2.98 -6.04
C ARG A 97 5.02 4.18 -5.59
N ASP A 98 4.53 5.36 -5.98
CA ASP A 98 5.22 6.59 -5.62
C ASP A 98 5.26 6.72 -4.10
N ALA A 99 4.09 6.60 -3.50
CA ALA A 99 3.97 6.69 -2.05
C ALA A 99 5.11 5.93 -1.39
N TYR A 100 5.26 4.68 -1.83
CA TYR A 100 6.30 3.82 -1.29
C TYR A 100 7.69 4.26 -1.77
N ARG A 101 7.75 4.63 -3.04
CA ARG A 101 8.99 5.08 -3.63
C ARG A 101 9.50 6.32 -2.92
N GLU A 102 8.71 7.39 -3.01
CA GLU A 102 9.06 8.65 -2.37
C GLU A 102 9.68 8.39 -0.99
N ALA A 103 8.94 7.64 -0.19
CA ALA A 103 9.40 7.31 1.15
C ALA A 103 10.85 6.83 1.09
N GLN A 104 11.11 5.99 0.09
CA GLN A 104 12.45 5.45 -0.08
C GLN A 104 13.44 6.57 -0.38
N GLN A 105 13.28 7.17 -1.56
CA GLN A 105 14.15 8.25 -1.98
C GLN A 105 14.24 9.31 -0.88
N LEU A 106 13.22 9.32 -0.03
CA LEU A 106 13.17 10.29 1.06
C LEU A 106 13.94 9.72 2.27
N VAL A 107 13.94 8.40 2.36
CA VAL A 107 14.62 7.72 3.44
C VAL A 107 15.91 7.09 2.92
N GLN A 108 16.31 7.53 1.73
CA GLN A 108 17.52 7.01 1.11
C GLN A 108 18.75 7.76 1.63
N ARG A 109 18.80 7.90 2.95
CA ARG A 109 19.90 8.61 3.59
C ARG A 109 21.04 7.62 3.86
N VAL A 110 20.98 6.47 3.21
CA VAL A 110 21.99 5.45 3.38
C VAL A 110 23.03 5.59 2.26
N PRO A 111 24.29 5.90 2.69
CA PRO A 111 25.38 6.06 1.73
C PRO A 111 25.85 4.70 1.21
N LYS A 112 26.12 4.68 -0.09
CA LYS A 112 26.58 3.45 -0.74
C LYS A 112 28.00 3.14 -0.27
N MET A 113 28.92 4.03 -0.63
CA MET A 113 30.32 3.86 -0.26
C MET A 113 30.50 3.98 1.25
N LYS A 114 31.64 3.50 1.72
CA LYS A 114 31.96 3.55 3.14
C LYS A 114 32.25 5.00 3.54
N ASN A 115 31.17 5.76 3.68
CA ASN A 115 31.30 7.17 4.07
C ASN A 115 31.03 7.31 5.56
N LYS A 116 31.80 6.56 6.34
CA LYS A 116 31.65 6.59 7.78
C LYS A 116 32.41 7.81 8.34
N PRO A 117 33.74 7.83 8.07
CA PRO A 117 34.58 8.92 8.54
C PRO A 117 34.36 10.17 7.70
N ARG A 118 34.02 9.95 6.45
CA ARG A 118 33.77 11.05 5.53
C ARG A 118 35.10 11.72 5.13
N SER A 119 35.82 12.17 6.14
CA SER A 119 37.10 12.83 5.91
C SER A 119 38.21 11.78 5.84
#